data_8VHN
#
_entry.id   8VHN
#
_cell.length_a   118.991
_cell.length_b   118.991
_cell.length_c   290.879
_cell.angle_alpha   90.000
_cell.angle_beta   90.000
_cell.angle_gamma   90.000
#
_symmetry.space_group_name_H-M   'P 43 21 2'
#
loop_
_entity.id
_entity.type
_entity.pdbx_description
1 polymer 'Ribonucleoside-diphosphate reductase 1 subunit alpha'
2 non-polymer "ADENOSINE-5'-TRIPHOSPHATE"
3 non-polymer 'MAGNESIUM ION'
4 non-polymer GLYCEROL
5 non-polymer '2-(N-MORPHOLINO)-ETHANESULFONIC ACID'
6 water water
#
_entity_poly.entity_id   1
_entity_poly.type   'polypeptide(L)'
_entity_poly.pdbx_seq_one_letter_code
;MNQNLLVTKRDGSTERINLDKIHRVLDWAAEGLHNVSISQVELRSHIQFYDGIKTSDIHETIIKAAADLISRDAPDYQYL
AARLAIFHLRKKAYGQFEPPALYDHVVKMVEMGKYDNHLLEDYTEEEFKQMDTFIDHDRDMTFSYAAVKQLEGKYLVQNR
VTGEIYESAQFLYILVAACLFSNYPRETRLQYVKRFYDAVSTFKISLPTPIMSGVRTPTRQFSSCVLIECGDSLDSINAT
SSAIVKYVSQRAGIGINAGRIRALGSPIRGGEAFHTGCIPFYKHFQTAVKSCSQGGVRGGAATLFYPMWHLEVESLLVLK
NNRGVEGNRVRHMDYGVQINKLMYTRLLKGEDITLFSPSDVPGLYDAFFADQEEFERLYTKYEKDDSIRKQRVKAVELFS
LMMQERASTGRIYIQNVDHCNTHSPFDPAIAPVRQSNLCLEIALPTKPLNDVNDENGEIALCTLSAFNLGAINNLDELEE
LAILAVRALDALLDYQDYPIPAAKRGAMGRRTLGIGVINFAYYLAKHGKRYSDGSANNLTHKTFEAIQYYLLKASNELAK
EQGACPWFNETTYAKGILPIDTYKKDLDTIANEPLHYDWEALRESIKTHGLRNSTLSALMPSETSSQISNATNGIEPPRG
YVSIKASKDGILRQVVPDYEHLHDAYELLWEMPGNDGYLQLVGIMQKFIDQSISANTNYDPSRFPSGKVPMQQLLKDLLT
AYKFGVKTLYYQNTRDGAEDAQDDLVPSIQDDGCESGACKI
;
_entity_poly.pdbx_strand_id   A,B
#
loop_
_chem_comp.id
_chem_comp.type
_chem_comp.name
_chem_comp.formula
ATP non-polymer ADENOSINE-5'-TRIPHOSPHATE 'C10 H16 N5 O13 P3'
GOL non-polymer GLYCEROL 'C3 H8 O3'
MES non-polymer '2-(N-MORPHOLINO)-ETHANESULFONIC ACID' 'C6 H13 N O4 S'
MG non-polymer 'MAGNESIUM ION' 'Mg 2'
#
# COMPACT_ATOMS: atom_id res chain seq x y z
N ASN A 4 26.58 59.93 5.53
CA ASN A 4 25.50 60.67 4.90
C ASN A 4 24.36 59.76 4.49
N LEU A 5 24.62 58.45 4.49
CA LEU A 5 23.60 57.47 4.18
C LEU A 5 22.54 57.44 5.26
N LEU A 6 21.35 56.96 4.93
CA LEU A 6 20.27 56.85 5.90
C LEU A 6 19.87 55.41 6.08
N VAL A 7 19.57 55.04 7.33
CA VAL A 7 19.09 53.70 7.62
C VAL A 7 17.61 53.77 7.97
N THR A 8 16.90 52.69 7.70
CA THR A 8 15.49 52.60 8.04
C THR A 8 15.29 51.79 9.31
N LYS A 9 14.69 52.41 10.32
CA LYS A 9 14.41 51.72 11.58
C LYS A 9 13.21 50.78 11.39
N ARG A 10 12.92 49.98 12.41
CA ARG A 10 11.83 49.01 12.32
C ARG A 10 10.46 49.65 12.14
N ASP A 11 10.24 50.81 12.76
CA ASP A 11 8.97 51.54 12.64
C ASP A 11 8.78 52.23 11.29
N GLY A 12 9.85 52.31 10.51
CA GLY A 12 9.81 52.98 9.22
C GLY A 12 10.42 54.36 9.27
N SER A 13 10.84 54.79 10.46
CA SER A 13 11.57 56.04 10.59
C SER A 13 12.94 55.89 9.93
N THR A 14 13.59 57.02 9.67
CA THR A 14 14.92 56.99 9.07
C THR A 14 15.88 57.75 9.96
N GLU A 15 17.12 57.31 9.98
CA GLU A 15 18.11 57.89 10.87
C GLU A 15 19.45 57.98 10.15
N ARG A 16 20.28 58.92 10.57
CA ARG A 16 21.61 59.03 9.98
C ARG A 16 22.33 57.75 10.31
N ILE A 17 23.07 57.19 9.36
CA ILE A 17 23.76 55.94 9.60
C ILE A 17 24.76 56.15 10.74
N ASN A 18 24.76 55.20 11.68
CA ASN A 18 25.65 55.32 12.83
C ASN A 18 26.43 54.04 13.03
N LEU A 19 27.65 54.02 12.52
CA LEU A 19 28.49 52.84 12.57
C LEU A 19 28.88 52.51 14.02
N ASP A 20 28.80 53.49 14.90
CA ASP A 20 29.09 53.26 16.31
C ASP A 20 28.04 52.37 16.96
N LYS A 21 26.78 52.50 16.52
CA LYS A 21 25.72 51.65 17.03
C LYS A 21 25.99 50.19 16.68
N ILE A 22 26.41 49.95 15.45
CA ILE A 22 26.74 48.61 15.01
C ILE A 22 27.96 48.11 15.77
N HIS A 23 28.90 49.01 16.00
CA HIS A 23 30.11 48.68 16.72
C HIS A 23 29.80 48.23 18.13
N ARG A 24 28.85 48.91 18.76
CA ARG A 24 28.46 48.61 20.13
C ARG A 24 27.86 47.21 20.23
N VAL A 25 27.04 46.85 19.26
CA VAL A 25 26.44 45.52 19.18
C VAL A 25 27.51 44.46 18.97
N LEU A 26 28.48 44.76 18.12
CA LEU A 26 29.58 43.83 17.85
C LEU A 26 30.42 43.62 19.10
N ASP A 27 30.59 44.68 19.88
CA ASP A 27 31.34 44.61 21.13
C ASP A 27 30.68 43.66 22.13
N TRP A 28 29.35 43.72 22.19
CA TRP A 28 28.58 42.85 23.08
C TRP A 28 28.80 41.38 22.74
N ALA A 29 28.69 41.07 21.47
CA ALA A 29 28.86 39.69 21.03
C ALA A 29 30.29 39.22 21.16
N ALA A 30 31.25 40.13 21.07
CA ALA A 30 32.66 39.76 21.06
C ALA A 30 33.25 39.54 22.45
N GLU A 31 32.45 39.82 23.48
CA GLU A 31 32.93 39.74 24.86
C GLU A 31 33.44 38.36 25.20
N GLY A 32 34.69 38.31 25.66
CA GLY A 32 35.33 37.10 26.10
C GLY A 32 35.91 36.25 24.99
N LEU A 33 35.73 36.67 23.75
CA LEU A 33 36.15 35.89 22.60
C LEU A 33 37.57 36.24 22.22
N HIS A 34 38.26 35.32 21.55
CA HIS A 34 39.64 35.54 21.15
C HIS A 34 39.86 35.36 19.66
N ASN A 35 40.77 36.15 19.12
CA ASN A 35 41.20 36.04 17.73
C ASN A 35 40.09 36.41 16.76
N VAL A 36 39.15 37.23 17.23
CA VAL A 36 38.10 37.77 16.39
C VAL A 36 38.31 39.27 16.20
N SER A 37 38.10 39.72 14.96
CA SER A 37 38.27 41.13 14.66
C SER A 37 36.96 41.84 14.39
N ILE A 38 36.63 42.81 15.23
CA ILE A 38 35.44 43.62 15.02
C ILE A 38 35.55 44.38 13.72
N SER A 39 36.71 44.97 13.47
CA SER A 39 36.93 45.76 12.27
C SER A 39 36.86 44.91 11.01
N GLN A 40 37.29 43.65 11.09
CA GLN A 40 37.17 42.76 9.95
C GLN A 40 35.71 42.55 9.57
N VAL A 41 34.88 42.34 10.60
CA VAL A 41 33.46 42.16 10.40
C VAL A 41 32.85 43.45 9.84
N GLU A 42 33.30 44.58 10.38
CA GLU A 42 32.85 45.88 9.93
C GLU A 42 33.25 46.12 8.47
N LEU A 43 34.46 45.68 8.13
CA LEU A 43 34.97 45.85 6.77
C LEU A 43 34.09 45.12 5.77
N ARG A 44 33.78 43.87 6.09
CA ARG A 44 32.94 43.05 5.23
C ARG A 44 31.49 43.49 5.21
N SER A 45 30.99 44.00 6.32
CA SER A 45 29.60 44.40 6.41
C SER A 45 29.27 45.75 5.77
N HIS A 46 30.08 46.76 6.07
CA HIS A 46 29.76 48.12 5.67
C HIS A 46 29.62 48.28 4.17
N ILE A 47 30.45 47.54 3.43
CA ILE A 47 30.49 47.65 1.98
C ILE A 47 29.15 47.25 1.36
N GLN A 48 28.34 46.50 2.10
CA GLN A 48 27.05 46.05 1.60
C GLN A 48 25.90 46.99 1.90
N PHE A 49 26.19 48.11 2.56
CA PHE A 49 25.15 49.05 2.94
C PHE A 49 24.76 50.04 1.84
N TYR A 50 23.47 50.33 1.77
CA TYR A 50 22.92 51.26 0.80
C TYR A 50 21.96 52.21 1.49
N ASP A 51 21.69 53.35 0.86
CA ASP A 51 20.79 54.34 1.44
C ASP A 51 19.40 53.77 1.61
N GLY A 52 18.90 53.79 2.85
CA GLY A 52 17.58 53.29 3.16
C GLY A 52 17.50 51.82 3.55
N ILE A 53 18.64 51.22 3.87
CA ILE A 53 18.68 49.82 4.25
C ILE A 53 17.95 49.56 5.57
N LYS A 54 17.19 48.46 5.63
CA LYS A 54 16.51 48.07 6.86
C LYS A 54 17.51 47.73 7.96
N THR A 55 17.18 48.10 9.20
CA THR A 55 18.03 47.75 10.33
C THR A 55 18.07 46.24 10.51
N SER A 56 16.97 45.58 10.19
CA SER A 56 16.92 44.13 10.23
C SER A 56 17.91 43.53 9.23
N ASP A 57 18.00 44.13 8.05
CA ASP A 57 18.93 43.64 7.04
C ASP A 57 20.38 43.92 7.43
N ILE A 58 20.59 45.03 8.12
CA ILE A 58 21.91 45.35 8.66
C ILE A 58 22.32 44.26 9.62
N HIS A 59 21.38 43.83 10.44
CA HIS A 59 21.66 42.81 11.43
C HIS A 59 21.99 41.47 10.77
N GLU A 60 21.22 41.09 9.76
CA GLU A 60 21.48 39.85 9.06
C GLU A 60 22.83 39.90 8.34
N THR A 61 23.23 41.09 7.92
CA THR A 61 24.51 41.25 7.26
C THR A 61 25.70 40.93 8.18
N ILE A 62 25.67 41.46 9.39
CA ILE A 62 26.78 41.27 10.31
C ILE A 62 26.78 39.86 10.89
N ILE A 63 25.63 39.21 10.95
CA ILE A 63 25.59 37.81 11.34
C ILE A 63 26.32 36.97 10.30
N LYS A 64 25.99 37.18 9.03
CA LYS A 64 26.58 36.41 7.94
C LYS A 64 28.07 36.70 7.81
N ALA A 65 28.46 37.94 8.05
CA ALA A 65 29.87 38.32 7.98
C ALA A 65 30.69 37.56 9.02
N ALA A 66 30.19 37.50 10.23
CA ALA A 66 30.88 36.78 11.28
C ALA A 66 30.84 35.29 11.02
N ALA A 67 29.72 34.81 10.52
CA ALA A 67 29.57 33.38 10.21
C ALA A 67 30.54 32.95 9.12
N ASP A 68 30.79 33.84 8.17
CA ASP A 68 31.71 33.56 7.08
C ASP A 68 33.14 33.43 7.57
N LEU A 69 33.45 34.06 8.69
CA LEU A 69 34.81 34.09 9.21
C LEU A 69 35.13 32.92 10.14
N ILE A 70 34.17 32.02 10.33
CA ILE A 70 34.41 30.86 11.14
C ILE A 70 35.46 29.98 10.49
N SER A 71 36.54 29.71 11.21
CA SER A 71 37.64 28.94 10.65
C SER A 71 38.42 28.22 11.73
N ARG A 72 39.42 27.45 11.33
CA ARG A 72 40.33 26.81 12.26
C ARG A 72 41.20 27.83 12.99
N ASP A 73 41.62 28.87 12.28
CA ASP A 73 42.47 29.89 12.89
C ASP A 73 41.71 30.72 13.89
N ALA A 74 40.42 30.95 13.63
CA ALA A 74 39.61 31.75 14.54
C ALA A 74 38.26 31.12 14.79
N PRO A 75 38.25 30.04 15.57
CA PRO A 75 37.01 29.29 15.82
C PRO A 75 35.98 30.08 16.62
N ASP A 76 36.42 31.08 17.38
CA ASP A 76 35.52 31.85 18.25
C ASP A 76 34.51 32.69 17.47
N TYR A 77 34.67 32.79 16.16
CA TYR A 77 33.70 33.46 15.32
C TYR A 77 32.38 32.71 15.35
N GLN A 78 32.43 31.45 15.72
CA GLN A 78 31.23 30.64 15.83
C GLN A 78 30.37 31.15 16.98
N TYR A 79 30.98 31.84 17.93
CA TYR A 79 30.23 32.42 19.05
C TYR A 79 29.83 33.85 18.77
N LEU A 80 30.66 34.55 18.01
CA LEU A 80 30.32 35.91 17.61
C LEU A 80 29.07 35.89 16.75
N ALA A 81 29.09 35.05 15.72
CA ALA A 81 27.95 34.90 14.83
C ALA A 81 26.71 34.44 15.58
N ALA A 82 26.89 33.46 16.45
CA ALA A 82 25.77 32.90 17.21
C ALA A 82 25.11 33.95 18.07
N ARG A 83 25.90 34.72 18.80
CA ARG A 83 25.39 35.73 19.70
C ARG A 83 24.66 36.83 18.96
N LEU A 84 25.20 37.26 17.82
CA LEU A 84 24.52 38.26 17.01
C LEU A 84 23.16 37.74 16.58
N ALA A 85 23.10 36.46 16.22
CA ALA A 85 21.85 35.82 15.84
C ALA A 85 20.88 35.73 17.03
N ILE A 86 21.41 35.46 18.22
CA ILE A 86 20.60 35.46 19.45
C ILE A 86 20.03 36.84 19.70
N PHE A 87 20.86 37.87 19.55
CA PHE A 87 20.42 39.26 19.71
C PHE A 87 19.21 39.54 18.81
N HIS A 88 19.31 39.11 17.57
CA HIS A 88 18.25 39.32 16.59
C HIS A 88 16.99 38.53 16.96
N LEU A 89 17.17 37.31 17.44
CA LEU A 89 16.03 36.48 17.81
C LEU A 89 15.28 37.03 19.02
N ARG A 90 16.01 37.65 19.94
CA ARG A 90 15.39 38.33 21.07
C ARG A 90 14.47 39.43 20.58
N LYS A 91 14.99 40.23 19.65
CA LYS A 91 14.25 41.34 19.08
C LYS A 91 12.98 40.85 18.38
N LYS A 92 13.10 39.74 17.67
CA LYS A 92 11.98 39.15 16.93
C LYS A 92 10.88 38.64 17.85
N ALA A 93 11.27 38.21 19.05
CA ALA A 93 10.32 37.56 19.95
C ALA A 93 9.76 38.49 21.02
N TYR A 94 10.58 39.43 21.48
CA TYR A 94 10.18 40.27 22.61
C TYR A 94 10.20 41.76 22.32
N GLY A 95 10.70 42.13 21.14
CA GLY A 95 10.78 43.52 20.76
C GLY A 95 11.92 44.24 21.45
N GLN A 96 12.69 43.49 22.23
CA GLN A 96 13.81 44.04 22.96
C GLN A 96 14.73 42.91 23.35
N PHE A 97 15.89 43.23 23.90
CA PHE A 97 16.87 42.21 24.24
C PHE A 97 16.46 41.38 25.42
N GLU A 98 16.00 42.03 26.48
CA GLU A 98 15.66 41.33 27.71
C GLU A 98 14.31 40.64 27.62
N PRO A 99 14.27 39.33 27.87
CA PRO A 99 13.04 38.57 27.85
C PRO A 99 12.08 39.02 28.93
N PRO A 100 10.77 38.86 28.71
CA PRO A 100 9.78 39.19 29.72
C PRO A 100 9.84 38.23 30.89
N ALA A 101 9.11 38.54 31.94
CA ALA A 101 8.96 37.62 33.06
C ALA A 101 8.28 36.35 32.56
N LEU A 102 8.68 35.20 33.10
CA LEU A 102 8.22 33.90 32.62
C LEU A 102 6.70 33.73 32.60
N TYR A 103 6.07 34.10 33.70
CA TYR A 103 4.63 33.95 33.83
C TYR A 103 3.89 34.77 32.79
N ASP A 104 4.36 35.98 32.54
CA ASP A 104 3.72 36.83 31.56
C ASP A 104 3.85 36.25 30.17
N HIS A 105 5.01 35.67 29.89
CA HIS A 105 5.26 35.04 28.61
C HIS A 105 4.35 33.83 28.42
N VAL A 106 4.27 32.97 29.43
CA VAL A 106 3.42 31.79 29.35
C VAL A 106 1.96 32.15 29.13
N VAL A 107 1.48 33.15 29.88
CA VAL A 107 0.10 33.61 29.74
C VAL A 107 -0.15 34.09 28.32
N LYS A 108 0.78 34.87 27.78
CA LYS A 108 0.65 35.39 26.42
C LYS A 108 0.58 34.26 25.39
N MET A 109 1.47 33.28 25.57
CA MET A 109 1.61 32.19 24.62
C MET A 109 0.47 31.19 24.68
N VAL A 110 -0.09 30.99 25.87
CA VAL A 110 -1.25 30.12 26.01
C VAL A 110 -2.44 30.76 25.31
N GLU A 111 -2.56 32.08 25.48
CA GLU A 111 -3.62 32.86 24.86
C GLU A 111 -3.55 32.81 23.34
N MET A 112 -2.33 32.78 22.81
CA MET A 112 -2.12 32.69 21.38
C MET A 112 -2.31 31.28 20.86
N GLY A 113 -2.36 30.33 21.79
CA GLY A 113 -2.58 28.93 21.43
C GLY A 113 -1.30 28.19 21.10
N LYS A 114 -0.15 28.82 21.38
CA LYS A 114 1.14 28.22 21.08
C LYS A 114 1.63 27.30 22.21
N TYR A 115 1.25 27.61 23.44
CA TYR A 115 1.55 26.75 24.60
C TYR A 115 0.31 26.03 25.08
N ASP A 116 0.52 24.88 25.71
CA ASP A 116 -0.59 24.10 26.25
C ASP A 116 -1.09 24.72 27.55
N ASN A 117 -2.40 24.82 27.69
CA ASN A 117 -3.01 25.47 28.85
C ASN A 117 -2.71 24.79 30.18
N HIS A 118 -2.33 23.51 30.13
CA HIS A 118 -2.13 22.75 31.36
C HIS A 118 -0.96 23.27 32.16
N LEU A 119 -0.13 24.11 31.52
CA LEU A 119 0.94 24.79 32.23
C LEU A 119 0.38 25.76 33.26
N LEU A 120 -0.71 26.42 32.90
CA LEU A 120 -1.35 27.39 33.78
C LEU A 120 -2.25 26.71 34.83
N GLU A 121 -2.60 25.47 34.57
CA GLU A 121 -3.41 24.69 35.50
C GLU A 121 -2.54 23.99 36.55
N ASP A 122 -1.33 23.64 36.16
CA ASP A 122 -0.46 22.86 37.02
C ASP A 122 0.48 23.72 37.85
N TYR A 123 0.66 24.97 37.46
CA TYR A 123 1.53 25.86 38.20
C TYR A 123 0.85 27.18 38.55
N THR A 124 0.99 27.60 39.80
CA THR A 124 0.46 28.89 40.22
C THR A 124 1.37 30.00 39.72
N GLU A 125 0.86 31.22 39.71
CA GLU A 125 1.65 32.37 39.29
C GLU A 125 2.93 32.47 40.12
N GLU A 126 2.82 32.15 41.40
CA GLU A 126 3.96 32.22 42.30
C GLU A 126 5.01 31.20 41.94
N GLU A 127 4.57 30.01 41.53
CA GLU A 127 5.50 28.96 41.12
C GLU A 127 6.26 29.36 39.86
N PHE A 128 5.59 30.09 38.98
CA PHE A 128 6.25 30.60 37.79
C PHE A 128 7.29 31.67 38.13
N LYS A 129 6.99 32.47 39.15
CA LYS A 129 7.97 33.45 39.61
C LYS A 129 9.22 32.76 40.12
N GLN A 130 9.04 31.67 40.85
CA GLN A 130 10.16 30.90 41.36
C GLN A 130 10.98 30.30 40.21
N MET A 131 10.29 29.76 39.21
CA MET A 131 10.95 29.14 38.08
C MET A 131 11.75 30.17 37.28
N ASP A 132 11.27 31.40 37.25
CA ASP A 132 11.96 32.48 36.55
C ASP A 132 13.33 32.72 37.17
N THR A 133 13.45 32.46 38.47
CA THR A 133 14.72 32.67 39.14
C THR A 133 15.73 31.59 38.81
N PHE A 134 15.27 30.43 38.33
CA PHE A 134 16.17 29.36 37.88
C PHE A 134 16.87 29.76 36.60
N ILE A 135 16.14 30.43 35.73
CA ILE A 135 16.59 30.75 34.39
C ILE A 135 17.81 31.68 34.38
N ASP A 136 18.78 31.33 33.54
CA ASP A 136 19.89 32.22 33.22
C ASP A 136 19.88 32.46 31.71
N HIS A 137 19.27 33.56 31.29
CA HIS A 137 19.16 33.86 29.87
C HIS A 137 20.52 34.07 29.23
N ASP A 138 21.55 34.32 30.03
CA ASP A 138 22.88 34.52 29.48
C ASP A 138 23.45 33.21 28.94
N ARG A 139 22.82 32.09 29.26
CA ARG A 139 23.25 30.81 28.72
C ARG A 139 23.00 30.76 27.20
N ASP A 140 22.18 31.67 26.71
CA ASP A 140 21.97 31.81 25.27
C ASP A 140 23.26 32.24 24.56
N MET A 141 24.19 32.80 25.31
CA MET A 141 25.45 33.26 24.74
C MET A 141 26.50 32.15 24.67
N THR A 142 26.10 30.92 24.99
CA THR A 142 27.03 29.80 24.99
C THR A 142 26.80 28.87 23.81
N PHE A 143 25.76 29.13 23.02
CA PHE A 143 25.51 28.37 21.81
C PHE A 143 26.50 28.74 20.71
N SER A 144 26.87 27.77 19.88
CA SER A 144 27.64 28.07 18.69
C SER A 144 26.67 28.40 17.56
N TYR A 145 27.19 28.87 16.44
CA TYR A 145 26.34 29.36 15.36
C TYR A 145 25.44 28.28 14.76
N ALA A 146 25.99 27.08 14.58
CA ALA A 146 25.21 25.96 14.04
C ALA A 146 24.08 25.59 14.99
N ALA A 147 24.34 25.68 16.30
CA ALA A 147 23.32 25.42 17.31
C ALA A 147 22.16 26.38 17.19
N VAL A 148 22.47 27.67 17.06
CA VAL A 148 21.43 28.68 16.98
C VAL A 148 20.56 28.51 15.74
N LYS A 149 21.18 28.11 14.62
CA LYS A 149 20.41 27.87 13.40
C LYS A 149 19.46 26.70 13.55
N GLN A 150 19.88 25.66 14.24
CA GLN A 150 19.00 24.53 14.47
C GLN A 150 17.88 24.94 15.42
N LEU A 151 18.21 25.76 16.41
CA LEU A 151 17.20 26.32 17.29
C LEU A 151 16.15 27.10 16.50
N GLU A 152 16.62 28.04 15.71
CA GLU A 152 15.74 28.89 14.94
C GLU A 152 14.93 28.07 13.94
N GLY A 153 15.57 27.04 13.39
CA GLY A 153 14.94 26.25 12.35
C GLY A 153 14.00 25.17 12.82
N LYS A 154 14.35 24.46 13.88
CA LYS A 154 13.62 23.26 14.25
C LYS A 154 12.95 23.31 15.61
N TYR A 155 13.49 24.10 16.54
CA TYR A 155 13.11 23.96 17.95
C TYR A 155 12.25 25.10 18.51
N LEU A 156 12.64 26.35 18.32
CA LEU A 156 11.90 27.47 18.89
C LEU A 156 10.47 27.53 18.35
N VAL A 157 9.50 27.73 19.25
CA VAL A 157 8.11 27.87 18.86
C VAL A 157 7.94 29.08 17.97
N GLN A 158 7.39 28.85 16.78
CA GLN A 158 7.31 29.91 15.80
C GLN A 158 6.09 29.74 14.92
N ASN A 159 5.78 30.82 14.21
CA ASN A 159 4.75 30.79 13.19
C ASN A 159 5.33 30.26 11.88
N ARG A 160 4.86 29.09 11.46
CA ARG A 160 5.42 28.47 10.27
C ARG A 160 5.03 29.21 8.99
N VAL A 161 4.00 30.05 9.08
CA VAL A 161 3.55 30.83 7.93
C VAL A 161 4.31 32.14 7.79
N THR A 162 4.30 32.95 8.85
CA THR A 162 4.90 34.27 8.78
C THR A 162 6.37 34.24 9.15
N GLY A 163 6.79 33.19 9.85
CA GLY A 163 8.18 33.04 10.24
C GLY A 163 8.51 33.67 11.58
N GLU A 164 7.53 34.31 12.21
CA GLU A 164 7.73 34.94 13.50
C GLU A 164 8.21 33.97 14.57
N ILE A 165 9.25 34.37 15.29
CA ILE A 165 9.76 33.60 16.41
C ILE A 165 9.07 34.06 17.68
N TYR A 166 8.61 33.11 18.48
CA TYR A 166 7.79 33.44 19.64
C TYR A 166 8.51 33.24 20.99
N GLU A 167 9.63 32.55 20.99
CA GLU A 167 10.33 32.28 22.24
C GLU A 167 11.84 32.29 22.09
N SER A 168 12.52 32.10 23.21
CA SER A 168 13.97 31.99 23.22
C SER A 168 14.36 30.67 23.88
N ALA A 169 15.64 30.34 23.83
CA ALA A 169 16.11 29.02 24.20
C ALA A 169 15.83 28.63 25.65
N GLN A 170 16.02 29.55 26.58
CA GLN A 170 15.87 29.21 28.00
C GLN A 170 14.42 28.99 28.39
N PHE A 171 13.50 29.65 27.70
CA PHE A 171 12.08 29.42 27.91
C PHE A 171 11.72 28.02 27.43
N LEU A 172 12.31 27.61 26.32
CA LEU A 172 12.14 26.26 25.82
C LEU A 172 12.60 25.27 26.89
N TYR A 173 13.82 25.45 27.36
CA TYR A 173 14.41 24.55 28.34
C TYR A 173 13.61 24.47 29.65
N ILE A 174 13.25 25.61 30.20
CA ILE A 174 12.58 25.65 31.49
C ILE A 174 11.19 25.02 31.42
N LEU A 175 10.52 25.16 30.28
CA LEU A 175 9.15 24.69 30.16
C LEU A 175 9.09 23.25 29.73
N VAL A 176 10.15 22.75 29.09
CA VAL A 176 10.26 21.32 28.84
C VAL A 176 10.39 20.64 30.19
N ALA A 177 11.21 21.23 31.06
CA ALA A 177 11.39 20.74 32.41
C ALA A 177 10.10 20.81 33.20
N ALA A 178 9.41 21.93 33.10
CA ALA A 178 8.16 22.13 33.82
C ALA A 178 7.08 21.13 33.39
N CYS A 179 7.00 20.83 32.10
CA CYS A 179 5.97 19.90 31.63
C CYS A 179 6.25 18.47 32.06
N LEU A 180 7.48 18.02 31.86
CA LEU A 180 7.83 16.64 32.14
C LEU A 180 7.74 16.31 33.64
N PHE A 181 7.92 17.31 34.49
CA PHE A 181 7.85 17.06 35.94
C PHE A 181 6.60 17.65 36.57
N SER A 182 5.62 18.01 35.76
CA SER A 182 4.43 18.68 36.26
C SER A 182 3.61 17.83 37.24
N ASN A 183 3.65 16.52 37.06
CA ASN A 183 2.83 15.63 37.85
C ASN A 183 3.52 15.22 39.15
N TYR A 184 4.68 15.81 39.41
CA TYR A 184 5.43 15.51 40.62
C TYR A 184 4.86 16.22 41.86
N PRO A 185 5.04 15.62 43.05
CA PRO A 185 4.60 16.24 44.30
C PRO A 185 5.33 17.54 44.60
N ARG A 186 4.67 18.48 45.26
CA ARG A 186 5.23 19.80 45.50
C ARG A 186 6.50 19.75 46.35
N GLU A 187 6.64 18.69 47.12
CA GLU A 187 7.82 18.51 47.96
C GLU A 187 9.10 18.45 47.14
N THR A 188 9.01 17.97 45.92
CA THR A 188 10.20 17.74 45.10
C THR A 188 10.10 18.33 43.70
N ARG A 189 8.92 18.83 43.32
CA ARG A 189 8.68 19.18 41.93
C ARG A 189 9.61 20.27 41.39
N LEU A 190 9.55 21.46 41.98
CA LEU A 190 10.36 22.57 41.49
C LEU A 190 11.85 22.31 41.67
N GLN A 191 12.19 21.47 42.64
CA GLN A 191 13.57 21.06 42.80
C GLN A 191 14.00 20.23 41.61
N TYR A 192 13.11 19.36 41.14
CA TYR A 192 13.40 18.54 39.97
C TYR A 192 13.44 19.37 38.70
N VAL A 193 12.56 20.37 38.60
CA VAL A 193 12.53 21.26 37.45
C VAL A 193 13.85 22.03 37.28
N LYS A 194 14.33 22.63 38.37
CA LYS A 194 15.58 23.36 38.33
C LYS A 194 16.75 22.46 37.90
N ARG A 195 16.85 21.29 38.52
CA ARG A 195 17.95 20.39 38.25
C ARG A 195 17.98 19.92 36.80
N PHE A 196 16.80 19.66 36.24
CA PHE A 196 16.70 19.23 34.86
C PHE A 196 16.98 20.37 33.90
N TYR A 197 16.46 21.55 34.21
CA TYR A 197 16.73 22.73 33.42
C TYR A 197 18.22 23.01 33.35
N ASP A 198 18.91 22.95 34.48
CA ASP A 198 20.35 23.13 34.50
C ASP A 198 21.05 22.08 33.65
N ALA A 199 20.60 20.84 33.75
CA ALA A 199 21.22 19.76 32.99
C ALA A 199 21.12 20.00 31.48
N VAL A 200 19.95 20.41 30.98
CA VAL A 200 19.80 20.56 29.53
C VAL A 200 20.35 21.89 29.03
N SER A 201 20.17 22.97 29.78
CA SER A 201 20.62 24.29 29.34
C SER A 201 22.13 24.44 29.43
N THR A 202 22.80 23.58 30.19
CA THR A 202 24.26 23.56 30.21
C THR A 202 24.78 22.37 29.42
N PHE A 203 23.91 21.82 28.58
CA PHE A 203 24.26 20.82 27.55
C PHE A 203 24.80 19.51 28.08
N LYS A 204 24.37 19.09 29.26
CA LYS A 204 24.83 17.82 29.78
C LYS A 204 23.94 16.69 29.34
N ILE A 205 22.66 17.00 29.20
CA ILE A 205 21.68 16.07 28.68
C ILE A 205 21.12 16.59 27.38
N SER A 206 21.17 15.76 26.34
CA SER A 206 20.68 16.14 25.03
C SER A 206 19.34 15.46 24.75
N LEU A 207 18.36 16.24 24.29
CA LEU A 207 17.02 15.72 24.05
C LEU A 207 16.69 15.65 22.57
N PRO A 208 15.83 14.69 22.18
CA PRO A 208 15.42 14.49 20.79
C PRO A 208 14.63 15.67 20.24
N THR A 209 14.60 15.80 18.93
CA THR A 209 13.89 16.88 18.28
C THR A 209 12.40 16.97 18.62
N PRO A 210 11.66 15.83 18.60
CA PRO A 210 10.23 16.01 18.86
C PRO A 210 9.93 16.54 20.26
N ILE A 211 10.84 16.28 21.20
CA ILE A 211 10.69 16.79 22.56
C ILE A 211 11.08 18.25 22.61
N MET A 212 12.21 18.58 22.01
CA MET A 212 12.67 19.95 21.95
C MET A 212 11.63 20.87 21.31
N SER A 213 10.98 20.41 20.27
CA SER A 213 10.04 21.26 19.55
C SER A 213 8.61 21.17 20.09
N GLY A 214 8.29 20.06 20.75
CA GLY A 214 6.91 19.78 21.09
C GLY A 214 6.48 19.96 22.53
N VAL A 215 7.27 19.45 23.46
CA VAL A 215 6.86 19.44 24.87
C VAL A 215 6.77 20.84 25.46
N ARG A 216 5.52 21.30 25.56
CA ARG A 216 5.03 22.57 26.12
C ARG A 216 3.97 23.12 25.18
N THR A 217 3.92 22.55 23.98
CA THR A 217 2.95 22.92 22.96
C THR A 217 1.74 22.00 23.07
N PRO A 218 0.63 22.35 22.39
CA PRO A 218 -0.58 21.51 22.43
C PRO A 218 -0.45 20.10 21.86
N THR A 219 0.68 19.75 21.28
CA THR A 219 0.83 18.44 20.66
C THR A 219 1.10 17.36 21.70
N ARG A 220 0.84 16.11 21.31
CA ARG A 220 1.19 14.97 22.14
C ARG A 220 1.89 13.91 21.31
N GLN A 221 2.27 14.28 20.09
CA GLN A 221 2.99 13.39 19.20
C GLN A 221 4.50 13.49 19.45
N PHE A 222 5.06 12.51 20.16
CA PHE A 222 6.46 12.57 20.50
C PHE A 222 7.20 11.29 20.12
N SER A 223 6.47 10.31 19.59
CA SER A 223 7.08 9.05 19.20
C SER A 223 7.74 9.16 17.84
N SER A 224 9.03 8.87 17.78
CA SER A 224 9.75 8.96 16.53
C SER A 224 10.33 7.62 16.12
N CYS A 225 10.09 6.60 16.94
CA CYS A 225 10.74 5.33 16.78
C CYS A 225 9.75 4.19 16.96
N VAL A 226 9.41 3.48 15.88
CA VAL A 226 8.34 2.47 15.90
C VAL A 226 8.82 1.13 15.36
N LEU A 227 8.49 0.03 16.03
CA LEU A 227 8.87 -1.28 15.54
C LEU A 227 7.66 -2.17 15.35
N ILE A 228 7.44 -2.62 14.11
CA ILE A 228 6.26 -3.40 13.81
C ILE A 228 6.64 -4.77 13.26
N GLU A 229 6.05 -5.82 13.82
CA GLU A 229 6.26 -7.17 13.32
C GLU A 229 5.06 -7.63 12.52
N CYS A 230 5.31 -8.07 11.29
CA CYS A 230 4.23 -8.52 10.43
C CYS A 230 4.08 -10.02 10.48
N GLY A 231 2.86 -10.50 10.69
CA GLY A 231 2.57 -11.92 10.65
C GLY A 231 2.38 -12.41 9.24
N ASP A 232 2.30 -13.72 9.07
CA ASP A 232 2.16 -14.35 7.76
C ASP A 232 0.68 -14.53 7.38
N SER A 233 -0.05 -13.44 7.30
CA SER A 233 -1.45 -13.51 6.95
C SER A 233 -1.90 -12.20 6.33
N LEU A 234 -2.98 -12.25 5.56
CA LEU A 234 -3.51 -11.06 4.94
C LEU A 234 -3.97 -10.07 6.00
N ASP A 235 -4.59 -10.57 7.06
CA ASP A 235 -5.07 -9.69 8.11
C ASP A 235 -3.94 -8.92 8.77
N SER A 236 -2.80 -9.60 8.95
CA SER A 236 -1.67 -8.99 9.62
C SER A 236 -0.96 -8.02 8.69
N ILE A 237 -0.87 -8.37 7.41
CA ILE A 237 -0.23 -7.50 6.43
C ILE A 237 -0.99 -6.20 6.32
N ASN A 238 -2.32 -6.30 6.31
CA ASN A 238 -3.18 -5.12 6.33
C ASN A 238 -2.98 -4.29 7.58
N ALA A 239 -3.01 -4.95 8.74
CA ALA A 239 -2.81 -4.27 10.00
C ALA A 239 -1.45 -3.56 10.06
N THR A 240 -0.43 -4.23 9.56
CA THR A 240 0.91 -3.66 9.55
C THR A 240 0.97 -2.44 8.67
N SER A 241 0.35 -2.53 7.50
CA SER A 241 0.27 -1.43 6.56
C SER A 241 -0.45 -0.22 7.17
N SER A 242 -1.58 -0.47 7.82
CA SER A 242 -2.35 0.59 8.46
C SER A 242 -1.57 1.28 9.56
N ALA A 243 -0.90 0.48 10.38
CA ALA A 243 -0.10 1.00 11.47
C ALA A 243 1.03 1.89 10.97
N ILE A 244 1.69 1.44 9.90
CA ILE A 244 2.75 2.21 9.28
C ILE A 244 2.25 3.58 8.86
N VAL A 245 1.12 3.60 8.18
CA VAL A 245 0.56 4.85 7.66
C VAL A 245 0.31 5.88 8.76
N LYS A 246 -0.32 5.49 9.85
CA LYS A 246 -0.57 6.41 10.95
C LYS A 246 0.73 6.96 11.56
N TYR A 247 1.74 6.10 11.72
CA TYR A 247 2.95 6.54 12.39
C TYR A 247 3.89 7.36 11.51
N VAL A 248 3.93 7.10 10.20
CA VAL A 248 4.75 7.93 9.32
C VAL A 248 4.05 9.28 9.09
N SER A 249 2.75 9.33 9.35
CA SER A 249 2.01 10.58 9.28
C SER A 249 2.38 11.47 10.45
N GLN A 250 2.90 10.84 11.50
CA GLN A 250 3.44 11.56 12.64
C GLN A 250 4.96 11.62 12.55
N ARG A 251 5.48 11.33 11.36
CA ARG A 251 6.91 11.44 11.06
C ARG A 251 7.81 10.49 11.85
N ALA A 252 7.28 9.34 12.27
CA ALA A 252 8.08 8.36 12.95
C ALA A 252 8.87 7.51 11.98
N GLY A 253 10.07 7.10 12.38
CA GLY A 253 10.84 6.13 11.63
C GLY A 253 10.32 4.74 11.93
N ILE A 254 10.36 3.85 10.96
CA ILE A 254 9.76 2.52 11.13
C ILE A 254 10.78 1.38 10.97
N GLY A 255 10.67 0.38 11.83
CA GLY A 255 11.37 -0.86 11.65
C GLY A 255 10.35 -1.96 11.40
N ILE A 256 10.42 -2.56 10.23
CA ILE A 256 9.43 -3.56 9.85
C ILE A 256 10.01 -4.96 9.77
N ASN A 257 9.50 -5.88 10.59
CA ASN A 257 9.87 -7.28 10.45
C ASN A 257 8.90 -8.01 9.51
N ALA A 258 9.38 -8.40 8.34
CA ALA A 258 8.54 -9.08 7.37
C ALA A 258 9.05 -10.47 7.04
N GLY A 259 9.92 -10.98 7.90
CA GLY A 259 10.57 -12.26 7.66
C GLY A 259 9.66 -13.47 7.78
N ARG A 260 8.53 -13.27 8.43
CA ARG A 260 7.57 -14.35 8.64
C ARG A 260 6.77 -14.66 7.38
N ILE A 261 6.66 -13.69 6.49
CA ILE A 261 5.89 -13.87 5.26
C ILE A 261 6.46 -15.00 4.43
N ARG A 262 5.61 -15.97 4.09
CA ARG A 262 6.08 -17.19 3.43
C ARG A 262 6.52 -16.92 2.00
N ALA A 263 7.33 -17.83 1.47
CA ALA A 263 7.99 -17.59 0.19
C ALA A 263 7.07 -17.79 -1.00
N LEU A 264 7.48 -17.18 -2.11
CA LEU A 264 6.83 -17.33 -3.39
C LEU A 264 6.62 -18.79 -3.76
N GLY A 265 5.38 -19.15 -4.08
CA GLY A 265 5.07 -20.49 -4.51
C GLY A 265 4.53 -21.39 -3.41
N SER A 266 4.62 -20.94 -2.17
CA SER A 266 4.13 -21.72 -1.04
C SER A 266 2.63 -21.94 -1.13
N PRO A 267 2.17 -23.14 -0.77
CA PRO A 267 0.74 -23.42 -0.77
C PRO A 267 -0.01 -22.63 0.30
N ILE A 268 -1.25 -22.23 -0.02
CA ILE A 268 -2.10 -21.52 0.90
C ILE A 268 -3.34 -22.38 1.16
N ARG A 269 -3.66 -22.56 2.44
CA ARG A 269 -4.79 -23.39 2.85
C ARG A 269 -4.69 -24.78 2.23
N GLY A 270 -3.47 -25.30 2.16
CA GLY A 270 -3.24 -26.63 1.66
C GLY A 270 -3.24 -26.75 0.15
N GLY A 271 -3.25 -25.61 -0.55
CA GLY A 271 -3.19 -25.65 -2.00
C GLY A 271 -4.35 -25.04 -2.74
N GLU A 272 -5.28 -24.41 -2.01
CA GLU A 272 -6.39 -23.70 -2.64
C GLU A 272 -5.86 -22.55 -3.49
N ALA A 273 -4.77 -21.97 -3.01
CA ALA A 273 -4.06 -20.91 -3.73
C ALA A 273 -2.58 -21.07 -3.46
N PHE A 274 -1.76 -20.32 -4.19
CA PHE A 274 -0.31 -20.35 -3.98
C PHE A 274 0.25 -18.95 -3.87
N HIS A 275 1.20 -18.76 -2.94
CA HIS A 275 1.76 -17.46 -2.63
C HIS A 275 2.42 -16.82 -3.83
N THR A 276 2.21 -15.52 -3.99
CA THR A 276 2.71 -14.81 -5.16
C THR A 276 3.96 -14.01 -4.83
N GLY A 277 4.53 -14.26 -3.66
CA GLY A 277 5.84 -13.72 -3.32
C GLY A 277 5.83 -12.60 -2.29
N CYS A 278 6.96 -12.44 -1.62
CA CYS A 278 7.12 -11.42 -0.59
C CYS A 278 7.19 -10.02 -1.16
N ILE A 279 7.83 -9.89 -2.30
CA ILE A 279 8.11 -8.59 -2.90
C ILE A 279 6.85 -7.74 -3.17
N PRO A 280 5.75 -8.34 -3.67
CA PRO A 280 4.57 -7.47 -3.79
C PRO A 280 4.10 -6.88 -2.47
N PHE A 281 4.25 -7.62 -1.39
CA PHE A 281 3.88 -7.12 -0.08
C PHE A 281 4.88 -6.08 0.43
N TYR A 282 6.16 -6.25 0.08
CA TYR A 282 7.17 -5.26 0.43
C TYR A 282 6.87 -3.92 -0.22
N LYS A 283 6.40 -3.97 -1.46
CA LYS A 283 6.03 -2.78 -2.21
C LYS A 283 4.88 -2.06 -1.54
N HIS A 284 3.97 -2.82 -0.97
CA HIS A 284 2.81 -2.27 -0.29
C HIS A 284 3.22 -1.58 1.01
N PHE A 285 4.23 -2.12 1.66
CA PHE A 285 4.80 -1.48 2.84
C PHE A 285 5.50 -0.18 2.45
N GLN A 286 6.21 -0.19 1.33
CA GLN A 286 6.91 1.00 0.88
C GLN A 286 5.95 2.15 0.59
N THR A 287 4.86 1.88 -0.11
CA THR A 287 3.89 2.94 -0.40
C THR A 287 3.19 3.41 0.86
N ALA A 288 3.11 2.55 1.87
CA ALA A 288 2.56 2.92 3.16
C ALA A 288 3.51 3.88 3.87
N VAL A 289 4.80 3.59 3.80
CA VAL A 289 5.84 4.41 4.39
C VAL A 289 5.90 5.78 3.69
N LYS A 290 5.71 5.78 2.38
CA LYS A 290 5.81 7.00 1.59
C LYS A 290 4.47 7.69 1.39
N SER A 291 3.45 7.22 2.08
CA SER A 291 2.09 7.69 1.84
C SER A 291 1.87 9.16 2.22
N CYS A 292 2.66 9.65 3.17
CA CYS A 292 2.51 11.02 3.63
C CYS A 292 3.73 11.86 3.27
N SER A 293 4.35 11.53 2.14
CA SER A 293 5.54 12.24 1.72
C SER A 293 5.32 12.83 0.34
N GLN A 294 5.86 14.01 0.13
CA GLN A 294 5.85 14.56 -1.19
C GLN A 294 7.25 14.63 -1.74
N GLY A 295 7.49 13.95 -2.85
CA GLY A 295 8.76 14.01 -3.54
C GLY A 295 9.83 12.99 -3.23
N GLY A 296 10.28 12.88 -1.99
CA GLY A 296 11.31 11.92 -1.72
C GLY A 296 12.62 12.38 -1.08
N VAL A 297 12.69 13.64 -0.67
CA VAL A 297 13.91 14.14 -0.04
C VAL A 297 14.10 13.59 1.36
N ARG A 298 13.18 13.87 2.27
CA ARG A 298 13.29 13.35 3.64
C ARG A 298 11.94 12.94 4.18
N GLY A 299 11.27 12.04 3.47
CA GLY A 299 9.96 11.59 3.84
C GLY A 299 9.97 10.41 4.80
N GLY A 300 8.93 9.59 4.70
CA GLY A 300 8.78 8.41 5.51
C GLY A 300 9.99 7.53 5.31
N ALA A 301 10.50 6.96 6.40
CA ALA A 301 11.71 6.16 6.33
C ALA A 301 11.51 4.83 7.07
N ALA A 302 11.96 3.74 6.44
CA ALA A 302 11.82 2.43 7.06
C ALA A 302 12.95 1.46 6.74
N THR A 303 13.18 0.57 7.70
CA THR A 303 14.09 -0.53 7.48
C THR A 303 13.30 -1.81 7.65
N LEU A 304 13.45 -2.72 6.70
CA LEU A 304 12.73 -3.97 6.73
C LEU A 304 13.68 -5.15 7.04
N PHE A 305 13.24 -6.08 7.88
CA PHE A 305 14.11 -7.16 8.35
C PHE A 305 13.64 -8.54 7.90
N TYR A 306 14.59 -9.38 7.50
CA TYR A 306 14.33 -10.76 7.11
C TYR A 306 15.56 -11.62 7.40
N PRO A 307 15.35 -12.93 7.62
CA PRO A 307 16.48 -13.83 7.87
C PRO A 307 17.27 -14.22 6.64
N MET A 308 18.56 -14.47 6.81
CA MET A 308 19.45 -14.83 5.71
C MET A 308 19.06 -16.14 5.04
N TRP A 309 18.45 -17.05 5.80
CA TRP A 309 18.10 -18.36 5.25
C TRP A 309 16.73 -18.40 4.60
N HIS A 310 16.10 -17.24 4.42
CA HIS A 310 14.80 -17.17 3.77
C HIS A 310 14.91 -17.62 2.32
N LEU A 311 13.88 -18.30 1.83
CA LEU A 311 13.92 -18.89 0.50
C LEU A 311 14.09 -17.86 -0.61
N GLU A 312 13.60 -16.65 -0.41
CA GLU A 312 13.70 -15.61 -1.44
C GLU A 312 14.88 -14.67 -1.22
N VAL A 313 15.78 -15.02 -0.32
CA VAL A 313 16.83 -14.10 0.13
C VAL A 313 17.70 -13.52 -0.99
N GLU A 314 17.93 -14.28 -2.05
CA GLU A 314 18.79 -13.82 -3.13
C GLU A 314 18.11 -12.69 -3.91
N SER A 315 16.78 -12.73 -3.94
CA SER A 315 15.97 -11.73 -4.60
C SER A 315 15.80 -10.50 -3.72
N LEU A 316 15.79 -10.73 -2.43
CA LEU A 316 15.57 -9.64 -1.49
C LEU A 316 16.80 -8.77 -1.34
N LEU A 317 17.98 -9.38 -1.43
CA LEU A 317 19.23 -8.65 -1.22
C LEU A 317 19.49 -7.60 -2.28
N VAL A 318 18.88 -7.76 -3.44
CA VAL A 318 19.16 -6.86 -4.54
C VAL A 318 18.04 -5.85 -4.77
N LEU A 319 17.14 -5.72 -3.80
CA LEU A 319 16.00 -4.83 -3.94
C LEU A 319 16.35 -3.33 -4.03
N LYS A 320 17.60 -2.97 -3.76
CA LYS A 320 17.96 -1.55 -3.72
C LYS A 320 18.80 -1.06 -4.88
N ASN A 321 19.51 -1.93 -5.57
CA ASN A 321 20.43 -1.46 -6.60
C ASN A 321 19.72 -0.89 -7.83
N ASN A 322 20.39 0.05 -8.48
CA ASN A 322 19.77 0.85 -9.55
C ASN A 322 19.46 0.07 -10.82
N ARG A 323 19.97 -1.15 -10.94
CA ARG A 323 19.67 -1.99 -12.10
C ARG A 323 18.29 -2.65 -11.94
N GLY A 324 18.00 -3.63 -12.79
CA GLY A 324 16.73 -4.32 -12.74
C GLY A 324 15.54 -3.49 -13.21
N VAL A 325 14.37 -4.11 -13.20
CA VAL A 325 13.14 -3.42 -13.60
C VAL A 325 12.33 -3.09 -12.37
N GLU A 326 11.26 -2.32 -12.54
CA GLU A 326 10.43 -1.91 -11.42
C GLU A 326 9.84 -3.10 -10.68
N GLY A 327 9.64 -4.20 -11.39
CA GLY A 327 8.98 -5.37 -10.83
C GLY A 327 9.74 -6.09 -9.74
N ASN A 328 11.06 -6.09 -9.81
CA ASN A 328 11.87 -6.78 -8.82
C ASN A 328 12.74 -5.86 -7.98
N ARG A 329 12.30 -4.62 -7.83
CA ARG A 329 13.01 -3.63 -7.05
C ARG A 329 12.08 -2.89 -6.09
N VAL A 330 12.54 -2.73 -4.85
CA VAL A 330 11.86 -1.91 -3.86
C VAL A 330 12.90 -1.01 -3.22
N ARG A 331 13.20 0.11 -3.88
CA ARG A 331 14.44 0.83 -3.60
C ARG A 331 14.40 1.83 -2.44
N HIS A 332 13.21 2.25 -2.04
CA HIS A 332 13.12 3.39 -1.13
C HIS A 332 12.93 2.98 0.33
N MET A 333 13.33 1.76 0.66
CA MET A 333 13.45 1.33 2.04
C MET A 333 14.84 0.72 2.24
N ASP A 334 15.28 0.64 3.48
CA ASP A 334 16.53 -0.03 3.77
C ASP A 334 16.22 -1.40 4.31
N TYR A 335 17.22 -2.27 4.36
CA TYR A 335 16.98 -3.66 4.74
C TYR A 335 17.97 -4.14 5.77
N GLY A 336 17.51 -5.02 6.64
CA GLY A 336 18.37 -5.62 7.64
C GLY A 336 18.37 -7.13 7.52
N VAL A 337 19.51 -7.71 7.17
CA VAL A 337 19.65 -9.15 7.05
C VAL A 337 19.98 -9.75 8.43
N GLN A 338 19.22 -10.75 8.83
CA GLN A 338 19.39 -11.35 10.15
C GLN A 338 20.23 -12.61 10.06
N ILE A 339 21.33 -12.62 10.82
CA ILE A 339 22.33 -13.68 10.77
C ILE A 339 22.61 -14.23 12.15
N ASN A 340 23.01 -15.49 12.23
CA ASN A 340 23.41 -16.08 13.49
C ASN A 340 24.68 -16.91 13.31
N LYS A 341 25.07 -17.62 14.38
CA LYS A 341 26.35 -18.32 14.41
C LYS A 341 26.46 -19.41 13.35
N LEU A 342 25.39 -20.16 13.15
CA LEU A 342 25.40 -21.23 12.17
C LEU A 342 25.70 -20.73 10.76
N MET A 343 25.13 -19.59 10.41
CA MET A 343 25.38 -18.97 9.11
C MET A 343 26.86 -18.65 8.95
N TYR A 344 27.43 -18.01 9.97
CA TYR A 344 28.85 -17.68 9.96
C TYR A 344 29.71 -18.94 9.93
N THR A 345 29.24 -19.99 10.58
CA THR A 345 29.95 -21.25 10.61
C THR A 345 30.09 -21.84 9.21
N ARG A 346 28.98 -21.86 8.48
CA ARG A 346 29.00 -22.35 7.10
C ARG A 346 29.94 -21.53 6.24
N LEU A 347 30.02 -20.23 6.54
CA LEU A 347 30.91 -19.35 5.80
C LEU A 347 32.37 -19.72 6.01
N LEU A 348 32.75 -19.88 7.27
CA LEU A 348 34.13 -20.18 7.63
C LEU A 348 34.55 -21.55 7.12
N LYS A 349 33.65 -22.51 7.25
CA LYS A 349 33.92 -23.86 6.80
C LYS A 349 33.85 -23.96 5.29
N GLY A 350 33.36 -22.91 4.64
CA GLY A 350 33.22 -22.91 3.19
C GLY A 350 32.18 -23.91 2.70
N GLU A 351 31.17 -24.14 3.54
CA GLU A 351 30.10 -25.08 3.20
C GLU A 351 28.91 -24.37 2.57
N ASP A 352 27.77 -25.04 2.55
CA ASP A 352 26.57 -24.50 1.94
C ASP A 352 25.58 -23.97 2.96
N ILE A 353 24.70 -23.07 2.52
CA ILE A 353 23.58 -22.62 3.31
C ILE A 353 22.29 -23.05 2.63
N THR A 354 21.38 -23.64 3.41
CA THR A 354 20.10 -24.09 2.88
C THR A 354 19.03 -23.03 3.08
N LEU A 355 18.23 -22.78 2.05
CA LEU A 355 17.18 -21.77 2.13
C LEU A 355 15.81 -22.39 2.30
N PHE A 356 15.06 -21.90 3.29
CA PHE A 356 13.72 -22.39 3.55
C PHE A 356 12.67 -21.27 3.53
N SER A 357 11.44 -21.65 3.23
CA SER A 357 10.30 -20.81 3.53
C SER A 357 9.89 -21.10 4.97
N PRO A 358 9.76 -20.06 5.79
CA PRO A 358 9.47 -20.24 7.22
C PRO A 358 8.19 -21.03 7.46
N SER A 359 7.32 -21.12 6.47
CA SER A 359 6.07 -21.86 6.58
C SER A 359 6.26 -23.37 6.47
N ASP A 360 7.41 -23.78 5.95
CA ASP A 360 7.66 -25.20 5.73
C ASP A 360 8.55 -25.81 6.80
N VAL A 361 9.03 -24.99 7.73
CA VAL A 361 9.98 -25.46 8.73
C VAL A 361 9.54 -25.15 10.16
N PRO A 362 8.69 -26.01 10.73
CA PRO A 362 8.12 -25.83 12.06
C PRO A 362 9.15 -25.59 13.15
N GLY A 363 8.98 -24.48 13.86
CA GLY A 363 9.83 -24.16 15.00
C GLY A 363 11.17 -23.56 14.64
N LEU A 364 11.50 -23.55 13.35
CA LEU A 364 12.80 -23.03 12.92
C LEU A 364 12.92 -21.53 13.09
N TYR A 365 11.86 -20.80 12.75
CA TYR A 365 11.90 -19.34 12.83
C TYR A 365 12.04 -18.90 14.28
N ASP A 366 11.27 -19.51 15.15
CA ASP A 366 11.30 -19.15 16.56
C ASP A 366 12.67 -19.44 17.16
N ALA A 367 13.24 -20.59 16.81
CA ALA A 367 14.53 -20.99 17.36
C ALA A 367 15.65 -20.08 16.87
N PHE A 368 15.50 -19.57 15.66
CA PHE A 368 16.47 -18.67 15.06
C PHE A 368 16.82 -17.50 15.99
N PHE A 369 15.84 -17.07 16.78
CA PHE A 369 16.01 -15.94 17.67
C PHE A 369 16.21 -16.34 19.12
N ALA A 370 15.54 -17.40 19.57
CA ALA A 370 15.48 -17.68 20.99
C ALA A 370 16.39 -18.82 21.45
N ASP A 371 16.72 -19.75 20.57
CA ASP A 371 17.42 -20.97 20.98
C ASP A 371 18.36 -21.49 19.91
N GLN A 372 19.63 -21.12 19.99
CA GLN A 372 20.59 -21.49 18.98
C GLN A 372 20.82 -22.99 18.89
N GLU A 373 20.76 -23.67 20.03
CA GLU A 373 20.94 -25.11 20.03
C GLU A 373 19.82 -25.79 19.27
N GLU A 374 18.59 -25.37 19.54
CA GLU A 374 17.43 -25.94 18.90
C GLU A 374 17.38 -25.59 17.42
N PHE A 375 17.82 -24.40 17.06
CA PHE A 375 17.85 -24.01 15.66
C PHE A 375 18.71 -24.96 14.86
N GLU A 376 19.92 -25.24 15.35
CA GLU A 376 20.85 -26.11 14.66
C GLU A 376 20.29 -27.52 14.56
N ARG A 377 19.57 -27.94 15.59
CA ARG A 377 18.93 -29.25 15.59
C ARG A 377 17.89 -29.32 14.47
N LEU A 378 17.03 -28.31 14.43
CA LEU A 378 15.97 -28.25 13.45
C LEU A 378 16.49 -28.00 12.03
N TYR A 379 17.50 -27.13 11.92
CA TYR A 379 18.06 -26.79 10.63
C TYR A 379 18.65 -27.99 9.93
N THR A 380 19.44 -28.76 10.66
CA THR A 380 20.06 -29.96 10.12
C THR A 380 19.03 -31.06 9.89
N LYS A 381 18.00 -31.09 10.73
CA LYS A 381 16.92 -32.06 10.56
C LYS A 381 16.18 -31.80 9.25
N TYR A 382 15.89 -30.53 8.99
CA TYR A 382 15.15 -30.15 7.80
C TYR A 382 16.03 -30.17 6.56
N GLU A 383 17.33 -30.02 6.76
CA GLU A 383 18.29 -30.11 5.67
C GLU A 383 18.35 -31.51 5.09
N LYS A 384 18.04 -32.50 5.92
CA LYS A 384 18.14 -33.89 5.52
C LYS A 384 16.81 -34.46 5.04
N ASP A 385 15.74 -33.69 5.21
CA ASP A 385 14.41 -34.09 4.79
C ASP A 385 14.16 -33.68 3.35
N ASP A 386 13.85 -34.63 2.49
CA ASP A 386 13.66 -34.35 1.08
C ASP A 386 12.23 -33.94 0.79
N SER A 387 11.34 -34.23 1.73
CA SER A 387 9.94 -33.83 1.59
C SER A 387 9.79 -32.32 1.69
N ILE A 388 10.72 -31.68 2.39
CA ILE A 388 10.67 -30.25 2.63
C ILE A 388 11.33 -29.43 1.53
N ARG A 389 10.59 -28.48 0.97
CA ARG A 389 11.11 -27.59 -0.06
C ARG A 389 12.33 -26.80 0.42
N LYS A 390 13.36 -26.72 -0.41
CA LYS A 390 14.59 -26.04 -0.02
C LYS A 390 15.45 -25.65 -1.22
N GLN A 391 16.49 -24.88 -0.95
CA GLN A 391 17.45 -24.52 -2.00
C GLN A 391 18.83 -24.32 -1.39
N ARG A 392 19.85 -24.83 -2.04
CA ARG A 392 21.22 -24.72 -1.55
C ARG A 392 22.01 -23.62 -2.25
N VAL A 393 22.73 -22.82 -1.48
CA VAL A 393 23.69 -21.88 -2.05
C VAL A 393 24.99 -21.93 -1.25
N LYS A 394 26.10 -21.64 -1.90
CA LYS A 394 27.37 -21.59 -1.20
C LYS A 394 27.41 -20.36 -0.29
N ALA A 395 27.78 -20.57 0.96
CA ALA A 395 27.76 -19.53 1.99
C ALA A 395 28.60 -18.33 1.59
N VAL A 396 29.71 -18.59 0.92
CA VAL A 396 30.58 -17.52 0.45
C VAL A 396 29.87 -16.67 -0.60
N GLU A 397 29.15 -17.32 -1.50
CA GLU A 397 28.42 -16.62 -2.55
C GLU A 397 27.30 -15.77 -1.96
N LEU A 398 26.61 -16.32 -0.97
CA LEU A 398 25.50 -15.62 -0.37
C LEU A 398 25.97 -14.42 0.44
N PHE A 399 27.01 -14.63 1.24
CA PHE A 399 27.58 -13.54 2.03
C PHE A 399 28.17 -12.47 1.13
N SER A 400 28.82 -12.88 0.06
CA SER A 400 29.42 -11.95 -0.86
C SER A 400 28.37 -11.10 -1.55
N LEU A 401 27.25 -11.71 -1.91
CA LEU A 401 26.17 -10.99 -2.56
C LEU A 401 25.60 -9.92 -1.63
N MET A 402 25.41 -10.30 -0.38
CA MET A 402 24.93 -9.40 0.65
C MET A 402 25.87 -8.21 0.83
N MET A 403 27.15 -8.49 1.03
CA MET A 403 28.13 -7.44 1.26
C MET A 403 28.34 -6.59 0.02
N GLN A 404 28.12 -7.22 -1.13
CA GLN A 404 28.23 -6.52 -2.40
C GLN A 404 27.21 -5.40 -2.45
N GLU A 405 25.99 -5.71 -2.03
CA GLU A 405 24.89 -4.75 -2.04
C GLU A 405 24.99 -3.77 -0.87
N ARG A 406 25.54 -4.23 0.23
CA ARG A 406 25.80 -3.34 1.36
C ARG A 406 26.81 -2.29 0.97
N ALA A 407 27.79 -2.67 0.18
CA ALA A 407 28.86 -1.76 -0.20
C ALA A 407 28.35 -0.71 -1.17
N SER A 408 27.64 -1.13 -2.20
CA SER A 408 27.23 -0.21 -3.26
C SER A 408 26.09 0.72 -2.87
N THR A 409 25.22 0.28 -1.96
CA THR A 409 24.09 1.10 -1.52
C THR A 409 24.34 1.73 -0.16
N GLY A 410 25.15 1.07 0.66
CA GLY A 410 25.45 1.54 1.99
C GLY A 410 24.34 1.30 2.98
N ARG A 411 23.24 0.74 2.51
CA ARG A 411 22.03 0.66 3.31
C ARG A 411 21.46 -0.75 3.42
N ILE A 412 22.30 -1.75 3.23
CA ILE A 412 21.94 -3.11 3.57
C ILE A 412 22.61 -3.46 4.88
N TYR A 413 21.80 -3.61 5.92
CA TYR A 413 22.30 -3.72 7.28
C TYR A 413 22.37 -5.15 7.78
N ILE A 414 23.08 -5.35 8.88
CA ILE A 414 23.20 -6.69 9.45
C ILE A 414 22.65 -6.72 10.87
N GLN A 415 21.86 -7.76 11.19
CA GLN A 415 21.50 -7.98 12.58
C GLN A 415 21.89 -9.38 13.04
N ASN A 416 22.78 -9.44 14.03
CA ASN A 416 23.18 -10.71 14.61
C ASN A 416 22.18 -11.09 15.70
N VAL A 417 21.20 -11.89 15.32
CA VAL A 417 20.04 -12.13 16.18
C VAL A 417 20.35 -12.99 17.41
N ASP A 418 21.40 -13.81 17.35
CA ASP A 418 21.80 -14.60 18.50
C ASP A 418 22.41 -13.71 19.59
N HIS A 419 23.31 -12.82 19.17
CA HIS A 419 23.87 -11.82 20.08
C HIS A 419 22.77 -10.95 20.68
N CYS A 420 21.72 -10.72 19.90
CA CYS A 420 20.61 -9.88 20.36
C CYS A 420 19.74 -10.54 21.41
N ASN A 421 19.89 -11.84 21.59
CA ASN A 421 19.06 -12.56 22.54
C ASN A 421 19.82 -13.28 23.62
N THR A 422 21.09 -13.60 23.38
CA THR A 422 21.90 -14.20 24.43
C THR A 422 22.45 -13.12 25.35
N HIS A 423 22.69 -11.93 24.78
CA HIS A 423 23.13 -10.80 25.58
C HIS A 423 22.06 -9.72 25.53
N SER A 424 21.03 -9.88 26.35
CA SER A 424 19.86 -9.02 26.25
C SER A 424 19.14 -8.88 27.58
N PRO A 425 18.42 -7.75 27.75
CA PRO A 425 17.57 -7.56 28.92
C PRO A 425 16.30 -8.41 28.89
N PHE A 426 16.05 -9.16 27.82
CA PHE A 426 14.80 -9.91 27.72
C PHE A 426 14.99 -11.41 27.69
N ASP A 427 14.05 -12.13 28.30
CA ASP A 427 14.00 -13.59 28.24
C ASP A 427 13.49 -14.02 26.87
N PRO A 428 14.37 -14.62 26.06
CA PRO A 428 14.06 -14.96 24.66
C PRO A 428 12.93 -15.96 24.52
N ALA A 429 12.66 -16.71 25.57
CA ALA A 429 11.59 -17.71 25.53
C ALA A 429 10.23 -17.06 25.69
N ILE A 430 10.20 -15.88 26.27
CA ILE A 430 8.95 -15.17 26.51
C ILE A 430 8.82 -13.93 25.64
N ALA A 431 9.91 -13.19 25.53
CA ALA A 431 9.90 -11.93 24.81
C ALA A 431 11.16 -11.75 23.98
N PRO A 432 11.31 -12.52 22.90
CA PRO A 432 12.51 -12.42 22.08
C PRO A 432 12.62 -11.12 21.31
N VAL A 433 13.84 -10.76 20.93
CA VAL A 433 14.07 -9.62 20.06
C VAL A 433 14.24 -10.13 18.63
N ARG A 434 13.34 -9.77 17.74
CA ARG A 434 13.34 -10.35 16.40
C ARG A 434 13.53 -9.33 15.30
N GLN A 435 13.89 -8.10 15.67
CA GLN A 435 14.11 -7.06 14.68
C GLN A 435 14.78 -5.88 15.34
N SER A 436 14.99 -4.83 14.55
CA SER A 436 15.51 -3.57 15.08
C SER A 436 14.68 -2.42 14.50
N ASN A 437 15.19 -1.20 14.61
CA ASN A 437 14.46 -0.05 14.10
C ASN A 437 15.08 0.47 12.83
N LEU A 438 14.74 1.69 12.47
CA LEU A 438 15.28 2.33 11.28
C LEU A 438 16.80 2.46 11.28
N CYS A 439 17.39 2.81 12.43
CA CYS A 439 18.80 3.13 12.52
C CYS A 439 19.61 2.06 13.26
N LEU A 440 18.94 0.97 13.60
CA LEU A 440 19.56 -0.24 14.11
C LEU A 440 20.22 -0.12 15.49
N GLU A 441 19.72 0.77 16.33
CA GLU A 441 20.20 0.84 17.70
C GLU A 441 19.14 0.32 18.67
N ILE A 442 17.90 0.20 18.22
CA ILE A 442 16.80 -0.24 19.08
C ILE A 442 16.56 -1.74 18.93
N ALA A 443 16.46 -2.43 20.06
CA ALA A 443 16.25 -3.87 20.07
C ALA A 443 15.21 -4.26 21.12
N LEU A 444 13.96 -4.42 20.70
CA LEU A 444 12.86 -4.65 21.63
C LEU A 444 11.93 -5.76 21.14
N PRO A 445 11.17 -6.37 22.07
CA PRO A 445 10.20 -7.41 21.71
C PRO A 445 8.98 -6.87 20.97
N THR A 446 8.43 -7.68 20.08
CA THR A 446 7.26 -7.32 19.31
C THR A 446 6.31 -8.49 19.17
N LYS A 447 5.06 -8.21 18.80
CA LYS A 447 4.09 -9.24 18.52
C LYS A 447 3.18 -8.75 17.41
N PRO A 448 3.00 -9.55 16.35
CA PRO A 448 2.19 -9.20 15.18
C PRO A 448 0.74 -8.91 15.52
N LEU A 449 0.12 -8.02 14.73
CA LEU A 449 -1.27 -7.63 14.90
C LEU A 449 -2.13 -8.38 13.88
N ASN A 450 -3.36 -8.72 14.26
CA ASN A 450 -4.30 -9.29 13.31
C ASN A 450 -5.33 -8.25 12.90
N ASP A 451 -5.17 -7.06 13.43
CA ASP A 451 -6.03 -5.94 13.12
C ASP A 451 -5.32 -4.71 13.61
N VAL A 452 -5.60 -3.56 13.01
CA VAL A 452 -4.91 -2.34 13.38
C VAL A 452 -5.12 -2.01 14.87
N ASN A 453 -6.28 -2.38 15.40
CA ASN A 453 -6.58 -2.12 16.81
C ASN A 453 -6.54 -3.36 17.68
N ASP A 454 -5.84 -4.39 17.21
CA ASP A 454 -5.64 -5.60 17.97
C ASP A 454 -4.90 -5.33 19.28
N GLU A 455 -5.50 -5.74 20.39
CA GLU A 455 -4.90 -5.51 21.70
C GLU A 455 -3.95 -6.63 22.09
N ASN A 456 -3.80 -7.62 21.23
CA ASN A 456 -2.92 -8.74 21.51
C ASN A 456 -1.59 -8.60 20.79
N GLY A 457 -1.51 -7.61 19.90
CA GLY A 457 -0.27 -7.34 19.22
C GLY A 457 0.62 -6.44 20.05
N GLU A 458 1.88 -6.39 19.70
CA GLU A 458 2.79 -5.50 20.40
C GLU A 458 3.70 -4.75 19.44
N ILE A 459 3.52 -3.44 19.38
CA ILE A 459 4.40 -2.56 18.63
C ILE A 459 5.37 -1.91 19.59
N ALA A 460 6.66 -2.05 19.35
CA ALA A 460 7.66 -1.49 20.24
C ALA A 460 7.89 -0.02 19.95
N LEU A 461 7.92 0.79 21.00
CA LEU A 461 8.29 2.20 20.94
C LEU A 461 9.49 2.44 21.85
N CYS A 462 10.22 3.53 21.63
CA CYS A 462 11.32 3.87 22.51
C CYS A 462 11.53 5.37 22.58
N THR A 463 11.70 5.87 23.79
CA THR A 463 11.98 7.28 24.01
C THR A 463 13.48 7.49 24.17
N LEU A 464 14.02 8.45 23.42
CA LEU A 464 15.47 8.62 23.33
C LEU A 464 16.01 9.83 24.09
N SER A 465 17.32 9.81 24.33
CA SER A 465 18.08 10.93 24.87
C SER A 465 19.54 10.56 24.90
N ALA A 466 20.40 11.50 25.25
CA ALA A 466 21.81 11.21 25.25
C ALA A 466 22.56 12.01 26.29
N PHE A 467 23.61 11.42 26.86
CA PHE A 467 24.53 12.16 27.72
C PHE A 467 25.63 12.80 26.88
N ASN A 468 25.97 14.04 27.19
CA ASN A 468 27.07 14.70 26.50
C ASN A 468 28.39 14.44 27.21
N LEU A 469 29.14 13.47 26.71
CA LEU A 469 30.39 13.06 27.35
C LEU A 469 31.43 14.17 27.40
N GLY A 470 31.23 15.21 26.59
CA GLY A 470 32.16 16.32 26.57
C GLY A 470 31.91 17.35 27.65
N ALA A 471 30.73 17.31 28.25
CA ALA A 471 30.35 18.35 29.19
C ALA A 471 30.47 17.90 30.65
N ILE A 472 30.76 16.64 30.87
CA ILE A 472 30.88 16.15 32.24
C ILE A 472 32.33 16.16 32.70
N ASN A 473 32.54 16.53 33.96
CA ASN A 473 33.89 16.63 34.50
C ASN A 473 34.42 15.29 34.97
N ASN A 474 33.57 14.49 35.59
CA ASN A 474 33.93 13.14 35.97
C ASN A 474 32.74 12.19 35.87
N LEU A 475 33.01 10.91 35.74
CA LEU A 475 31.98 9.93 35.44
C LEU A 475 30.93 9.79 36.53
N ASP A 476 31.23 10.31 37.71
CA ASP A 476 30.28 10.19 38.81
C ASP A 476 29.18 11.24 38.70
N GLU A 477 29.37 12.20 37.79
CA GLU A 477 28.32 13.17 37.52
C GLU A 477 27.12 12.50 36.88
N LEU A 478 27.34 11.31 36.34
CA LEU A 478 26.31 10.56 35.65
C LEU A 478 25.23 10.06 36.59
N GLU A 479 25.54 10.01 37.88
CA GLU A 479 24.56 9.57 38.85
C GLU A 479 23.36 10.52 38.86
N GLU A 480 23.65 11.79 39.02
CA GLU A 480 22.64 12.84 38.98
C GLU A 480 21.93 12.89 37.62
N LEU A 481 22.73 12.88 36.56
CA LEU A 481 22.22 13.01 35.21
C LEU A 481 21.31 11.85 34.81
N ALA A 482 21.64 10.65 35.26
CA ALA A 482 20.83 9.48 34.96
C ALA A 482 19.48 9.60 35.63
N ILE A 483 19.47 10.07 36.87
CA ILE A 483 18.24 10.28 37.60
C ILE A 483 17.33 11.24 36.85
N LEU A 484 17.91 12.34 36.39
CA LEU A 484 17.14 13.35 35.66
C LEU A 484 16.66 12.81 34.32
N ALA A 485 17.54 12.18 33.57
CA ALA A 485 17.18 11.66 32.26
C ALA A 485 16.10 10.60 32.34
N VAL A 486 16.31 9.61 33.22
CA VAL A 486 15.39 8.50 33.34
C VAL A 486 14.02 8.98 33.80
N ARG A 487 13.99 9.88 34.78
CA ARG A 487 12.73 10.36 35.31
C ARG A 487 11.98 11.23 34.32
N ALA A 488 12.70 12.03 33.55
CA ALA A 488 12.07 12.87 32.54
C ALA A 488 11.46 12.02 31.44
N LEU A 489 12.22 11.07 30.92
CA LEU A 489 11.74 10.24 29.84
C LEU A 489 10.61 9.33 30.30
N ASP A 490 10.71 8.84 31.53
CA ASP A 490 9.67 7.97 32.06
C ASP A 490 8.35 8.72 32.23
N ALA A 491 8.41 9.98 32.62
CA ALA A 491 7.21 10.79 32.72
C ALA A 491 6.62 11.03 31.35
N LEU A 492 7.46 11.13 30.34
CA LEU A 492 7.01 11.40 28.98
C LEU A 492 6.18 10.24 28.45
N LEU A 493 6.48 9.04 28.90
CA LEU A 493 5.72 7.85 28.51
C LEU A 493 4.26 7.99 28.85
N ASP A 494 3.97 8.62 29.98
CA ASP A 494 2.61 8.82 30.43
C ASP A 494 2.01 10.06 29.79
N TYR A 495 2.88 10.91 29.27
CA TYR A 495 2.48 12.20 28.71
C TYR A 495 2.02 12.09 27.27
N GLN A 496 2.78 11.36 26.47
CA GLN A 496 2.56 11.30 25.03
C GLN A 496 1.30 10.50 24.67
N ASP A 497 0.88 10.63 23.42
CA ASP A 497 -0.29 9.91 22.93
C ASP A 497 0.11 8.65 22.17
N TYR A 498 -0.84 7.73 22.04
CA TYR A 498 -0.60 6.48 21.34
C TYR A 498 -1.72 6.22 20.33
N PRO A 499 -1.43 6.45 19.05
CA PRO A 499 -2.43 6.28 17.99
C PRO A 499 -2.82 4.81 17.75
N ILE A 500 -2.01 3.89 18.24
CA ILE A 500 -2.27 2.48 18.00
C ILE A 500 -2.14 1.71 19.30
N PRO A 501 -3.18 0.93 19.64
CA PRO A 501 -3.26 0.15 20.88
C PRO A 501 -2.08 -0.77 21.12
N ALA A 502 -1.61 -1.46 20.10
CA ALA A 502 -0.48 -2.37 20.26
C ALA A 502 0.76 -1.63 20.70
N ALA A 503 0.88 -0.38 20.28
CA ALA A 503 2.02 0.44 20.64
C ALA A 503 1.92 0.90 22.09
N LYS A 504 0.71 1.23 22.52
CA LYS A 504 0.45 1.63 23.88
C LYS A 504 0.76 0.49 24.85
N ARG A 505 0.41 -0.72 24.43
CA ARG A 505 0.66 -1.90 25.25
C ARG A 505 2.15 -2.08 25.52
N GLY A 506 2.97 -1.97 24.49
CA GLY A 506 4.40 -2.12 24.63
C GLY A 506 5.00 -1.07 25.52
N ALA A 507 4.63 0.19 25.28
CA ALA A 507 5.16 1.31 26.04
C ALA A 507 4.77 1.23 27.51
N MET A 508 3.49 0.96 27.78
CA MET A 508 3.02 0.91 29.15
C MET A 508 3.45 -0.37 29.83
N GLY A 509 3.64 -1.41 29.06
CA GLY A 509 4.00 -2.70 29.59
C GLY A 509 5.47 -2.79 29.96
N ARG A 510 6.34 -2.26 29.09
CA ARG A 510 7.77 -2.42 29.27
C ARG A 510 8.49 -1.13 29.64
N ARG A 511 7.86 0.01 29.34
CA ARG A 511 8.42 1.33 29.64
C ARG A 511 9.87 1.47 29.20
N THR A 512 10.15 1.07 27.98
CA THR A 512 11.51 1.02 27.44
C THR A 512 12.09 2.38 27.09
N LEU A 513 13.31 2.63 27.53
CA LEU A 513 14.02 3.86 27.21
C LEU A 513 15.30 3.54 26.43
N GLY A 514 15.77 4.50 25.65
CA GLY A 514 17.00 4.34 24.92
C GLY A 514 17.86 5.56 25.06
N ILE A 515 18.75 5.58 26.06
CA ILE A 515 19.61 6.72 26.31
C ILE A 515 21.02 6.43 25.84
N GLY A 516 21.60 7.35 25.06
CA GLY A 516 22.92 7.12 24.50
C GLY A 516 23.92 8.20 24.85
N VAL A 517 24.87 8.41 23.95
CA VAL A 517 25.90 9.42 24.14
C VAL A 517 26.13 10.26 22.90
N ILE A 518 26.69 11.45 23.12
CA ILE A 518 27.25 12.28 22.07
C ILE A 518 28.61 12.77 22.54
N ASN A 519 29.39 13.32 21.61
CA ASN A 519 30.71 13.90 21.88
C ASN A 519 31.75 12.86 22.30
N PHE A 520 31.58 11.62 21.85
CA PHE A 520 32.51 10.55 22.20
C PHE A 520 33.90 10.78 21.65
N ALA A 521 33.98 11.28 20.41
CA ALA A 521 35.25 11.54 19.79
C ALA A 521 36.01 12.62 20.54
N TYR A 522 35.31 13.68 20.90
CA TYR A 522 35.86 14.77 21.69
C TYR A 522 36.31 14.26 23.05
N TYR A 523 35.51 13.39 23.64
CA TYR A 523 35.82 12.75 24.90
C TYR A 523 37.14 11.97 24.83
N LEU A 524 37.37 11.29 23.71
CA LEU A 524 38.59 10.53 23.54
C LEU A 524 39.79 11.42 23.35
N ALA A 525 39.64 12.45 22.53
CA ALA A 525 40.73 13.39 22.28
C ALA A 525 41.14 14.09 23.55
N LYS A 526 40.16 14.43 24.37
CA LYS A 526 40.35 15.02 25.69
C LYS A 526 41.29 14.22 26.57
N HIS A 527 41.12 12.91 26.52
CA HIS A 527 41.91 12.01 27.34
C HIS A 527 43.10 11.43 26.61
N GLY A 528 43.37 11.95 25.41
CA GLY A 528 44.52 11.52 24.64
C GLY A 528 44.44 10.10 24.12
N LYS A 529 43.23 9.63 23.87
CA LYS A 529 43.06 8.28 23.32
C LYS A 529 42.60 8.38 21.88
N ARG A 530 42.60 7.24 21.18
CA ARG A 530 42.19 7.20 19.79
C ARG A 530 41.30 5.99 19.50
N TYR A 531 40.65 6.00 18.33
CA TYR A 531 39.76 4.90 17.94
C TYR A 531 40.51 3.66 17.51
N SER A 532 41.58 3.85 16.75
CA SER A 532 42.11 2.78 15.93
C SER A 532 43.21 1.92 16.57
N ASP A 533 43.89 2.43 17.60
CA ASP A 533 45.04 1.70 18.11
C ASP A 533 44.75 0.97 19.43
N GLY A 534 43.48 0.91 19.81
CA GLY A 534 43.08 0.16 20.99
C GLY A 534 43.40 0.89 22.28
N SER A 535 43.87 2.12 22.16
CA SER A 535 44.25 2.89 23.33
C SER A 535 43.05 3.37 24.12
N ALA A 536 41.86 3.26 23.53
CA ALA A 536 40.67 3.76 24.20
C ALA A 536 39.81 2.64 24.79
N ASN A 537 40.26 1.40 24.62
CA ASN A 537 39.49 0.25 25.06
C ASN A 537 39.15 0.28 26.54
N ASN A 538 40.16 0.45 27.38
CA ASN A 538 39.94 0.46 28.82
C ASN A 538 39.15 1.68 29.30
N LEU A 539 39.37 2.83 28.68
CA LEU A 539 38.61 4.02 29.02
C LEU A 539 37.15 3.85 28.67
N THR A 540 36.90 3.25 27.51
CA THR A 540 35.56 2.99 27.03
C THR A 540 34.83 2.04 27.97
N HIS A 541 35.54 1.01 28.42
CA HIS A 541 34.99 0.05 29.36
C HIS A 541 34.57 0.76 30.63
N LYS A 542 35.48 1.57 31.14
CA LYS A 542 35.25 2.37 32.34
C LYS A 542 34.08 3.32 32.14
N THR A 543 34.03 3.94 30.97
CA THR A 543 33.05 4.98 30.70
C THR A 543 31.65 4.41 30.57
N PHE A 544 31.51 3.28 29.90
CA PHE A 544 30.19 2.71 29.66
C PHE A 544 29.74 1.80 30.81
N GLU A 545 30.66 1.39 31.66
CA GLU A 545 30.25 0.77 32.91
C GLU A 545 29.51 1.81 33.75
N ALA A 546 30.07 3.00 33.83
CA ALA A 546 29.50 4.07 34.62
C ALA A 546 28.13 4.46 34.09
N ILE A 547 28.01 4.52 32.77
CA ILE A 547 26.75 4.90 32.14
C ILE A 547 25.65 3.90 32.48
N GLN A 548 25.88 2.62 32.24
CA GLN A 548 24.83 1.64 32.48
C GLN A 548 24.49 1.45 33.95
N TYR A 549 25.49 1.50 34.81
CA TYR A 549 25.30 1.33 36.25
C TYR A 549 24.40 2.42 36.83
N TYR A 550 24.72 3.66 36.52
CA TYR A 550 23.97 4.78 37.05
C TYR A 550 22.58 4.89 36.43
N LEU A 551 22.44 4.45 35.18
CA LEU A 551 21.13 4.36 34.55
C LEU A 551 20.27 3.32 35.27
N LEU A 552 20.84 2.14 35.49
CA LEU A 552 20.14 1.08 36.20
C LEU A 552 19.80 1.51 37.62
N LYS A 553 20.76 2.16 38.28
CA LYS A 553 20.56 2.63 39.65
C LYS A 553 19.43 3.64 39.73
N ALA A 554 19.33 4.49 38.73
CA ALA A 554 18.28 5.48 38.66
C ALA A 554 16.92 4.84 38.45
N SER A 555 16.87 3.87 37.55
CA SER A 555 15.64 3.17 37.22
C SER A 555 15.21 2.27 38.38
N ASN A 556 16.19 1.72 39.07
CA ASN A 556 15.91 0.88 40.22
C ASN A 556 15.30 1.70 41.35
N GLU A 557 15.81 2.89 41.59
CA GLU A 557 15.27 3.74 42.64
C GLU A 557 13.92 4.30 42.25
N LEU A 558 13.72 4.50 40.95
CA LEU A 558 12.44 4.93 40.42
C LEU A 558 11.39 3.85 40.59
N ALA A 559 11.85 2.61 40.58
CA ALA A 559 10.97 1.46 40.78
C ALA A 559 10.54 1.35 42.24
N LYS A 560 11.45 1.65 43.16
CA LYS A 560 11.10 1.69 44.58
C LYS A 560 9.97 2.68 44.81
N GLU A 561 10.07 3.84 44.17
CA GLU A 561 9.19 4.96 44.42
C GLU A 561 7.82 4.78 43.75
N GLN A 562 7.82 4.31 42.51
CA GLN A 562 6.57 4.30 41.75
C GLN A 562 6.15 2.93 41.25
N GLY A 563 6.97 1.91 41.50
CA GLY A 563 6.65 0.57 41.07
C GLY A 563 7.33 0.17 39.78
N ALA A 564 7.74 -1.09 39.69
CA ALA A 564 8.36 -1.60 38.48
C ALA A 564 7.39 -1.64 37.32
N CYS A 565 7.91 -1.71 36.09
CA CYS A 565 7.04 -1.79 34.92
C CYS A 565 6.25 -3.09 34.96
N PRO A 566 4.99 -3.05 34.48
CA PRO A 566 4.07 -4.19 34.53
C PRO A 566 4.65 -5.50 34.02
N TRP A 567 5.47 -5.44 32.97
CA TRP A 567 6.02 -6.66 32.39
C TRP A 567 7.47 -6.87 32.76
N PHE A 568 7.88 -6.40 33.93
CA PHE A 568 9.26 -6.57 34.38
C PHE A 568 9.67 -8.03 34.50
N ASN A 569 8.69 -8.89 34.79
CA ASN A 569 8.95 -10.32 34.98
C ASN A 569 9.46 -11.03 33.73
N GLU A 570 9.34 -10.38 32.58
CA GLU A 570 9.77 -10.98 31.32
C GLU A 570 11.21 -10.61 30.98
N THR A 571 11.85 -9.88 31.89
CA THR A 571 13.22 -9.46 31.69
C THR A 571 14.22 -10.40 32.34
N THR A 572 15.45 -10.38 31.87
CA THR A 572 16.52 -11.13 32.49
C THR A 572 16.86 -10.50 33.84
N TYR A 573 16.68 -9.18 33.93
CA TYR A 573 16.91 -8.45 35.17
C TYR A 573 16.08 -9.01 36.32
N ALA A 574 14.86 -9.44 36.00
CA ALA A 574 13.95 -9.98 37.00
C ALA A 574 14.45 -11.27 37.58
N LYS A 575 15.27 -11.97 36.80
CA LYS A 575 15.83 -13.25 37.24
C LYS A 575 17.25 -13.08 37.77
N GLY A 576 17.60 -11.84 38.09
CA GLY A 576 18.89 -11.56 38.71
C GLY A 576 20.05 -11.59 37.74
N ILE A 577 19.76 -11.40 36.46
CA ILE A 577 20.82 -11.41 35.46
C ILE A 577 21.18 -10.00 35.04
N LEU A 578 22.48 -9.74 34.95
CA LEU A 578 22.96 -8.42 34.58
C LEU A 578 23.76 -8.52 33.28
N PRO A 579 23.93 -7.40 32.56
CA PRO A 579 24.71 -7.41 31.33
C PRO A 579 26.12 -7.94 31.53
N ILE A 580 26.69 -7.70 32.71
CA ILE A 580 28.05 -8.16 32.99
C ILE A 580 28.14 -9.67 33.10
N ASP A 581 27.00 -10.36 33.06
CA ASP A 581 27.00 -11.81 33.14
C ASP A 581 26.98 -12.47 31.77
N THR A 582 26.43 -11.77 30.78
CA THR A 582 26.08 -12.40 29.52
C THR A 582 26.81 -11.83 28.30
N TYR A 583 27.83 -11.02 28.52
CA TYR A 583 28.55 -10.41 27.42
C TYR A 583 29.40 -11.41 26.67
N LYS A 584 29.77 -11.07 25.44
CA LYS A 584 30.62 -11.91 24.62
C LYS A 584 32.01 -12.02 25.25
N LYS A 585 32.40 -13.23 25.61
CA LYS A 585 33.59 -13.45 26.41
C LYS A 585 34.87 -13.01 25.70
N ASP A 586 34.83 -12.91 24.38
CA ASP A 586 36.01 -12.52 23.64
C ASP A 586 36.48 -11.10 23.98
N LEU A 587 35.59 -10.32 24.58
CA LEU A 587 35.94 -8.96 24.99
C LEU A 587 37.06 -8.90 26.03
N ASP A 588 37.21 -9.98 26.79
CA ASP A 588 38.25 -10.07 27.82
C ASP A 588 39.65 -9.99 27.24
N THR A 589 39.80 -10.37 25.98
CA THR A 589 41.11 -10.40 25.35
C THR A 589 41.54 -9.02 24.89
N ILE A 590 40.60 -8.09 24.79
CA ILE A 590 40.91 -6.76 24.29
C ILE A 590 40.68 -5.66 25.31
N ALA A 591 40.31 -6.03 26.52
CA ALA A 591 40.10 -5.04 27.57
C ALA A 591 40.25 -5.67 28.95
N ASN A 592 41.02 -5.02 29.80
CA ASN A 592 41.25 -5.54 31.14
C ASN A 592 40.87 -4.58 32.25
N GLU A 593 40.11 -3.54 31.92
CA GLU A 593 39.65 -2.62 32.93
C GLU A 593 38.69 -3.32 33.88
N PRO A 594 38.93 -3.20 35.20
CA PRO A 594 38.06 -3.82 36.19
C PRO A 594 36.75 -3.06 36.40
N LEU A 595 35.77 -3.70 37.01
CA LEU A 595 34.53 -3.04 37.34
C LEU A 595 34.71 -2.16 38.56
N HIS A 596 34.22 -0.93 38.48
CA HIS A 596 34.44 0.05 39.52
C HIS A 596 33.23 0.27 40.42
N TYR A 597 32.10 -0.34 40.07
CA TYR A 597 30.88 -0.11 40.84
C TYR A 597 30.34 -1.39 41.43
N ASP A 598 29.55 -1.26 42.49
CA ASP A 598 29.01 -2.40 43.21
C ASP A 598 27.83 -3.02 42.49
N TRP A 599 28.11 -3.87 41.51
CA TRP A 599 27.06 -4.48 40.72
C TRP A 599 26.28 -5.52 41.49
N GLU A 600 26.94 -6.16 42.46
CA GLU A 600 26.29 -7.22 43.25
C GLU A 600 25.25 -6.65 44.20
N ALA A 601 25.51 -5.46 44.73
CA ALA A 601 24.52 -4.79 45.55
C ALA A 601 23.34 -4.38 44.67
N LEU A 602 23.63 -3.93 43.47
CA LEU A 602 22.61 -3.54 42.52
C LEU A 602 21.76 -4.73 42.12
N ARG A 603 22.41 -5.88 41.93
CA ARG A 603 21.73 -7.09 41.51
C ARG A 603 20.62 -7.46 42.49
N GLU A 604 20.91 -7.39 43.78
CA GLU A 604 19.93 -7.72 44.80
C GLU A 604 18.86 -6.65 44.90
N SER A 605 19.24 -5.41 44.64
CA SER A 605 18.28 -4.32 44.72
C SER A 605 17.30 -4.38 43.56
N ILE A 606 17.76 -4.90 42.42
CA ILE A 606 16.91 -5.08 41.26
C ILE A 606 16.02 -6.30 41.47
N LYS A 607 16.58 -7.34 42.09
CA LYS A 607 15.81 -8.51 42.44
C LYS A 607 14.65 -8.16 43.37
N THR A 608 14.92 -7.30 44.33
CA THR A 608 13.92 -6.90 45.32
C THR A 608 12.87 -5.93 44.79
N HIS A 609 13.33 -4.86 44.15
CA HIS A 609 12.43 -3.75 43.79
C HIS A 609 12.14 -3.67 42.31
N GLY A 610 12.98 -4.29 41.49
CA GLY A 610 12.78 -4.28 40.05
C GLY A 610 13.29 -3.03 39.38
N LEU A 611 12.94 -2.88 38.11
CA LEU A 611 13.29 -1.70 37.34
C LEU A 611 12.03 -1.03 36.85
N ARG A 612 12.04 0.29 36.82
CA ARG A 612 10.93 1.05 36.25
C ARG A 612 10.89 0.85 34.74
N ASN A 613 12.05 0.58 34.16
CA ASN A 613 12.20 0.46 32.72
C ASN A 613 12.93 -0.81 32.31
N SER A 614 12.41 -1.49 31.29
CA SER A 614 12.99 -2.75 30.83
C SER A 614 14.31 -2.56 30.12
N THR A 615 14.43 -1.46 29.39
CA THR A 615 15.68 -1.09 28.78
C THR A 615 15.97 0.35 29.15
N LEU A 616 17.24 0.71 29.11
CA LEU A 616 17.66 2.06 29.47
C LEU A 616 18.65 2.67 28.48
N SER A 617 19.52 1.86 27.91
CA SER A 617 20.57 2.38 27.05
C SER A 617 20.49 1.89 25.61
N ALA A 618 20.85 2.77 24.69
CA ALA A 618 20.96 2.44 23.27
C ALA A 618 21.75 3.57 22.63
N LEU A 619 22.68 3.26 21.74
CA LEU A 619 23.50 4.30 21.14
C LEU A 619 23.01 4.70 19.74
N MET A 620 22.30 5.81 19.66
CA MET A 620 21.70 6.28 18.42
C MET A 620 22.62 7.25 17.65
N PRO A 621 22.36 7.48 16.35
CA PRO A 621 23.21 8.37 15.55
C PRO A 621 23.22 9.82 16.01
N SER A 622 22.06 10.38 16.33
CA SER A 622 21.98 11.72 16.91
C SER A 622 22.76 12.80 16.17
N GLU A 623 22.44 13.04 14.90
CA GLU A 623 23.13 14.06 14.11
C GLU A 623 22.61 15.49 14.35
N THR A 624 21.31 15.63 14.54
CA THR A 624 20.73 16.95 14.74
C THR A 624 20.91 17.48 16.16
N SER A 625 20.65 16.64 17.15
CA SER A 625 20.75 17.02 18.55
C SER A 625 22.16 17.37 18.95
N SER A 626 23.13 16.73 18.31
CA SER A 626 24.53 16.97 18.60
C SER A 626 24.92 18.41 18.29
N GLN A 627 24.30 18.97 17.25
CA GLN A 627 24.67 20.30 16.79
C GLN A 627 24.33 21.39 17.79
N ILE A 628 23.30 21.14 18.60
CA ILE A 628 22.92 22.09 19.64
C ILE A 628 24.03 22.22 20.68
N SER A 629 24.68 21.10 21.01
CA SER A 629 25.76 21.12 21.99
C SER A 629 27.12 21.37 21.35
N ASN A 630 27.12 21.56 20.05
CA ASN A 630 28.35 21.64 19.26
C ASN A 630 29.24 20.42 19.52
N ALA A 631 28.60 19.27 19.61
CA ALA A 631 29.24 18.02 19.93
C ALA A 631 29.61 17.26 18.69
N THR A 632 30.58 16.36 18.79
CA THR A 632 30.82 15.42 17.71
C THR A 632 29.62 14.46 17.68
N ASN A 633 29.25 13.96 16.50
CA ASN A 633 28.04 13.18 16.34
C ASN A 633 28.08 11.79 16.96
N GLY A 634 27.30 11.57 18.01
CA GLY A 634 27.19 10.27 18.66
C GLY A 634 28.55 9.69 19.02
N ILE A 635 28.81 8.47 18.56
CA ILE A 635 30.09 7.82 18.80
C ILE A 635 31.01 7.91 17.59
N GLU A 636 30.52 8.52 16.51
CA GLU A 636 31.29 8.61 15.28
C GLU A 636 32.39 9.67 15.32
N PRO A 637 33.54 9.38 14.70
CA PRO A 637 34.62 10.37 14.53
C PRO A 637 34.25 11.41 13.47
N PRO A 638 34.66 12.68 13.68
CA PRO A 638 34.34 13.74 12.73
C PRO A 638 35.10 13.58 11.43
N ARG A 639 34.51 14.01 10.33
CA ARG A 639 35.13 13.84 9.04
C ARG A 639 36.19 14.91 8.81
N GLY A 640 36.04 16.03 9.51
CA GLY A 640 36.98 17.12 9.39
C GLY A 640 36.96 17.98 10.63
N TYR A 641 37.95 18.85 10.77
CA TYR A 641 37.98 19.77 11.90
C TYR A 641 36.87 20.80 11.81
N VAL A 642 36.54 21.19 10.58
CA VAL A 642 35.45 22.11 10.34
C VAL A 642 34.52 21.55 9.29
N SER A 643 33.26 21.36 9.64
CA SER A 643 32.30 20.85 8.69
C SER A 643 31.59 21.98 7.95
N ILE A 644 31.48 21.82 6.63
CA ILE A 644 30.79 22.80 5.81
C ILE A 644 29.50 22.20 5.27
N LYS A 645 28.37 22.83 5.59
CA LYS A 645 27.08 22.35 5.12
C LYS A 645 26.29 23.48 4.45
N ALA A 646 25.89 23.24 3.21
CA ALA A 646 25.09 24.21 2.47
C ALA A 646 23.66 24.18 2.95
N SER A 647 23.02 25.34 2.99
CA SER A 647 21.65 25.43 3.50
C SER A 647 20.88 26.57 2.88
N LYS A 648 19.64 26.73 3.31
CA LYS A 648 18.79 27.79 2.82
C LYS A 648 19.34 29.15 3.21
N ASP A 649 19.85 29.25 4.44
CA ASP A 649 20.35 30.52 4.93
C ASP A 649 21.84 30.72 4.62
N GLY A 650 22.38 29.86 3.77
CA GLY A 650 23.77 29.97 3.36
C GLY A 650 24.61 28.80 3.84
N ILE A 651 25.93 29.00 3.87
CA ILE A 651 26.85 27.95 4.28
C ILE A 651 27.16 28.00 5.78
N LEU A 652 26.89 26.90 6.48
CA LEU A 652 27.09 26.81 7.91
C LEU A 652 28.34 26.04 8.29
N ARG A 653 29.29 26.72 8.92
CA ARG A 653 30.54 26.08 9.33
C ARG A 653 30.49 25.70 10.81
N GLN A 654 30.96 24.51 11.13
CA GLN A 654 30.94 24.03 12.50
C GLN A 654 32.28 23.43 12.89
N VAL A 655 32.89 23.95 13.95
CA VAL A 655 34.22 23.50 14.36
C VAL A 655 34.12 22.46 15.46
N VAL A 656 34.94 21.42 15.40
CA VAL A 656 34.99 20.43 16.47
C VAL A 656 35.35 21.11 17.79
N PRO A 657 34.79 20.62 18.90
CA PRO A 657 35.02 21.27 20.19
C PRO A 657 36.49 21.29 20.61
N ASP A 658 36.93 22.45 21.05
CA ASP A 658 38.30 22.71 21.48
C ASP A 658 39.35 22.33 20.45
N TYR A 659 39.14 22.74 19.20
CA TYR A 659 40.13 22.52 18.15
C TYR A 659 41.43 23.20 18.50
N GLU A 660 41.31 24.34 19.17
CA GLU A 660 42.46 25.16 19.51
C GLU A 660 43.53 24.34 20.21
N HIS A 661 43.11 23.47 21.13
CA HIS A 661 44.05 22.70 21.92
C HIS A 661 44.12 21.24 21.56
N LEU A 662 43.22 20.76 20.70
CA LEU A 662 43.14 19.33 20.50
C LEU A 662 43.25 18.87 19.06
N HIS A 663 43.72 19.73 18.17
CA HIS A 663 43.78 19.38 16.75
C HIS A 663 44.59 18.13 16.49
N ASP A 664 45.70 17.96 17.21
CA ASP A 664 46.54 16.78 17.04
C ASP A 664 45.95 15.58 17.76
N ALA A 665 45.12 15.84 18.77
CA ALA A 665 44.55 14.76 19.55
C ALA A 665 43.39 14.07 18.83
N TYR A 666 42.74 14.78 17.93
CA TYR A 666 41.63 14.20 17.18
C TYR A 666 42.12 13.18 16.19
N GLU A 667 41.26 12.21 15.89
CA GLU A 667 41.54 11.24 14.84
C GLU A 667 40.39 11.26 13.85
N LEU A 668 40.55 11.96 12.74
CA LEU A 668 39.50 12.10 11.74
C LEU A 668 39.19 10.75 11.09
N LEU A 669 37.99 10.63 10.51
CA LEU A 669 37.50 9.35 10.01
C LEU A 669 38.43 8.73 8.97
N TRP A 670 38.91 9.53 8.03
CA TRP A 670 39.71 8.98 6.95
C TRP A 670 41.20 8.98 7.28
N GLU A 671 41.53 9.36 8.51
CA GLU A 671 42.89 9.20 9.00
C GLU A 671 43.06 7.81 9.61
N MET A 672 41.98 7.06 9.69
CA MET A 672 42.00 5.74 10.31
C MET A 672 42.43 4.66 9.34
N PRO A 673 43.26 3.72 9.82
CA PRO A 673 43.79 2.61 9.01
C PRO A 673 42.71 1.64 8.55
N GLY A 674 41.75 1.37 9.42
CA GLY A 674 40.67 0.46 9.08
C GLY A 674 39.57 0.49 10.12
N ASN A 675 38.83 -0.60 10.24
CA ASN A 675 37.65 -0.62 11.11
C ASN A 675 37.83 -1.36 12.42
N ASP A 676 38.93 -2.08 12.57
CA ASP A 676 39.15 -2.95 13.74
C ASP A 676 39.07 -2.22 15.07
N GLY A 677 39.80 -1.11 15.19
CA GLY A 677 39.82 -0.35 16.43
C GLY A 677 38.46 0.13 16.86
N TYR A 678 37.70 0.67 15.91
CA TYR A 678 36.36 1.16 16.15
C TYR A 678 35.42 0.04 16.57
N LEU A 679 35.45 -1.06 15.82
CA LEU A 679 34.61 -2.21 16.10
C LEU A 679 34.87 -2.79 17.48
N GLN A 680 36.12 -2.72 17.92
CA GLN A 680 36.45 -3.16 19.27
C GLN A 680 35.79 -2.26 20.31
N LEU A 681 35.83 -0.95 20.07
CA LEU A 681 35.19 -0.01 20.98
C LEU A 681 33.69 -0.23 21.06
N VAL A 682 33.08 -0.49 19.90
CA VAL A 682 31.65 -0.77 19.84
C VAL A 682 31.32 -2.04 20.62
N GLY A 683 32.13 -3.09 20.44
CA GLY A 683 31.95 -4.32 21.19
C GLY A 683 32.03 -4.11 22.69
N ILE A 684 32.99 -3.29 23.12
CA ILE A 684 33.15 -2.97 24.53
C ILE A 684 31.96 -2.16 25.07
N MET A 685 31.47 -1.21 24.28
CA MET A 685 30.25 -0.48 24.61
C MET A 685 29.08 -1.44 24.78
N GLN A 686 28.96 -2.38 23.84
CA GLN A 686 27.84 -3.29 23.78
C GLN A 686 27.77 -4.21 24.99
N LYS A 687 28.89 -4.37 25.68
CA LYS A 687 28.95 -5.13 26.91
C LYS A 687 27.97 -4.59 27.95
N PHE A 688 27.78 -3.28 27.96
CA PHE A 688 26.94 -2.65 28.97
C PHE A 688 25.61 -2.13 28.43
N ILE A 689 25.54 -1.88 27.13
CA ILE A 689 24.34 -1.33 26.49
C ILE A 689 23.19 -2.33 26.41
N ASP A 690 22.02 -1.91 26.88
CA ASP A 690 20.82 -2.75 26.88
C ASP A 690 20.39 -3.19 25.49
N GLN A 691 20.27 -2.23 24.58
CA GLN A 691 19.82 -2.52 23.23
C GLN A 691 21.03 -2.64 22.31
N SER A 692 21.07 -1.86 21.24
CA SER A 692 22.19 -1.95 20.33
C SER A 692 22.84 -0.60 20.03
N ILE A 693 23.65 -0.57 19.00
CA ILE A 693 24.47 0.58 18.64
C ILE A 693 24.43 0.80 17.12
N SER A 694 24.25 2.03 16.69
CA SER A 694 24.24 2.34 15.27
C SER A 694 25.64 2.38 14.71
N ALA A 695 26.26 1.22 14.60
CA ALA A 695 27.66 1.13 14.20
C ALA A 695 27.87 1.24 12.69
N ASN A 696 28.76 2.14 12.28
CA ASN A 696 29.12 2.27 10.87
C ASN A 696 30.41 1.54 10.52
N THR A 697 30.52 1.06 9.30
CA THR A 697 31.80 0.63 8.78
C THR A 697 32.22 1.67 7.75
N ASN A 698 33.52 1.92 7.63
CA ASN A 698 34.00 2.95 6.71
C ASN A 698 35.12 2.43 5.84
N TYR A 699 35.14 2.82 4.57
CA TYR A 699 36.17 2.38 3.65
C TYR A 699 36.62 3.48 2.72
N ASP A 700 37.92 3.60 2.56
CA ASP A 700 38.54 4.50 1.59
C ASP A 700 39.18 3.68 0.49
N PRO A 701 38.59 3.69 -0.72
CA PRO A 701 39.12 2.94 -1.86
C PRO A 701 40.54 3.33 -2.24
N SER A 702 40.94 4.55 -1.90
CA SER A 702 42.29 5.02 -2.18
C SER A 702 43.32 4.20 -1.43
N ARG A 703 42.91 3.65 -0.30
CA ARG A 703 43.83 2.90 0.53
C ARG A 703 44.00 1.46 0.04
N PHE A 704 43.32 1.10 -1.05
CA PHE A 704 43.39 -0.26 -1.58
C PHE A 704 43.93 -0.31 -3.00
N PRO A 705 44.67 -1.37 -3.34
CA PRO A 705 45.14 -1.57 -4.71
C PRO A 705 43.97 -1.65 -5.69
N SER A 706 44.18 -1.10 -6.87
CA SER A 706 43.15 -1.02 -7.92
C SER A 706 42.01 -0.08 -7.53
N GLY A 707 42.14 0.57 -6.37
CA GLY A 707 41.17 1.53 -5.92
C GLY A 707 39.79 0.94 -5.68
N LYS A 708 39.76 -0.33 -5.32
CA LYS A 708 38.51 -1.04 -5.13
C LYS A 708 38.62 -1.88 -3.86
N VAL A 709 37.64 -1.78 -2.98
CA VAL A 709 37.66 -2.52 -1.71
C VAL A 709 37.32 -3.98 -1.91
N PRO A 710 38.28 -4.87 -1.63
CA PRO A 710 38.14 -6.31 -1.86
C PRO A 710 37.12 -6.95 -0.93
N MET A 711 36.48 -8.01 -1.40
CA MET A 711 35.45 -8.70 -0.63
C MET A 711 36.02 -9.32 0.63
N GLN A 712 37.28 -9.71 0.58
CA GLN A 712 37.93 -10.38 1.69
C GLN A 712 37.97 -9.49 2.91
N GLN A 713 38.16 -8.19 2.68
CA GLN A 713 38.22 -7.22 3.77
C GLN A 713 36.84 -6.97 4.33
N LEU A 714 35.84 -6.88 3.46
CA LEU A 714 34.47 -6.68 3.87
C LEU A 714 34.00 -7.81 4.76
N LEU A 715 34.33 -9.04 4.36
CA LEU A 715 33.95 -10.20 5.13
C LEU A 715 34.73 -10.28 6.44
N LYS A 716 36.00 -9.90 6.39
CA LYS A 716 36.84 -9.93 7.59
C LYS A 716 36.29 -9.01 8.66
N ASP A 717 35.93 -7.79 8.28
CA ASP A 717 35.41 -6.81 9.22
C ASP A 717 34.06 -7.25 9.76
N LEU A 718 33.25 -7.88 8.91
CA LEU A 718 31.98 -8.44 9.35
C LEU A 718 32.18 -9.44 10.47
N LEU A 719 33.14 -10.34 10.28
CA LEU A 719 33.41 -11.37 11.28
C LEU A 719 34.04 -10.82 12.54
N THR A 720 34.85 -9.78 12.40
CA THR A 720 35.44 -9.12 13.56
C THR A 720 34.35 -8.54 14.45
N ALA A 721 33.36 -7.92 13.83
CA ALA A 721 32.24 -7.37 14.58
C ALA A 721 31.52 -8.47 15.33
N TYR A 722 31.23 -9.57 14.64
CA TYR A 722 30.53 -10.67 15.28
C TYR A 722 31.32 -11.26 16.45
N LYS A 723 32.63 -11.37 16.27
CA LYS A 723 33.51 -11.95 17.28
C LYS A 723 33.43 -11.22 18.62
N PHE A 724 33.31 -9.90 18.56
CA PHE A 724 33.32 -9.07 19.77
C PHE A 724 31.91 -8.68 20.21
N GLY A 725 30.92 -9.43 19.73
CA GLY A 725 29.57 -9.34 20.21
C GLY A 725 28.70 -8.21 19.68
N VAL A 726 29.17 -7.55 18.62
CA VAL A 726 28.43 -6.49 17.98
C VAL A 726 27.10 -7.02 17.45
N LYS A 727 26.01 -6.39 17.86
CA LYS A 727 24.68 -6.86 17.53
C LYS A 727 24.19 -6.47 16.14
N THR A 728 24.46 -5.23 15.75
CA THR A 728 23.98 -4.72 14.48
C THR A 728 25.04 -3.92 13.74
N LEU A 729 24.88 -3.82 12.42
CA LEU A 729 25.70 -2.94 11.62
C LEU A 729 24.84 -2.00 10.80
N TYR A 730 25.08 -0.71 10.97
CA TYR A 730 24.32 0.33 10.28
C TYR A 730 25.00 0.67 8.95
N TYR A 731 25.18 1.96 8.69
CA TYR A 731 25.78 2.44 7.43
C TYR A 731 27.12 1.79 7.10
N GLN A 732 27.35 1.56 5.81
CA GLN A 732 28.70 1.47 5.30
C GLN A 732 28.99 2.74 4.52
N ASN A 733 29.93 3.52 5.02
CA ASN A 733 30.36 4.73 4.34
C ASN A 733 31.55 4.46 3.43
N THR A 734 31.42 4.81 2.16
CA THR A 734 32.54 4.70 1.25
C THR A 734 32.97 6.08 0.79
N ARG A 735 34.21 6.46 1.09
CA ARG A 735 34.71 7.78 0.69
C ARG A 735 34.75 7.89 -0.83
N ASP A 736 34.27 9.01 -1.38
CA ASP A 736 34.27 9.15 -2.84
C ASP A 736 35.63 9.65 -3.33
N LEU B 5 2.99 -49.37 -36.90
CA LEU B 5 2.16 -50.53 -37.15
C LEU B 5 1.46 -50.98 -35.86
N LEU B 6 2.05 -50.63 -34.72
CA LEU B 6 1.45 -50.96 -33.43
C LEU B 6 1.09 -49.72 -32.61
N VAL B 7 -0.06 -49.76 -31.95
CA VAL B 7 -0.46 -48.68 -31.08
C VAL B 7 -0.40 -49.14 -29.64
N THR B 8 -0.18 -48.21 -28.72
CA THR B 8 -0.20 -48.53 -27.31
C THR B 8 -1.51 -48.11 -26.67
N LYS B 9 -2.21 -49.08 -26.08
CA LYS B 9 -3.50 -48.81 -25.43
C LYS B 9 -3.29 -48.15 -24.06
N ARG B 10 -4.38 -47.70 -23.47
CA ARG B 10 -4.31 -46.99 -22.19
C ARG B 10 -3.76 -47.85 -21.06
N ASP B 11 -4.08 -49.13 -21.07
CA ASP B 11 -3.58 -50.06 -20.07
C ASP B 11 -2.11 -50.39 -20.27
N GLY B 12 -1.58 -50.05 -21.44
CA GLY B 12 -0.18 -50.33 -21.75
C GLY B 12 -0.05 -51.55 -22.63
N SER B 13 -1.17 -52.21 -22.90
CA SER B 13 -1.23 -53.31 -23.84
C SER B 13 -0.98 -52.79 -25.25
N THR B 14 -0.62 -53.68 -26.17
CA THR B 14 -0.44 -53.25 -27.55
C THR B 14 -1.22 -54.06 -28.56
N GLU B 15 -1.64 -53.36 -29.59
CA GLU B 15 -2.36 -53.99 -30.66
C GLU B 15 -2.01 -53.32 -31.98
N ARG B 16 -2.25 -54.03 -33.07
CA ARG B 16 -2.01 -53.51 -34.41
C ARG B 16 -2.87 -52.30 -34.72
N ILE B 17 -2.27 -51.31 -35.36
CA ILE B 17 -2.98 -50.08 -35.71
C ILE B 17 -4.17 -50.40 -36.62
N ASN B 18 -5.29 -49.78 -36.31
CA ASN B 18 -6.50 -50.00 -37.06
C ASN B 18 -7.09 -48.67 -37.45
N LEU B 19 -6.80 -48.26 -38.68
CA LEU B 19 -7.23 -46.97 -39.19
C LEU B 19 -8.75 -46.90 -39.27
N ASP B 20 -9.38 -48.07 -39.37
CA ASP B 20 -10.83 -48.16 -39.40
C ASP B 20 -11.43 -47.76 -38.05
N LYS B 21 -10.73 -48.05 -36.96
CA LYS B 21 -11.18 -47.63 -35.64
C LYS B 21 -11.25 -46.12 -35.54
N ILE B 22 -10.23 -45.45 -36.05
CA ILE B 22 -10.20 -44.00 -36.06
C ILE B 22 -11.29 -43.45 -36.96
N HIS B 23 -11.51 -44.13 -38.09
CA HIS B 23 -12.52 -43.71 -39.05
C HIS B 23 -13.90 -43.70 -38.39
N ARG B 24 -14.16 -44.69 -37.56
CA ARG B 24 -15.41 -44.82 -36.85
C ARG B 24 -15.65 -43.66 -35.89
N VAL B 25 -14.60 -43.28 -35.18
CA VAL B 25 -14.64 -42.17 -34.25
C VAL B 25 -14.91 -40.86 -34.97
N LEU B 26 -14.28 -40.67 -36.12
CA LEU B 26 -14.47 -39.45 -36.89
C LEU B 26 -15.90 -39.33 -37.43
N ASP B 27 -16.49 -40.45 -37.81
CA ASP B 27 -17.87 -40.47 -38.30
C ASP B 27 -18.86 -40.02 -37.23
N TRP B 28 -18.63 -40.43 -35.99
CA TRP B 28 -19.48 -40.01 -34.88
C TRP B 28 -19.50 -38.50 -34.76
N ALA B 29 -18.31 -37.91 -34.78
CA ALA B 29 -18.18 -36.48 -34.66
C ALA B 29 -18.72 -35.75 -35.89
N ALA B 30 -18.65 -36.39 -37.04
CA ALA B 30 -19.00 -35.73 -38.30
C ALA B 30 -20.50 -35.69 -38.60
N GLU B 31 -21.30 -36.35 -37.76
CA GLU B 31 -22.73 -36.47 -38.01
C GLU B 31 -23.44 -35.13 -38.13
N GLY B 32 -24.14 -34.93 -39.23
CA GLY B 32 -24.90 -33.71 -39.43
C GLY B 32 -24.09 -32.53 -39.95
N LEU B 33 -22.80 -32.74 -40.14
CA LEU B 33 -21.92 -31.66 -40.54
C LEU B 33 -21.84 -31.52 -42.06
N HIS B 34 -21.48 -30.32 -42.52
CA HIS B 34 -21.39 -30.03 -43.94
C HIS B 34 -19.99 -29.56 -44.26
N ASN B 35 -19.50 -29.94 -45.44
CA ASN B 35 -18.22 -29.47 -45.94
C ASN B 35 -17.03 -29.96 -45.12
N VAL B 36 -17.21 -31.08 -44.41
CA VAL B 36 -16.09 -31.65 -43.69
C VAL B 36 -15.61 -32.94 -44.34
N SER B 37 -14.30 -33.05 -44.47
CA SER B 37 -13.70 -34.23 -45.07
C SER B 37 -13.00 -35.07 -44.01
N ILE B 38 -13.52 -36.26 -43.77
CA ILE B 38 -12.91 -37.20 -42.85
C ILE B 38 -11.53 -37.59 -43.34
N SER B 39 -11.44 -37.83 -44.64
CA SER B 39 -10.20 -38.25 -45.27
C SER B 39 -9.14 -37.17 -45.18
N GLN B 40 -9.56 -35.92 -45.24
CA GLN B 40 -8.63 -34.81 -45.11
C GLN B 40 -7.97 -34.85 -43.74
N VAL B 41 -8.78 -35.09 -42.73
CA VAL B 41 -8.30 -35.21 -41.35
C VAL B 41 -7.44 -36.45 -41.20
N GLU B 42 -7.86 -37.54 -41.81
CA GLU B 42 -7.10 -38.78 -41.77
C GLU B 42 -5.72 -38.61 -42.41
N LEU B 43 -5.68 -37.90 -43.53
CA LEU B 43 -4.43 -37.71 -44.25
C LEU B 43 -3.45 -36.94 -43.38
N ARG B 44 -3.94 -35.88 -42.76
CA ARG B 44 -3.14 -35.04 -41.89
C ARG B 44 -2.71 -35.77 -40.63
N SER B 45 -3.58 -36.65 -40.14
CA SER B 45 -3.31 -37.38 -38.92
C SER B 45 -2.32 -38.54 -39.05
N HIS B 46 -2.54 -39.36 -40.08
CA HIS B 46 -1.80 -40.62 -40.23
C HIS B 46 -0.31 -40.42 -40.29
N ILE B 47 0.11 -39.35 -40.94
CA ILE B 47 1.53 -39.07 -41.17
C ILE B 47 2.29 -38.87 -39.85
N GLN B 48 1.57 -38.56 -38.78
CA GLN B 48 2.21 -38.31 -37.50
C GLN B 48 2.34 -39.56 -36.63
N PHE B 49 1.87 -40.69 -37.13
CA PHE B 49 1.88 -41.92 -36.34
C PHE B 49 3.23 -42.64 -36.38
N TYR B 50 3.60 -43.19 -35.23
CA TYR B 50 4.85 -43.93 -35.09
C TYR B 50 4.59 -45.21 -34.33
N ASP B 51 5.50 -46.17 -34.45
CA ASP B 51 5.35 -47.45 -33.77
C ASP B 51 5.32 -47.26 -32.26
N GLY B 52 4.24 -47.72 -31.63
CA GLY B 52 4.09 -47.64 -30.19
C GLY B 52 3.44 -46.35 -29.71
N ILE B 53 2.84 -45.60 -30.63
CA ILE B 53 2.20 -44.34 -30.26
C ILE B 53 1.02 -44.62 -29.34
N LYS B 54 0.87 -43.78 -28.31
CA LYS B 54 -0.26 -43.91 -27.40
C LYS B 54 -1.58 -43.61 -28.11
N THR B 55 -2.62 -44.35 -27.76
CA THR B 55 -3.96 -44.10 -28.30
C THR B 55 -4.43 -42.72 -27.85
N SER B 56 -4.01 -42.32 -26.67
CA SER B 56 -4.33 -41.00 -26.16
C SER B 56 -3.73 -39.93 -27.06
N ASP B 57 -2.50 -40.16 -27.51
CA ASP B 57 -1.83 -39.23 -28.40
C ASP B 57 -2.43 -39.26 -29.80
N ILE B 58 -2.93 -40.42 -30.21
CA ILE B 58 -3.65 -40.55 -31.46
C ILE B 58 -4.87 -39.63 -31.46
N HIS B 59 -5.57 -39.63 -30.34
CA HIS B 59 -6.78 -38.82 -30.22
C HIS B 59 -6.47 -37.33 -30.25
N GLU B 60 -5.42 -36.94 -29.56
CA GLU B 60 -4.99 -35.55 -29.57
C GLU B 60 -4.57 -35.11 -30.97
N THR B 61 -4.00 -36.04 -31.73
CA THR B 61 -3.57 -35.78 -33.10
C THR B 61 -4.73 -35.42 -34.00
N ILE B 62 -5.80 -36.20 -33.93
CA ILE B 62 -6.96 -35.97 -34.80
C ILE B 62 -7.78 -34.77 -34.34
N ILE B 63 -7.71 -34.43 -33.06
CA ILE B 63 -8.35 -33.22 -32.58
C ILE B 63 -7.68 -32.00 -33.21
N LYS B 64 -6.36 -31.93 -33.14
CA LYS B 64 -5.64 -30.78 -33.67
C LYS B 64 -5.77 -30.71 -35.20
N ALA B 65 -5.82 -31.86 -35.84
CA ALA B 65 -5.99 -31.93 -37.28
C ALA B 65 -7.31 -31.30 -37.69
N ALA B 66 -8.37 -31.65 -36.96
CA ALA B 66 -9.69 -31.09 -37.22
C ALA B 66 -9.73 -29.61 -36.86
N ALA B 67 -9.06 -29.26 -35.77
CA ALA B 67 -9.02 -27.88 -35.32
C ALA B 67 -8.30 -26.98 -36.32
N ASP B 68 -7.26 -27.51 -36.95
CA ASP B 68 -6.49 -26.77 -37.92
C ASP B 68 -7.30 -26.44 -39.18
N LEU B 69 -8.32 -27.25 -39.44
CA LEU B 69 -9.12 -27.12 -40.66
C LEU B 69 -10.30 -26.18 -40.50
N ILE B 70 -10.43 -25.54 -39.33
CA ILE B 70 -11.46 -24.55 -39.13
C ILE B 70 -11.22 -23.33 -40.01
N SER B 71 -12.21 -22.99 -40.83
CA SER B 71 -12.07 -21.85 -41.74
C SER B 71 -13.43 -21.27 -42.11
N ARG B 72 -13.41 -20.17 -42.85
CA ARG B 72 -14.65 -19.56 -43.33
C ARG B 72 -15.34 -20.50 -44.29
N ASP B 73 -14.54 -21.21 -45.07
CA ASP B 73 -15.05 -22.14 -46.07
C ASP B 73 -15.67 -23.39 -45.44
N ALA B 74 -15.11 -23.81 -44.32
CA ALA B 74 -15.61 -25.00 -43.64
C ALA B 74 -15.73 -24.79 -42.15
N PRO B 75 -16.76 -24.04 -41.73
CA PRO B 75 -16.92 -23.71 -40.31
C PRO B 75 -17.23 -24.91 -39.45
N ASP B 76 -17.84 -25.94 -40.04
CA ASP B 76 -18.28 -27.10 -39.26
C ASP B 76 -17.14 -27.91 -38.67
N TYR B 77 -15.91 -27.61 -39.05
CA TYR B 77 -14.76 -28.25 -38.43
C TYR B 77 -14.68 -27.86 -36.96
N GLN B 78 -15.29 -26.74 -36.60
CA GLN B 78 -15.30 -26.30 -35.21
C GLN B 78 -16.12 -27.25 -34.34
N TYR B 79 -17.07 -27.96 -34.94
CA TYR B 79 -17.86 -28.92 -34.18
C TYR B 79 -17.25 -30.30 -34.26
N LEU B 80 -16.58 -30.59 -35.37
CA LEU B 80 -15.87 -31.85 -35.52
C LEU B 80 -14.78 -31.94 -34.46
N ALA B 81 -13.95 -30.91 -34.41
CA ALA B 81 -12.87 -30.84 -33.43
C ALA B 81 -13.43 -30.89 -32.01
N ALA B 82 -14.50 -30.15 -31.77
CA ALA B 82 -15.12 -30.09 -30.45
C ALA B 82 -15.60 -31.44 -29.97
N ARG B 83 -16.33 -32.15 -30.83
CA ARG B 83 -16.89 -33.44 -30.47
C ARG B 83 -15.80 -34.45 -30.19
N LEU B 84 -14.75 -34.43 -31.02
CA LEU B 84 -13.60 -35.28 -30.77
C LEU B 84 -12.97 -34.95 -29.41
N ALA B 85 -12.88 -33.66 -29.10
CA ALA B 85 -12.34 -33.22 -27.80
C ALA B 85 -13.27 -33.64 -26.65
N ILE B 86 -14.57 -33.56 -26.86
CA ILE B 86 -15.53 -34.04 -25.87
C ILE B 86 -15.36 -35.53 -25.61
N PHE B 87 -15.23 -36.32 -26.68
CA PHE B 87 -15.01 -37.77 -26.59
C PHE B 87 -13.83 -38.06 -25.68
N HIS B 88 -12.75 -37.31 -25.87
CA HIS B 88 -11.53 -37.51 -25.11
C HIS B 88 -11.75 -37.17 -23.64
N LEU B 89 -12.50 -36.10 -23.40
CA LEU B 89 -12.76 -35.66 -22.04
C LEU B 89 -13.61 -36.65 -21.30
N ARG B 90 -14.53 -37.30 -22.00
CA ARG B 90 -15.34 -38.35 -21.39
C ARG B 90 -14.45 -39.46 -20.89
N LYS B 91 -13.52 -39.91 -21.74
CA LYS B 91 -12.58 -40.98 -21.39
C LYS B 91 -11.71 -40.58 -20.21
N LYS B 92 -11.27 -39.33 -20.18
CA LYS B 92 -10.40 -38.86 -19.12
C LYS B 92 -11.09 -38.86 -17.76
N ALA B 93 -12.39 -38.64 -17.77
CA ALA B 93 -13.14 -38.46 -16.53
C ALA B 93 -13.86 -39.72 -16.07
N TYR B 94 -14.35 -40.52 -17.01
CA TYR B 94 -15.22 -41.62 -16.64
C TYR B 94 -14.67 -42.97 -17.08
N GLY B 95 -13.59 -42.95 -17.85
CA GLY B 95 -12.99 -44.17 -18.36
C GLY B 95 -13.76 -44.77 -19.50
N GLN B 96 -14.80 -44.08 -19.94
CA GLN B 96 -15.64 -44.54 -21.03
C GLN B 96 -16.46 -43.37 -21.55
N PHE B 97 -17.18 -43.57 -22.65
CA PHE B 97 -17.91 -42.47 -23.26
C PHE B 97 -19.13 -42.05 -22.44
N GLU B 98 -19.96 -43.01 -22.06
CA GLU B 98 -21.19 -42.71 -21.35
C GLU B 98 -20.91 -42.47 -19.88
N PRO B 99 -21.35 -41.31 -19.37
CA PRO B 99 -21.16 -40.91 -17.97
C PRO B 99 -21.90 -41.82 -17.00
N PRO B 100 -21.41 -41.87 -15.75
CA PRO B 100 -22.08 -42.65 -14.69
C PRO B 100 -23.41 -42.03 -14.29
N ALA B 101 -24.16 -42.73 -13.45
CA ALA B 101 -25.36 -42.15 -12.87
C ALA B 101 -24.99 -40.95 -12.02
N LEU B 102 -25.84 -39.93 -12.06
CA LEU B 102 -25.56 -38.66 -11.38
C LEU B 102 -25.25 -38.85 -9.90
N TYR B 103 -26.08 -39.64 -9.21
CA TYR B 103 -25.89 -39.86 -7.78
C TYR B 103 -24.56 -40.52 -7.49
N ASP B 104 -24.18 -41.48 -8.31
CA ASP B 104 -22.91 -42.16 -8.14
C ASP B 104 -21.75 -41.19 -8.36
N HIS B 105 -21.90 -40.31 -9.35
CA HIS B 105 -20.90 -39.30 -9.63
C HIS B 105 -20.76 -38.35 -8.46
N VAL B 106 -21.88 -37.84 -7.97
CA VAL B 106 -21.88 -36.90 -6.86
C VAL B 106 -21.25 -37.49 -5.60
N VAL B 107 -21.63 -38.72 -5.27
CA VAL B 107 -21.09 -39.39 -4.09
C VAL B 107 -19.56 -39.52 -4.17
N LYS B 108 -19.07 -39.94 -5.33
CA LYS B 108 -17.64 -40.10 -5.56
C LYS B 108 -16.91 -38.77 -5.42
N MET B 109 -17.49 -37.72 -5.99
CA MET B 109 -16.84 -36.43 -6.00
C MET B 109 -16.85 -35.75 -4.63
N VAL B 110 -17.88 -36.01 -3.84
CA VAL B 110 -17.93 -35.48 -2.49
C VAL B 110 -16.86 -36.11 -1.61
N GLU B 111 -16.69 -37.43 -1.76
CA GLU B 111 -15.68 -38.17 -1.02
C GLU B 111 -14.27 -37.70 -1.38
N MET B 112 -14.09 -37.32 -2.63
CA MET B 112 -12.81 -36.81 -3.10
C MET B 112 -12.61 -35.36 -2.68
N GLY B 113 -13.68 -34.73 -2.21
CA GLY B 113 -13.59 -33.36 -1.73
C GLY B 113 -13.73 -32.33 -2.83
N LYS B 114 -14.15 -32.76 -4.01
CA LYS B 114 -14.31 -31.85 -5.14
C LYS B 114 -15.68 -31.18 -5.18
N TYR B 115 -16.70 -31.88 -4.69
CA TYR B 115 -18.04 -31.33 -4.56
C TYR B 115 -18.35 -31.06 -3.10
N ASP B 116 -19.24 -30.12 -2.85
CA ASP B 116 -19.68 -29.76 -1.51
C ASP B 116 -20.65 -30.82 -0.99
N ASN B 117 -20.47 -31.22 0.25
CA ASN B 117 -21.29 -32.26 0.84
C ASN B 117 -22.78 -31.90 0.95
N HIS B 118 -23.09 -30.61 0.92
CA HIS B 118 -24.47 -30.17 1.13
C HIS B 118 -25.38 -30.62 -0.01
N LEU B 119 -24.80 -31.04 -1.11
CA LEU B 119 -25.59 -31.62 -2.19
C LEU B 119 -26.24 -32.92 -1.74
N LEU B 120 -25.52 -33.70 -0.94
CA LEU B 120 -26.04 -34.96 -0.43
C LEU B 120 -26.95 -34.77 0.77
N GLU B 121 -26.87 -33.60 1.40
CA GLU B 121 -27.74 -33.28 2.52
C GLU B 121 -29.07 -32.73 2.04
N ASP B 122 -29.05 -32.00 0.93
CA ASP B 122 -30.22 -31.29 0.46
C ASP B 122 -31.06 -32.08 -0.54
N TYR B 123 -30.45 -33.07 -1.16
CA TYR B 123 -31.13 -33.90 -2.14
C TYR B 123 -30.97 -35.37 -1.79
N THR B 124 -32.10 -36.10 -1.83
CA THR B 124 -32.08 -37.53 -1.60
C THR B 124 -31.56 -38.24 -2.83
N GLU B 125 -31.16 -39.50 -2.66
CA GLU B 125 -30.69 -40.30 -3.76
C GLU B 125 -31.73 -40.38 -4.86
N GLU B 126 -32.99 -40.47 -4.43
CA GLU B 126 -34.09 -40.57 -5.37
C GLU B 126 -34.23 -39.29 -6.17
N GLU B 127 -34.00 -38.16 -5.50
CA GLU B 127 -34.08 -36.87 -6.17
C GLU B 127 -32.97 -36.74 -7.22
N PHE B 128 -31.81 -37.34 -6.95
CA PHE B 128 -30.72 -37.33 -7.93
C PHE B 128 -31.05 -38.19 -9.14
N LYS B 129 -31.78 -39.28 -8.91
CA LYS B 129 -32.24 -40.10 -10.02
C LYS B 129 -33.11 -39.26 -10.93
N GLN B 130 -33.97 -38.44 -10.34
CA GLN B 130 -34.87 -37.57 -11.08
C GLN B 130 -34.10 -36.55 -11.89
N MET B 131 -33.11 -35.94 -11.28
CA MET B 131 -32.32 -34.93 -11.95
C MET B 131 -31.56 -35.54 -13.11
N ASP B 132 -31.16 -36.79 -12.95
CA ASP B 132 -30.43 -37.47 -14.00
C ASP B 132 -31.27 -37.59 -15.26
N THR B 133 -32.59 -37.69 -15.11
CA THR B 133 -33.47 -37.82 -16.25
C THR B 133 -33.65 -36.49 -16.99
N PHE B 134 -33.34 -35.38 -16.32
CA PHE B 134 -33.37 -34.08 -16.98
C PHE B 134 -32.23 -33.98 -17.99
N ILE B 135 -31.10 -34.56 -17.62
CA ILE B 135 -29.86 -34.46 -18.36
C ILE B 135 -29.91 -35.04 -19.78
N ASP B 136 -29.39 -34.27 -20.73
CA ASP B 136 -29.15 -34.75 -22.08
C ASP B 136 -27.67 -34.58 -22.40
N HIS B 137 -26.90 -35.65 -22.20
CA HIS B 137 -25.45 -35.60 -22.42
C HIS B 137 -25.05 -35.32 -23.86
N ASP B 138 -25.98 -35.52 -24.79
CA ASP B 138 -25.73 -35.26 -26.20
C ASP B 138 -25.62 -33.77 -26.47
N ARG B 139 -26.00 -32.95 -25.50
CA ARG B 139 -25.86 -31.51 -25.64
C ARG B 139 -24.38 -31.12 -25.62
N ASP B 140 -23.53 -32.03 -25.18
CA ASP B 140 -22.09 -31.85 -25.26
C ASP B 140 -21.61 -31.76 -26.71
N MET B 141 -22.40 -32.30 -27.63
CA MET B 141 -22.03 -32.29 -29.04
C MET B 141 -22.45 -30.98 -29.70
N THR B 142 -22.96 -30.04 -28.91
CA THR B 142 -23.43 -28.78 -29.46
C THR B 142 -22.44 -27.64 -29.21
N PHE B 143 -21.38 -27.93 -28.46
CA PHE B 143 -20.30 -26.98 -28.24
C PHE B 143 -19.41 -26.79 -29.46
N SER B 144 -18.89 -25.58 -29.65
CA SER B 144 -17.85 -25.38 -30.66
C SER B 144 -16.51 -25.65 -30.00
N TYR B 145 -15.45 -25.72 -30.79
CA TYR B 145 -14.13 -26.08 -30.29
C TYR B 145 -13.59 -25.10 -29.26
N ALA B 146 -13.79 -23.81 -29.49
CA ALA B 146 -13.33 -22.81 -28.52
C ALA B 146 -14.04 -22.97 -27.18
N ALA B 147 -15.34 -23.28 -27.24
CA ALA B 147 -16.13 -23.50 -26.05
C ALA B 147 -15.57 -24.65 -25.23
N VAL B 148 -15.27 -25.75 -25.89
CA VAL B 148 -14.73 -26.91 -25.22
C VAL B 148 -13.38 -26.64 -24.57
N LYS B 149 -12.55 -25.83 -25.22
CA LYS B 149 -11.25 -25.49 -24.67
C LYS B 149 -11.39 -24.65 -23.40
N GLN B 150 -12.36 -23.75 -23.39
CA GLN B 150 -12.62 -22.94 -22.20
C GLN B 150 -13.18 -23.81 -21.07
N LEU B 151 -14.03 -24.76 -21.42
CA LEU B 151 -14.53 -25.74 -20.46
C LEU B 151 -13.38 -26.48 -19.80
N GLU B 152 -12.52 -27.06 -20.62
CA GLU B 152 -11.39 -27.84 -20.14
C GLU B 152 -10.46 -26.99 -19.31
N GLY B 153 -10.30 -25.74 -19.71
CA GLY B 153 -9.37 -24.85 -19.07
C GLY B 153 -9.86 -24.14 -17.81
N LYS B 154 -11.11 -23.70 -17.82
CA LYS B 154 -11.58 -22.82 -16.77
C LYS B 154 -12.73 -23.35 -15.92
N TYR B 155 -13.56 -24.21 -16.49
CA TYR B 155 -14.84 -24.51 -15.85
C TYR B 155 -14.95 -25.89 -15.22
N LEU B 156 -14.58 -26.94 -15.96
CA LEU B 156 -14.72 -28.30 -15.44
C LEU B 156 -13.89 -28.54 -14.19
N VAL B 157 -14.49 -29.18 -13.19
CA VAL B 157 -13.78 -29.53 -11.97
C VAL B 157 -12.64 -30.50 -12.29
N GLN B 158 -11.43 -30.11 -11.92
CA GLN B 158 -10.26 -30.88 -12.31
C GLN B 158 -9.17 -30.79 -11.27
N ASN B 159 -8.20 -31.69 -11.38
CA ASN B 159 -7.00 -31.64 -10.56
C ASN B 159 -5.99 -30.66 -11.15
N ARG B 160 -5.74 -29.56 -10.44
CA ARG B 160 -4.86 -28.51 -10.96
C ARG B 160 -3.40 -28.96 -11.00
N VAL B 161 -3.10 -30.04 -10.29
CA VAL B 161 -1.75 -30.56 -10.26
C VAL B 161 -1.49 -31.49 -11.43
N THR B 162 -2.32 -32.53 -11.53
CA THR B 162 -2.12 -33.56 -12.54
C THR B 162 -2.82 -33.24 -13.85
N GLY B 163 -3.82 -32.37 -13.79
CA GLY B 163 -4.57 -32.00 -14.98
C GLY B 163 -5.78 -32.90 -15.22
N GLU B 164 -5.97 -33.89 -14.35
CA GLU B 164 -7.07 -34.83 -14.47
C GLU B 164 -8.42 -34.15 -14.50
N ILE B 165 -9.23 -34.52 -15.48
CA ILE B 165 -10.57 -33.99 -15.56
C ILE B 165 -11.53 -34.89 -14.79
N TYR B 166 -12.37 -34.30 -13.95
CA TYR B 166 -13.21 -35.07 -13.06
C TYR B 166 -14.68 -35.06 -13.47
N GLU B 167 -15.07 -34.15 -14.35
CA GLU B 167 -16.48 -34.07 -14.72
C GLU B 167 -16.67 -33.71 -16.19
N SER B 168 -17.93 -33.68 -16.61
CA SER B 168 -18.30 -33.26 -17.95
C SER B 168 -19.30 -32.11 -17.86
N ALA B 169 -19.61 -31.50 -19.00
CA ALA B 169 -20.36 -30.25 -19.04
C ALA B 169 -21.77 -30.33 -18.46
N GLN B 170 -22.49 -31.40 -18.79
CA GLN B 170 -23.88 -31.51 -18.37
C GLN B 170 -23.99 -31.73 -16.87
N PHE B 171 -22.99 -32.36 -16.27
CA PHE B 171 -22.95 -32.48 -14.81
C PHE B 171 -22.71 -31.13 -14.15
N LEU B 172 -21.87 -30.30 -14.75
CA LEU B 172 -21.67 -28.94 -14.28
C LEU B 172 -22.98 -28.18 -14.27
N TYR B 173 -23.65 -28.20 -15.42
CA TYR B 173 -24.91 -27.48 -15.60
C TYR B 173 -26.00 -27.91 -14.62
N ILE B 174 -26.21 -29.21 -14.49
CA ILE B 174 -27.27 -29.72 -13.63
C ILE B 174 -26.97 -29.43 -12.16
N LEU B 175 -25.70 -29.41 -11.77
CA LEU B 175 -25.35 -29.22 -10.37
C LEU B 175 -25.21 -27.76 -9.98
N VAL B 176 -24.94 -26.89 -10.93
CA VAL B 176 -25.02 -25.47 -10.67
C VAL B 176 -26.49 -25.13 -10.36
N ALA B 177 -27.37 -25.71 -11.15
CA ALA B 177 -28.81 -25.54 -10.97
C ALA B 177 -29.27 -26.10 -9.63
N ALA B 178 -28.83 -27.31 -9.31
CA ALA B 178 -29.22 -27.97 -8.09
C ALA B 178 -28.79 -27.16 -6.87
N CYS B 179 -27.60 -26.58 -6.92
CA CYS B 179 -27.09 -25.80 -5.81
C CYS B 179 -27.85 -24.49 -5.63
N LEU B 180 -28.02 -23.75 -6.72
CA LEU B 180 -28.67 -22.45 -6.64
C LEU B 180 -30.13 -22.57 -6.22
N PHE B 181 -30.77 -23.69 -6.53
CA PHE B 181 -32.17 -23.83 -6.14
C PHE B 181 -32.36 -24.82 -5.00
N SER B 182 -31.29 -25.15 -4.29
CA SER B 182 -31.36 -26.16 -3.24
C SER B 182 -32.26 -25.77 -2.08
N ASN B 183 -32.40 -24.48 -1.84
CA ASN B 183 -33.17 -24.03 -0.70
C ASN B 183 -34.64 -23.82 -1.03
N TYR B 184 -35.04 -24.17 -2.25
CA TYR B 184 -36.42 -24.02 -2.67
C TYR B 184 -37.31 -25.12 -2.09
N PRO B 185 -38.60 -24.84 -1.88
CA PRO B 185 -39.51 -25.86 -1.38
C PRO B 185 -39.68 -26.98 -2.38
N ARG B 186 -39.85 -28.21 -1.89
CA ARG B 186 -39.93 -29.37 -2.77
C ARG B 186 -41.10 -29.30 -3.74
N GLU B 187 -42.10 -28.51 -3.42
CA GLU B 187 -43.25 -28.34 -4.28
C GLU B 187 -42.84 -27.82 -5.66
N THR B 188 -41.78 -27.03 -5.72
CA THR B 188 -41.39 -26.39 -6.97
C THR B 188 -39.92 -26.57 -7.34
N ARG B 189 -39.14 -27.17 -6.44
CA ARG B 189 -37.69 -27.17 -6.57
C ARG B 189 -37.14 -27.85 -7.82
N LEU B 190 -37.44 -29.13 -8.02
CA LEU B 190 -36.91 -29.85 -9.18
C LEU B 190 -37.44 -29.28 -10.48
N GLN B 191 -38.62 -28.68 -10.44
CA GLN B 191 -39.15 -28.01 -11.61
C GLN B 191 -38.28 -26.82 -11.98
N TYR B 192 -37.82 -26.09 -10.97
CA TYR B 192 -36.93 -24.97 -11.17
C TYR B 192 -35.56 -25.46 -11.62
N VAL B 193 -35.11 -26.57 -11.05
CA VAL B 193 -33.83 -27.15 -11.43
C VAL B 193 -33.84 -27.56 -12.90
N LYS B 194 -34.86 -28.28 -13.34
CA LYS B 194 -34.93 -28.69 -14.73
C LYS B 194 -34.98 -27.49 -15.68
N ARG B 195 -35.84 -26.51 -15.40
CA ARG B 195 -36.00 -25.36 -16.27
C ARG B 195 -34.72 -24.55 -16.40
N PHE B 196 -33.99 -24.41 -15.31
CA PHE B 196 -32.74 -23.66 -15.30
C PHE B 196 -31.63 -24.43 -16.03
N TYR B 197 -31.59 -25.73 -15.82
CA TYR B 197 -30.65 -26.60 -16.52
C TYR B 197 -30.83 -26.51 -18.03
N ASP B 198 -32.07 -26.58 -18.49
CA ASP B 198 -32.37 -26.44 -19.91
C ASP B 198 -31.90 -25.09 -20.44
N ALA B 199 -32.13 -24.03 -19.66
CA ALA B 199 -31.78 -22.68 -20.06
C ALA B 199 -30.27 -22.49 -20.29
N VAL B 200 -29.45 -23.03 -19.39
CA VAL B 200 -28.02 -22.85 -19.50
C VAL B 200 -27.38 -23.84 -20.48
N SER B 201 -27.90 -25.07 -20.50
CA SER B 201 -27.33 -26.09 -21.37
C SER B 201 -27.72 -25.89 -22.84
N THR B 202 -28.74 -25.09 -23.10
CA THR B 202 -29.06 -24.74 -24.47
C THR B 202 -28.65 -23.31 -24.77
N PHE B 203 -27.77 -22.77 -23.94
CA PHE B 203 -27.09 -21.49 -24.17
C PHE B 203 -28.01 -20.30 -24.23
N LYS B 204 -29.12 -20.35 -23.51
CA LYS B 204 -30.03 -19.22 -23.48
C LYS B 204 -29.63 -18.28 -22.36
N ILE B 205 -29.12 -18.83 -21.28
CA ILE B 205 -28.58 -18.05 -20.17
C ILE B 205 -27.09 -18.32 -19.98
N SER B 206 -26.31 -17.25 -19.99
CA SER B 206 -24.88 -17.37 -19.83
C SER B 206 -24.46 -16.94 -18.42
N LEU B 207 -23.64 -17.75 -17.78
CA LEU B 207 -23.21 -17.48 -16.42
C LEU B 207 -21.74 -17.10 -16.34
N PRO B 208 -21.38 -16.27 -15.35
CA PRO B 208 -20.00 -15.83 -15.15
C PRO B 208 -19.05 -16.95 -14.80
N THR B 209 -17.77 -16.75 -15.07
CA THR B 209 -16.72 -17.72 -14.79
C THR B 209 -16.65 -18.18 -13.32
N PRO B 210 -16.70 -17.25 -12.36
CA PRO B 210 -16.61 -17.74 -10.99
C PRO B 210 -17.78 -18.64 -10.58
N ILE B 211 -18.94 -18.47 -11.20
CA ILE B 211 -20.07 -19.34 -10.90
C ILE B 211 -19.93 -20.69 -11.62
N MET B 212 -19.60 -20.65 -12.90
CA MET B 212 -19.40 -21.85 -13.70
C MET B 212 -18.39 -22.81 -13.08
N SER B 213 -17.32 -22.26 -12.53
CA SER B 213 -16.23 -23.06 -11.99
C SER B 213 -16.43 -23.44 -10.53
N GLY B 214 -17.24 -22.66 -9.83
CA GLY B 214 -17.32 -22.74 -8.38
C GLY B 214 -18.58 -23.38 -7.80
N VAL B 215 -19.74 -22.99 -8.30
CA VAL B 215 -21.00 -23.44 -7.70
C VAL B 215 -21.19 -24.95 -7.89
N ARG B 216 -20.91 -25.68 -6.80
CA ARG B 216 -21.03 -27.13 -6.61
C ARG B 216 -19.80 -27.61 -5.84
N THR B 217 -18.78 -26.76 -5.81
CA THR B 217 -17.55 -27.05 -5.09
C THR B 217 -17.61 -26.46 -3.67
N PRO B 218 -16.67 -26.84 -2.80
CA PRO B 218 -16.69 -26.32 -1.44
C PRO B 218 -16.45 -24.81 -1.28
N THR B 219 -16.17 -24.09 -2.36
CA THR B 219 -15.89 -22.67 -2.22
C THR B 219 -17.17 -21.84 -2.09
N ARG B 220 -17.02 -20.62 -1.57
CA ARG B 220 -18.14 -19.69 -1.53
C ARG B 220 -17.72 -18.32 -2.06
N GLN B 221 -16.56 -18.28 -2.71
CA GLN B 221 -16.05 -17.06 -3.32
C GLN B 221 -16.59 -16.90 -4.73
N PHE B 222 -17.60 -16.04 -4.89
CA PHE B 222 -18.23 -15.87 -6.19
C PHE B 222 -18.32 -14.41 -6.62
N SER B 223 -17.83 -13.50 -5.79
CA SER B 223 -17.84 -12.08 -6.10
C SER B 223 -16.68 -11.69 -6.98
N SER B 224 -16.99 -11.10 -8.13
CA SER B 224 -15.94 -10.69 -9.03
C SER B 224 -15.97 -9.20 -9.29
N CYS B 225 -16.91 -8.52 -8.66
CA CYS B 225 -17.19 -7.13 -8.96
C CYS B 225 -17.40 -6.34 -7.67
N VAL B 226 -16.44 -5.47 -7.36
CA VAL B 226 -16.43 -4.74 -6.09
C VAL B 226 -16.28 -3.24 -6.28
N LEU B 227 -17.10 -2.47 -5.58
CA LEU B 227 -17.01 -1.01 -5.64
C LEU B 227 -16.78 -0.43 -4.26
N ILE B 228 -15.66 0.25 -4.07
CA ILE B 228 -15.31 0.82 -2.78
C ILE B 228 -15.11 2.32 -2.87
N GLU B 229 -15.75 3.06 -1.97
CA GLU B 229 -15.58 4.50 -1.89
C GLU B 229 -14.65 4.88 -0.75
N CYS B 230 -13.63 5.65 -1.06
CA CYS B 230 -12.67 6.07 -0.07
C CYS B 230 -12.99 7.46 0.47
N GLY B 231 -13.01 7.59 1.80
CA GLY B 231 -13.20 8.88 2.44
C GLY B 231 -11.90 9.66 2.52
N ASP B 232 -12.01 10.93 2.91
CA ASP B 232 -10.87 11.84 3.00
C ASP B 232 -10.21 11.79 4.37
N SER B 233 -9.72 10.62 4.76
CA SER B 233 -9.08 10.46 6.05
C SER B 233 -8.13 9.28 6.04
N LEU B 234 -7.19 9.26 6.97
CA LEU B 234 -6.24 8.17 7.06
C LEU B 234 -6.92 6.85 7.37
N ASP B 235 -7.89 6.89 8.28
CA ASP B 235 -8.63 5.71 8.68
C ASP B 235 -9.36 5.08 7.51
N SER B 236 -9.93 5.91 6.66
CA SER B 236 -10.68 5.44 5.51
C SER B 236 -9.74 4.93 4.43
N ILE B 237 -8.62 5.63 4.23
CA ILE B 237 -7.65 5.19 3.23
C ILE B 237 -7.07 3.83 3.63
N ASN B 238 -6.79 3.64 4.91
CA ASN B 238 -6.36 2.35 5.41
C ASN B 238 -7.45 1.30 5.25
N ALA B 239 -8.67 1.63 5.63
CA ALA B 239 -9.78 0.70 5.48
C ALA B 239 -9.98 0.26 4.02
N THR B 240 -9.92 1.23 3.11
CA THR B 240 -10.09 0.96 1.70
C THR B 240 -8.99 0.05 1.18
N SER B 241 -7.76 0.33 1.61
CA SER B 241 -6.60 -0.45 1.22
C SER B 241 -6.75 -1.90 1.67
N SER B 242 -7.14 -2.10 2.92
CA SER B 242 -7.35 -3.43 3.46
C SER B 242 -8.43 -4.20 2.70
N ALA B 243 -9.53 -3.51 2.41
CA ALA B 243 -10.63 -4.12 1.68
C ALA B 243 -10.18 -4.54 0.30
N ILE B 244 -9.42 -3.69 -0.37
CA ILE B 244 -8.90 -4.01 -1.69
C ILE B 244 -8.09 -5.29 -1.70
N VAL B 245 -7.15 -5.39 -0.76
CA VAL B 245 -6.28 -6.54 -0.63
C VAL B 245 -7.07 -7.82 -0.48
N LYS B 246 -8.07 -7.79 0.39
CA LYS B 246 -8.91 -8.95 0.62
C LYS B 246 -9.66 -9.40 -0.62
N TYR B 247 -10.18 -8.47 -1.39
CA TYR B 247 -10.98 -8.83 -2.56
C TYR B 247 -10.16 -9.21 -3.78
N VAL B 248 -8.98 -8.61 -3.94
CA VAL B 248 -8.15 -9.00 -5.07
C VAL B 248 -7.54 -10.36 -4.78
N SER B 249 -7.49 -10.76 -3.52
CA SER B 249 -7.00 -12.10 -3.20
C SER B 249 -8.04 -13.16 -3.60
N GLN B 250 -9.28 -12.71 -3.79
CA GLN B 250 -10.32 -13.59 -4.31
C GLN B 250 -10.56 -13.31 -5.78
N ARG B 251 -9.63 -12.62 -6.42
CA ARG B 251 -9.66 -12.34 -7.85
C ARG B 251 -10.83 -11.46 -8.30
N ALA B 252 -11.33 -10.60 -7.43
CA ALA B 252 -12.36 -9.66 -7.80
C ALA B 252 -11.76 -8.42 -8.49
N GLY B 253 -12.49 -7.85 -9.44
CA GLY B 253 -12.13 -6.58 -10.05
C GLY B 253 -12.59 -5.46 -9.13
N ILE B 254 -11.85 -4.36 -9.10
CA ILE B 254 -12.14 -3.28 -8.15
C ILE B 254 -12.46 -1.95 -8.81
N GLY B 255 -13.46 -1.27 -8.30
CA GLY B 255 -13.75 0.10 -8.66
C GLY B 255 -13.52 0.98 -7.44
N ILE B 256 -12.57 1.92 -7.54
CA ILE B 256 -12.20 2.74 -6.39
C ILE B 256 -12.58 4.19 -6.58
N ASN B 257 -13.41 4.72 -5.70
CA ASN B 257 -13.68 6.14 -5.72
C ASN B 257 -12.73 6.87 -4.78
N ALA B 258 -11.81 7.64 -5.36
CA ALA B 258 -10.84 8.36 -4.55
C ALA B 258 -10.95 9.87 -4.73
N GLY B 259 -12.05 10.32 -5.31
CA GLY B 259 -12.23 11.73 -5.63
C GLY B 259 -12.42 12.63 -4.43
N ARG B 260 -12.76 12.04 -3.28
CA ARG B 260 -13.00 12.80 -2.06
C ARG B 260 -11.71 13.28 -1.41
N ILE B 261 -10.62 12.55 -1.65
CA ILE B 261 -9.33 12.89 -1.06
C ILE B 261 -8.86 14.29 -1.45
N ARG B 262 -8.55 15.13 -0.47
CA ARG B 262 -8.25 16.54 -0.70
C ARG B 262 -6.93 16.72 -1.44
N ALA B 263 -6.78 17.87 -2.08
CA ALA B 263 -5.67 18.07 -2.99
C ALA B 263 -4.37 18.35 -2.26
N LEU B 264 -3.28 18.12 -2.97
CA LEU B 264 -1.95 18.45 -2.51
C LEU B 264 -1.88 19.89 -2.01
N GLY B 265 -1.38 20.07 -0.79
CA GLY B 265 -1.22 21.40 -0.23
C GLY B 265 -2.35 21.83 0.69
N SER B 266 -3.44 21.07 0.71
CA SER B 266 -4.57 21.39 1.58
C SER B 266 -4.17 21.33 3.06
N PRO B 267 -4.67 22.27 3.87
CA PRO B 267 -4.41 22.24 5.31
C PRO B 267 -5.09 21.06 6.01
N ILE B 268 -4.42 20.53 7.02
CA ILE B 268 -4.95 19.44 7.83
C ILE B 268 -5.10 19.89 9.28
N ARG B 269 -6.27 19.65 9.85
CA ARG B 269 -6.59 20.08 11.20
C ARG B 269 -6.34 21.56 11.39
N GLY B 270 -6.70 22.34 10.38
CA GLY B 270 -6.60 23.79 10.45
C GLY B 270 -5.21 24.34 10.20
N GLY B 271 -4.29 23.49 9.77
CA GLY B 271 -2.96 23.93 9.45
C GLY B 271 -1.87 23.27 10.29
N GLU B 272 -2.27 22.32 11.12
CA GLU B 272 -1.30 21.55 11.90
C GLU B 272 -0.40 20.76 10.96
N ALA B 273 -0.94 20.37 9.82
CA ALA B 273 -0.17 19.70 8.77
C ALA B 273 -0.71 20.11 7.41
N PHE B 274 -0.01 19.75 6.35
CA PHE B 274 -0.49 20.04 5.01
C PHE B 274 -0.43 18.81 4.14
N HIS B 275 -1.48 18.61 3.35
CA HIS B 275 -1.63 17.41 2.53
C HIS B 275 -0.50 17.25 1.51
N THR B 276 -0.01 16.03 1.34
CA THR B 276 1.11 15.78 0.45
C THR B 276 0.67 15.17 -0.88
N GLY B 277 -0.63 15.18 -1.14
CA GLY B 277 -1.14 14.84 -2.45
C GLY B 277 -1.87 13.53 -2.59
N CYS B 278 -2.72 13.46 -3.61
CA CYS B 278 -3.49 12.26 -3.89
C CYS B 278 -2.64 11.15 -4.44
N ILE B 279 -1.65 11.51 -5.23
CA ILE B 279 -0.85 10.52 -5.95
C ILE B 279 -0.13 9.51 -5.06
N PRO B 280 0.47 9.94 -3.94
CA PRO B 280 1.06 8.91 -3.07
C PRO B 280 0.04 7.89 -2.59
N PHE B 281 -1.19 8.34 -2.36
CA PHE B 281 -2.25 7.43 -1.93
C PHE B 281 -2.73 6.55 -3.07
N TYR B 282 -2.75 7.05 -4.30
CA TYR B 282 -3.10 6.23 -5.45
C TYR B 282 -2.08 5.10 -5.59
N LYS B 283 -0.82 5.41 -5.35
CA LYS B 283 0.25 4.42 -5.42
C LYS B 283 0.03 3.32 -4.39
N HIS B 284 -0.50 3.69 -3.23
CA HIS B 284 -0.78 2.75 -2.16
C HIS B 284 -1.95 1.83 -2.50
N PHE B 285 -2.94 2.36 -3.20
CA PHE B 285 -4.05 1.53 -3.69
C PHE B 285 -3.54 0.58 -4.76
N GLN B 286 -2.65 1.05 -5.62
CA GLN B 286 -2.09 0.20 -6.68
C GLN B 286 -1.34 -0.99 -6.11
N THR B 287 -0.51 -0.77 -5.10
CA THR B 287 0.22 -1.89 -4.50
C THR B 287 -0.72 -2.81 -3.76
N ALA B 288 -1.85 -2.30 -3.32
CA ALA B 288 -2.85 -3.15 -2.71
C ALA B 288 -3.51 -4.03 -3.75
N VAL B 289 -3.83 -3.46 -4.90
CA VAL B 289 -4.46 -4.17 -6.00
C VAL B 289 -3.54 -5.26 -6.55
N LYS B 290 -2.25 -4.96 -6.61
CA LYS B 290 -1.26 -5.89 -7.16
C LYS B 290 -0.59 -6.75 -6.08
N SER B 291 -1.12 -6.67 -4.86
CA SER B 291 -0.49 -7.32 -3.72
C SER B 291 -0.48 -8.84 -3.83
N CYS B 292 -1.47 -9.39 -4.52
CA CYS B 292 -1.59 -10.84 -4.64
C CYS B 292 -1.35 -11.30 -6.06
N SER B 293 -0.48 -10.59 -6.76
CA SER B 293 -0.16 -10.90 -8.15
C SER B 293 1.34 -11.06 -8.32
N GLN B 294 1.73 -11.99 -9.19
CA GLN B 294 3.11 -12.11 -9.61
C GLN B 294 3.22 -11.78 -11.08
N GLY B 295 4.01 -10.78 -11.42
CA GLY B 295 4.18 -10.42 -12.81
C GLY B 295 3.12 -9.41 -13.20
N GLY B 296 3.05 -9.06 -14.48
CA GLY B 296 2.05 -8.11 -14.90
C GLY B 296 1.00 -8.70 -15.81
N VAL B 297 1.09 -10.01 -16.06
CA VAL B 297 0.12 -10.69 -16.88
C VAL B 297 -1.14 -10.88 -16.05
N ARG B 298 -2.20 -10.19 -16.45
CA ARG B 298 -3.50 -10.28 -15.78
C ARG B 298 -3.35 -9.83 -14.33
N GLY B 299 -3.75 -10.70 -13.40
CA GLY B 299 -3.67 -10.40 -11.98
C GLY B 299 -4.64 -9.33 -11.53
N GLY B 300 -4.28 -8.64 -10.44
CA GLY B 300 -5.13 -7.61 -9.86
C GLY B 300 -5.48 -6.50 -10.81
N ALA B 301 -6.76 -6.12 -10.82
CA ALA B 301 -7.25 -5.09 -11.72
C ALA B 301 -8.17 -4.09 -11.02
N ALA B 302 -7.94 -2.80 -11.24
CA ALA B 302 -8.76 -1.78 -10.63
C ALA B 302 -8.94 -0.56 -11.54
N THR B 303 -10.08 0.11 -11.39
CA THR B 303 -10.34 1.40 -12.02
C THR B 303 -10.60 2.43 -10.92
N LEU B 304 -9.91 3.56 -11.00
CA LEU B 304 -10.04 4.61 -10.00
C LEU B 304 -10.77 5.84 -10.54
N PHE B 305 -11.66 6.41 -9.73
CA PHE B 305 -12.55 7.48 -10.20
C PHE B 305 -12.32 8.80 -9.48
N TYR B 306 -12.37 9.89 -10.22
CA TYR B 306 -12.24 11.23 -9.67
C TYR B 306 -12.98 12.24 -10.53
N PRO B 307 -13.41 13.37 -9.93
CA PRO B 307 -14.10 14.39 -10.70
C PRO B 307 -13.17 15.23 -11.57
N MET B 308 -13.69 15.73 -12.68
CA MET B 308 -12.89 16.51 -13.61
C MET B 308 -12.41 17.84 -13.01
N TRP B 309 -13.17 18.38 -12.07
CA TRP B 309 -12.84 19.67 -11.48
C TRP B 309 -11.92 19.56 -10.27
N HIS B 310 -11.39 18.37 -10.01
CA HIS B 310 -10.48 18.18 -8.89
C HIS B 310 -9.23 19.01 -9.10
N LEU B 311 -8.69 19.56 -8.03
CA LEU B 311 -7.57 20.50 -8.14
C LEU B 311 -6.35 19.86 -8.77
N GLU B 312 -6.18 18.56 -8.57
CA GLU B 312 -5.00 17.87 -9.09
C GLU B 312 -5.27 17.17 -10.41
N VAL B 313 -6.39 17.48 -11.05
CA VAL B 313 -6.86 16.73 -12.21
C VAL B 313 -5.84 16.69 -13.34
N GLU B 314 -5.04 17.74 -13.49
CA GLU B 314 -4.07 17.77 -14.58
C GLU B 314 -2.96 16.77 -14.34
N SER B 315 -2.66 16.51 -13.08
CA SER B 315 -1.63 15.55 -12.70
C SER B 315 -2.16 14.13 -12.78
N LEU B 316 -3.46 13.98 -12.51
CA LEU B 316 -4.11 12.67 -12.46
C LEU B 316 -4.37 12.09 -13.84
N LEU B 317 -4.67 12.95 -14.80
CA LEU B 317 -4.99 12.52 -16.15
C LEU B 317 -3.81 11.86 -16.86
N VAL B 318 -2.59 12.17 -16.44
CA VAL B 318 -1.42 11.66 -17.14
C VAL B 318 -0.72 10.52 -16.41
N LEU B 319 -1.39 9.95 -15.42
CA LEU B 319 -0.80 8.90 -14.60
C LEU B 319 -0.47 7.61 -15.33
N LYS B 320 -0.93 7.47 -16.58
CA LYS B 320 -0.75 6.21 -17.30
C LYS B 320 0.26 6.23 -18.44
N ASN B 321 0.56 7.39 -19.02
CA ASN B 321 1.41 7.41 -20.19
C ASN B 321 2.83 6.99 -19.85
N ASN B 322 3.51 6.41 -20.84
CA ASN B 322 4.79 5.76 -20.63
C ASN B 322 5.93 6.73 -20.35
N ARG B 323 5.72 8.01 -20.63
CA ARG B 323 6.75 9.01 -20.33
C ARG B 323 6.65 9.39 -18.87
N GLY B 324 7.32 10.47 -18.49
CA GLY B 324 7.33 10.91 -17.11
C GLY B 324 8.14 9.98 -16.23
N VAL B 325 8.25 10.33 -14.95
CA VAL B 325 9.01 9.53 -14.01
C VAL B 325 8.12 8.73 -13.08
N GLU B 326 8.70 7.83 -12.30
CA GLU B 326 7.92 6.99 -11.41
C GLU B 326 7.15 7.82 -10.39
N GLY B 327 7.65 8.99 -10.06
CA GLY B 327 7.04 9.83 -9.04
C GLY B 327 5.69 10.40 -9.42
N ASN B 328 5.49 10.65 -10.71
CA ASN B 328 4.23 11.23 -11.17
C ASN B 328 3.45 10.27 -12.06
N ARG B 329 3.69 8.97 -11.87
CA ARG B 329 3.01 7.95 -12.64
C ARG B 329 2.49 6.83 -11.74
N VAL B 330 1.26 6.42 -11.99
CA VAL B 330 0.66 5.26 -11.36
C VAL B 330 0.02 4.45 -12.48
N ARG B 331 0.82 3.63 -13.15
CA ARG B 331 0.46 3.11 -14.47
C ARG B 331 -0.37 1.85 -14.51
N HIS B 332 -0.42 1.09 -13.43
CA HIS B 332 -1.02 -0.25 -13.49
C HIS B 332 -2.45 -0.26 -12.99
N MET B 333 -3.08 0.90 -13.00
CA MET B 333 -4.52 0.96 -12.78
C MET B 333 -5.14 1.76 -13.90
N ASP B 334 -6.45 1.61 -14.08
CA ASP B 334 -7.17 2.42 -15.04
C ASP B 334 -7.94 3.52 -14.31
N TYR B 335 -8.38 4.53 -15.04
CA TYR B 335 -9.01 5.69 -14.41
C TYR B 335 -10.29 6.11 -15.10
N GLY B 336 -11.24 6.61 -14.31
CA GLY B 336 -12.49 7.09 -14.82
C GLY B 336 -12.70 8.54 -14.44
N VAL B 337 -12.75 9.42 -15.44
CA VAL B 337 -13.00 10.83 -15.20
C VAL B 337 -14.49 11.10 -15.10
N GLN B 338 -14.89 11.80 -14.04
CA GLN B 338 -16.29 12.07 -13.79
C GLN B 338 -16.69 13.45 -14.28
N ILE B 339 -17.68 13.50 -15.18
CA ILE B 339 -18.07 14.74 -15.84
C ILE B 339 -19.58 14.98 -15.73
N ASN B 340 -20.01 16.24 -15.74
CA ASN B 340 -21.43 16.55 -15.74
C ASN B 340 -21.74 17.63 -16.77
N LYS B 341 -22.98 18.13 -16.77
CA LYS B 341 -23.42 19.04 -17.81
C LYS B 341 -22.62 20.33 -17.83
N LEU B 342 -22.36 20.89 -16.66
CA LEU B 342 -21.68 22.17 -16.60
C LEU B 342 -20.32 22.13 -17.27
N MET B 343 -19.59 21.04 -17.07
CA MET B 343 -18.29 20.87 -17.70
C MET B 343 -18.42 20.93 -19.20
N TYR B 344 -19.37 20.17 -19.75
CA TYR B 344 -19.61 20.14 -21.18
C TYR B 344 -20.07 21.50 -21.72
N THR B 345 -20.83 22.21 -20.92
CA THR B 345 -21.30 23.54 -21.27
C THR B 345 -20.12 24.48 -21.44
N ARG B 346 -19.22 24.46 -20.47
CA ARG B 346 -18.02 25.29 -20.52
C ARG B 346 -17.19 24.94 -21.74
N LEU B 347 -17.21 23.66 -22.12
CA LEU B 347 -16.49 23.22 -23.30
C LEU B 347 -17.08 23.85 -24.56
N LEU B 348 -18.39 23.76 -24.70
CA LEU B 348 -19.07 24.28 -25.87
C LEU B 348 -18.97 25.80 -25.96
N LYS B 349 -19.12 26.46 -24.83
CA LYS B 349 -19.07 27.91 -24.78
C LYS B 349 -17.65 28.42 -24.95
N GLY B 350 -16.69 27.52 -24.88
CA GLY B 350 -15.29 27.89 -24.98
C GLY B 350 -14.85 28.71 -23.79
N GLU B 351 -15.48 28.46 -22.64
CA GLU B 351 -15.13 29.18 -21.43
C GLU B 351 -14.12 28.40 -20.59
N ASP B 352 -13.98 28.79 -19.32
CA ASP B 352 -13.01 28.18 -18.43
C ASP B 352 -13.65 27.18 -17.49
N ILE B 353 -12.83 26.26 -16.99
CA ILE B 353 -13.23 25.37 -15.92
C ILE B 353 -12.38 25.67 -14.69
N THR B 354 -13.04 25.85 -13.55
CA THR B 354 -12.32 26.13 -12.32
C THR B 354 -12.08 24.84 -11.56
N LEU B 355 -10.88 24.68 -11.01
CA LEU B 355 -10.50 23.49 -10.30
C LEU B 355 -10.53 23.72 -8.80
N PHE B 356 -11.18 22.83 -8.07
CA PHE B 356 -11.25 22.92 -6.62
C PHE B 356 -10.75 21.65 -5.93
N SER B 357 -10.28 21.82 -4.70
CA SER B 357 -10.14 20.69 -3.80
C SER B 357 -11.48 20.52 -3.11
N PRO B 358 -12.03 19.29 -3.12
CA PRO B 358 -13.35 19.06 -2.54
C PRO B 358 -13.46 19.47 -1.07
N SER B 359 -12.32 19.60 -0.40
CA SER B 359 -12.30 19.99 1.00
C SER B 359 -12.54 21.49 1.20
N ASP B 360 -12.42 22.25 0.12
CA ASP B 360 -12.54 23.70 0.20
C ASP B 360 -13.90 24.21 -0.29
N VAL B 361 -14.73 23.30 -0.80
CA VAL B 361 -16.00 23.67 -1.40
C VAL B 361 -17.17 22.88 -0.80
N PRO B 362 -17.70 23.35 0.33
CA PRO B 362 -18.78 22.69 1.07
C PRO B 362 -19.99 22.39 0.21
N GLY B 363 -20.39 21.13 0.18
CA GLY B 363 -21.59 20.71 -0.51
C GLY B 363 -21.43 20.56 -2.00
N LEU B 364 -20.29 20.99 -2.53
CA LEU B 364 -20.07 20.99 -3.97
C LEU B 364 -19.93 19.56 -4.50
N TYR B 365 -19.24 18.72 -3.74
CA TYR B 365 -19.00 17.34 -4.16
C TYR B 365 -20.29 16.54 -4.20
N ASP B 366 -21.12 16.70 -3.17
CA ASP B 366 -22.38 15.98 -3.11
C ASP B 366 -23.32 16.38 -4.24
N ALA B 367 -23.41 17.68 -4.52
CA ALA B 367 -24.30 18.19 -5.55
C ALA B 367 -23.87 17.72 -6.93
N PHE B 368 -22.56 17.52 -7.09
CA PHE B 368 -21.98 17.05 -8.34
C PHE B 368 -22.66 15.78 -8.84
N PHE B 369 -23.14 14.98 -7.91
CA PHE B 369 -23.78 13.71 -8.26
C PHE B 369 -25.29 13.78 -8.16
N ALA B 370 -25.79 14.51 -7.17
CA ALA B 370 -27.21 14.41 -6.82
C ALA B 370 -28.08 15.57 -7.32
N ASP B 371 -27.49 16.75 -7.52
CA ASP B 371 -28.28 17.94 -7.79
C ASP B 371 -27.58 18.92 -8.72
N GLN B 372 -27.86 18.82 -10.01
CA GLN B 372 -27.16 19.63 -11.00
C GLN B 372 -27.45 21.11 -10.83
N GLU B 373 -28.68 21.43 -10.45
CA GLU B 373 -29.08 22.82 -10.26
C GLU B 373 -28.32 23.42 -9.09
N GLU B 374 -28.25 22.69 -8.00
CA GLU B 374 -27.52 23.13 -6.82
C GLU B 374 -26.02 23.19 -7.09
N PHE B 375 -25.52 22.26 -7.89
CA PHE B 375 -24.11 22.27 -8.25
C PHE B 375 -23.74 23.56 -8.96
N GLU B 376 -24.54 23.96 -9.94
CA GLU B 376 -24.25 25.17 -10.70
C GLU B 376 -24.28 26.39 -9.79
N ARG B 377 -25.19 26.39 -8.83
CA ARG B 377 -25.25 27.49 -7.90
C ARG B 377 -23.99 27.62 -7.07
N LEU B 378 -23.56 26.51 -6.49
CA LEU B 378 -22.38 26.48 -5.63
C LEU B 378 -21.10 26.72 -6.42
N TYR B 379 -21.03 26.14 -7.61
CA TYR B 379 -19.84 26.26 -8.46
C TYR B 379 -19.59 27.71 -8.84
N THR B 380 -20.65 28.41 -9.25
CA THR B 380 -20.51 29.81 -9.62
C THR B 380 -20.26 30.69 -8.41
N LYS B 381 -20.81 30.29 -7.27
CA LYS B 381 -20.60 31.01 -6.02
C LYS B 381 -19.14 30.98 -5.62
N TYR B 382 -18.54 29.79 -5.69
CA TYR B 382 -17.17 29.60 -5.27
C TYR B 382 -16.17 30.11 -6.30
N GLU B 383 -16.61 30.20 -7.55
CA GLU B 383 -15.80 30.77 -8.61
C GLU B 383 -15.58 32.26 -8.41
N LYS B 384 -16.55 32.90 -7.75
CA LYS B 384 -16.51 34.34 -7.56
C LYS B 384 -15.91 34.70 -6.21
N ASP B 385 -15.67 33.68 -5.38
CA ASP B 385 -15.08 33.88 -4.08
C ASP B 385 -13.57 33.84 -4.20
N ASP B 386 -12.90 34.91 -3.79
CA ASP B 386 -11.46 35.00 -3.96
C ASP B 386 -10.72 34.39 -2.78
N SER B 387 -11.42 34.23 -1.66
CA SER B 387 -10.81 33.61 -0.48
C SER B 387 -10.59 32.11 -0.69
N ILE B 388 -11.36 31.51 -1.58
CA ILE B 388 -11.29 30.09 -1.81
C ILE B 388 -10.22 29.71 -2.83
N ARG B 389 -9.35 28.77 -2.44
CA ARG B 389 -8.29 28.28 -3.30
C ARG B 389 -8.84 27.67 -4.59
N LYS B 390 -8.23 28.01 -5.72
CA LYS B 390 -8.74 27.54 -6.99
C LYS B 390 -7.70 27.67 -8.10
N GLN B 391 -8.02 27.14 -9.27
CA GLN B 391 -7.18 27.28 -10.46
C GLN B 391 -8.05 27.29 -11.71
N ARG B 392 -7.73 28.17 -12.64
CA ARG B 392 -8.50 28.29 -13.87
C ARG B 392 -7.78 27.54 -14.98
N VAL B 393 -8.52 26.74 -15.73
CA VAL B 393 -7.95 26.12 -16.92
C VAL B 393 -8.97 26.25 -18.04
N LYS B 394 -8.46 26.34 -19.27
CA LYS B 394 -9.33 26.45 -20.42
C LYS B 394 -10.04 25.11 -20.63
N ALA B 395 -11.36 25.15 -20.76
CA ALA B 395 -12.18 23.94 -20.88
C ALA B 395 -11.75 23.10 -22.07
N VAL B 396 -11.36 23.76 -23.15
CA VAL B 396 -10.90 23.05 -24.33
C VAL B 396 -9.61 22.30 -24.06
N GLU B 397 -8.71 22.96 -23.34
CA GLU B 397 -7.43 22.37 -22.99
C GLU B 397 -7.59 21.17 -22.07
N LEU B 398 -8.50 21.28 -21.11
CA LEU B 398 -8.69 20.21 -20.14
C LEU B 398 -9.32 18.97 -20.76
N PHE B 399 -10.36 19.17 -21.56
CA PHE B 399 -11.01 18.05 -22.22
C PHE B 399 -10.05 17.37 -23.19
N SER B 400 -9.26 18.18 -23.89
CA SER B 400 -8.32 17.67 -24.88
C SER B 400 -7.24 16.80 -24.24
N LEU B 401 -6.77 17.21 -23.07
CA LEU B 401 -5.76 16.45 -22.35
C LEU B 401 -6.30 15.09 -21.94
N MET B 402 -7.53 15.09 -21.44
CA MET B 402 -8.20 13.87 -21.05
C MET B 402 -8.31 12.95 -22.25
N MET B 403 -8.83 13.46 -23.35
CA MET B 403 -9.02 12.65 -24.55
C MET B 403 -7.68 12.25 -25.17
N GLN B 404 -6.67 13.06 -24.96
CA GLN B 404 -5.34 12.73 -25.44
C GLN B 404 -4.82 11.49 -24.76
N GLU B 405 -5.01 11.42 -23.45
CA GLU B 405 -4.52 10.30 -22.65
C GLU B 405 -5.41 9.09 -22.82
N ARG B 406 -6.69 9.32 -23.06
CA ARG B 406 -7.62 8.25 -23.37
C ARG B 406 -7.24 7.57 -24.67
N ALA B 407 -6.82 8.36 -25.65
CA ALA B 407 -6.51 7.82 -26.95
C ALA B 407 -5.25 6.96 -26.92
N SER B 408 -4.19 7.48 -26.31
CA SER B 408 -2.90 6.80 -26.37
C SER B 408 -2.83 5.56 -25.51
N THR B 409 -3.59 5.54 -24.42
CA THR B 409 -3.61 4.39 -23.53
C THR B 409 -4.86 3.56 -23.69
N GLY B 410 -5.95 4.18 -24.11
CA GLY B 410 -7.21 3.47 -24.29
C GLY B 410 -7.89 3.19 -22.98
N ARG B 411 -7.30 3.63 -21.88
CA ARG B 411 -7.75 3.22 -20.56
C ARG B 411 -8.07 4.40 -19.64
N ILE B 412 -8.34 5.57 -20.21
CA ILE B 412 -8.88 6.67 -19.44
C ILE B 412 -10.36 6.76 -19.75
N TYR B 413 -11.21 6.46 -18.78
CA TYR B 413 -12.62 6.30 -19.01
C TYR B 413 -13.44 7.55 -18.65
N ILE B 414 -14.67 7.60 -19.12
CA ILE B 414 -15.57 8.72 -18.82
C ILE B 414 -16.79 8.22 -18.06
N GLN B 415 -17.15 8.94 -17.01
CA GLN B 415 -18.41 8.71 -16.34
C GLN B 415 -19.21 10.01 -16.28
N ASN B 416 -20.36 10.01 -16.93
CA ASN B 416 -21.27 11.15 -16.90
C ASN B 416 -22.16 11.04 -15.68
N VAL B 417 -21.74 11.66 -14.59
CA VAL B 417 -22.37 11.40 -13.30
C VAL B 417 -23.79 11.96 -13.16
N ASP B 418 -24.11 12.98 -13.96
CA ASP B 418 -25.47 13.50 -13.93
C ASP B 418 -26.44 12.49 -14.58
N HIS B 419 -26.07 11.94 -15.73
CA HIS B 419 -26.87 10.91 -16.37
C HIS B 419 -27.03 9.68 -15.47
N CYS B 420 -26.02 9.41 -14.65
CA CYS B 420 -26.07 8.25 -13.76
C CYS B 420 -27.05 8.43 -12.61
N ASN B 421 -27.52 9.65 -12.39
CA ASN B 421 -28.41 9.91 -11.27
C ASN B 421 -29.75 10.51 -11.66
N THR B 422 -29.83 11.14 -12.82
CA THR B 422 -31.13 11.63 -13.27
C THR B 422 -31.92 10.49 -13.90
N HIS B 423 -31.20 9.56 -14.52
CA HIS B 423 -31.79 8.37 -15.09
C HIS B 423 -31.29 7.15 -14.34
N SER B 424 -31.89 6.87 -13.19
CA SER B 424 -31.36 5.86 -12.31
C SER B 424 -32.42 5.22 -11.42
N PRO B 425 -32.17 3.96 -11.02
CA PRO B 425 -33.06 3.29 -10.07
C PRO B 425 -32.92 3.80 -8.63
N PHE B 426 -32.00 4.71 -8.37
CA PHE B 426 -31.79 5.16 -7.00
C PHE B 426 -32.11 6.63 -6.81
N ASP B 427 -32.66 6.94 -5.65
CA ASP B 427 -32.89 8.31 -5.22
C ASP B 427 -31.54 8.93 -4.87
N PRO B 428 -31.09 9.91 -5.68
CA PRO B 428 -29.77 10.55 -5.53
C PRO B 428 -29.61 11.27 -4.21
N ALA B 429 -30.73 11.62 -3.57
CA ALA B 429 -30.70 12.33 -2.30
C ALA B 429 -30.40 11.38 -1.15
N ILE B 430 -30.68 10.11 -1.37
CA ILE B 430 -30.52 9.09 -0.34
C ILE B 430 -29.39 8.13 -0.68
N ALA B 431 -29.33 7.71 -1.94
CA ALA B 431 -28.36 6.72 -2.36
C ALA B 431 -27.79 7.05 -3.74
N PRO B 432 -26.95 8.08 -3.81
CA PRO B 432 -26.41 8.47 -5.12
C PRO B 432 -25.42 7.48 -5.72
N VAL B 433 -25.27 7.55 -7.02
CA VAL B 433 -24.27 6.76 -7.71
C VAL B 433 -23.06 7.65 -7.99
N ARG B 434 -21.95 7.35 -7.34
CA ARG B 434 -20.79 8.23 -7.41
C ARG B 434 -19.56 7.56 -7.98
N GLN B 435 -19.71 6.38 -8.55
CA GLN B 435 -18.59 5.68 -9.15
C GLN B 435 -19.09 4.53 -9.99
N SER B 436 -18.16 3.79 -10.59
CA SER B 436 -18.50 2.58 -11.31
C SER B 436 -17.52 1.48 -10.93
N ASN B 437 -17.47 0.42 -11.72
CA ASN B 437 -16.56 -0.67 -11.43
C ASN B 437 -15.39 -0.72 -12.39
N LEU B 438 -14.72 -1.86 -12.43
CA LEU B 438 -13.56 -2.03 -13.31
C LEU B 438 -13.90 -1.81 -14.79
N CYS B 439 -15.04 -2.30 -15.24
CA CYS B 439 -15.38 -2.27 -16.67
C CYS B 439 -16.47 -1.27 -17.00
N LEU B 440 -16.86 -0.49 -16.01
CA LEU B 440 -17.75 0.65 -16.19
C LEU B 440 -19.17 0.34 -16.62
N GLU B 441 -19.69 -0.83 -16.26
CA GLU B 441 -21.08 -1.13 -16.53
C GLU B 441 -21.90 -1.11 -15.24
N ILE B 442 -21.22 -1.14 -14.10
CA ILE B 442 -21.89 -1.18 -12.82
C ILE B 442 -22.05 0.19 -12.21
N ALA B 443 -23.27 0.52 -11.79
CA ALA B 443 -23.55 1.81 -11.19
C ALA B 443 -24.42 1.65 -9.95
N LEU B 444 -23.78 1.63 -8.78
CA LEU B 444 -24.44 1.33 -7.52
C LEU B 444 -24.00 2.29 -6.41
N PRO B 445 -24.80 2.42 -5.34
CA PRO B 445 -24.47 3.25 -4.18
C PRO B 445 -23.37 2.69 -3.29
N THR B 446 -22.60 3.58 -2.69
CA THR B 446 -21.52 3.18 -1.80
C THR B 446 -21.44 4.13 -0.63
N LYS B 447 -20.76 3.69 0.42
CA LYS B 447 -20.50 4.54 1.57
C LYS B 447 -19.13 4.20 2.14
N PRO B 448 -18.26 5.21 2.31
CA PRO B 448 -16.89 4.98 2.78
C PRO B 448 -16.83 4.31 4.16
N LEU B 449 -15.75 3.56 4.39
CA LEU B 449 -15.53 2.88 5.64
C LEU B 449 -14.52 3.62 6.51
N ASN B 450 -14.70 3.59 7.83
CA ASN B 450 -13.68 4.17 8.72
C ASN B 450 -12.82 3.07 9.35
N ASP B 451 -13.11 1.83 8.98
CA ASP B 451 -12.37 0.66 9.42
C ASP B 451 -12.76 -0.48 8.50
N VAL B 452 -11.86 -1.47 8.33
CA VAL B 452 -12.12 -2.55 7.40
C VAL B 452 -13.40 -3.30 7.79
N ASN B 453 -13.70 -3.33 9.07
CA ASN B 453 -14.90 -4.00 9.54
C ASN B 453 -15.97 -3.03 9.99
N ASP B 454 -15.91 -1.80 9.49
CA ASP B 454 -16.94 -0.83 9.77
C ASP B 454 -18.27 -1.34 9.25
N GLU B 455 -19.24 -1.44 10.14
CA GLU B 455 -20.55 -1.96 9.76
C GLU B 455 -21.47 -0.85 9.26
N ASN B 456 -20.94 0.37 9.22
CA ASN B 456 -21.72 1.50 8.72
C ASN B 456 -21.34 1.88 7.30
N GLY B 457 -20.28 1.29 6.79
CA GLY B 457 -19.86 1.54 5.43
C GLY B 457 -20.63 0.67 4.46
N GLU B 458 -20.57 1.01 3.18
CA GLU B 458 -21.24 0.20 2.19
C GLU B 458 -20.37 -0.02 0.95
N ILE B 459 -19.99 -1.27 0.74
CA ILE B 459 -19.28 -1.70 -0.45
C ILE B 459 -20.28 -2.34 -1.39
N ALA B 460 -20.34 -1.86 -2.63
CA ALA B 460 -21.29 -2.37 -3.60
C ALA B 460 -20.78 -3.64 -4.28
N LEU B 461 -21.63 -4.66 -4.32
CA LEU B 461 -21.34 -5.88 -5.07
C LEU B 461 -22.39 -6.08 -6.12
N CYS B 462 -22.10 -6.87 -7.13
CA CYS B 462 -23.12 -7.18 -8.09
C CYS B 462 -22.90 -8.55 -8.70
N THR B 463 -23.99 -9.32 -8.79
CA THR B 463 -23.94 -10.64 -9.39
C THR B 463 -24.39 -10.57 -10.84
N LEU B 464 -23.60 -11.15 -11.73
CA LEU B 464 -23.80 -10.96 -13.15
C LEU B 464 -24.36 -12.18 -13.88
N SER B 465 -24.89 -11.92 -15.07
CA SER B 465 -25.31 -12.96 -16.01
C SER B 465 -25.74 -12.29 -17.30
N ALA B 466 -26.05 -13.09 -18.31
CA ALA B 466 -26.41 -12.54 -19.59
C ALA B 466 -27.41 -13.39 -20.35
N PHE B 467 -28.28 -12.75 -21.11
CA PHE B 467 -29.14 -13.46 -22.05
C PHE B 467 -28.42 -13.59 -23.39
N ASN B 468 -28.52 -14.75 -24.01
CA ASN B 468 -27.95 -14.97 -25.33
C ASN B 468 -29.00 -14.65 -26.39
N LEU B 469 -28.92 -13.46 -26.96
CA LEU B 469 -29.89 -12.98 -27.93
C LEU B 469 -29.93 -13.82 -29.21
N GLY B 470 -28.90 -14.64 -29.42
CA GLY B 470 -28.85 -15.49 -30.59
C GLY B 470 -29.62 -16.79 -30.42
N ALA B 471 -29.91 -17.15 -29.18
CA ALA B 471 -30.51 -18.45 -28.90
C ALA B 471 -32.01 -18.36 -28.65
N ILE B 472 -32.55 -17.15 -28.61
CA ILE B 472 -33.97 -16.99 -28.37
C ILE B 472 -34.71 -16.84 -29.71
N ASN B 473 -35.90 -17.42 -29.80
CA ASN B 473 -36.65 -17.36 -31.06
C ASN B 473 -37.46 -16.09 -31.19
N ASN B 474 -38.07 -15.66 -30.09
CA ASN B 474 -38.74 -14.38 -30.06
C ASN B 474 -38.63 -13.78 -28.67
N LEU B 475 -38.87 -12.47 -28.57
CA LEU B 475 -38.61 -11.74 -27.34
C LEU B 475 -39.49 -12.19 -26.16
N ASP B 476 -40.56 -12.93 -26.42
CA ASP B 476 -41.44 -13.37 -25.33
C ASP B 476 -40.85 -14.54 -24.56
N GLU B 477 -39.81 -15.17 -25.10
CA GLU B 477 -39.12 -16.22 -24.38
C GLU B 477 -38.42 -15.65 -23.14
N LEU B 478 -38.21 -14.34 -23.15
CA LEU B 478 -37.50 -13.67 -22.07
C LEU B 478 -38.28 -13.67 -20.76
N GLU B 479 -39.59 -13.88 -20.83
CA GLU B 479 -40.38 -13.96 -19.60
C GLU B 479 -39.90 -15.12 -18.75
N GLU B 480 -39.84 -16.29 -19.36
CA GLU B 480 -39.33 -17.49 -18.73
C GLU B 480 -37.88 -17.34 -18.29
N LEU B 481 -37.04 -16.87 -19.21
CA LEU B 481 -35.62 -16.72 -18.93
C LEU B 481 -35.32 -15.71 -17.83
N ALA B 482 -36.09 -14.62 -17.77
CA ALA B 482 -35.88 -13.62 -16.73
C ALA B 482 -36.22 -14.20 -15.37
N ILE B 483 -37.31 -14.92 -15.28
CA ILE B 483 -37.71 -15.60 -14.05
C ILE B 483 -36.61 -16.52 -13.54
N LEU B 484 -36.04 -17.31 -14.43
CA LEU B 484 -34.97 -18.24 -14.09
C LEU B 484 -33.69 -17.51 -13.70
N ALA B 485 -33.29 -16.54 -14.50
CA ALA B 485 -32.06 -15.82 -14.22
C ALA B 485 -32.16 -15.05 -12.90
N VAL B 486 -33.24 -14.29 -12.74
CA VAL B 486 -33.39 -13.47 -11.55
C VAL B 486 -33.46 -14.32 -10.27
N ARG B 487 -34.17 -15.44 -10.33
CA ARG B 487 -34.30 -16.30 -9.15
C ARG B 487 -33.00 -17.00 -8.81
N ALA B 488 -32.25 -17.43 -9.81
CA ALA B 488 -30.97 -18.09 -9.60
C ALA B 488 -29.93 -17.17 -8.96
N LEU B 489 -29.78 -15.96 -9.51
CA LEU B 489 -28.83 -15.00 -8.99
C LEU B 489 -29.22 -14.49 -7.62
N ASP B 490 -30.52 -14.31 -7.41
CA ASP B 490 -31.01 -13.85 -6.11
C ASP B 490 -30.73 -14.90 -5.04
N ALA B 491 -30.83 -16.17 -5.41
CA ALA B 491 -30.49 -17.25 -4.49
C ALA B 491 -29.00 -17.28 -4.19
N LEU B 492 -28.18 -16.90 -5.17
CA LEU B 492 -26.73 -16.92 -5.00
C LEU B 492 -26.29 -15.90 -3.95
N LEU B 493 -27.03 -14.80 -3.85
CA LEU B 493 -26.75 -13.77 -2.86
C LEU B 493 -26.77 -14.31 -1.44
N ASP B 494 -27.67 -15.26 -1.19
CA ASP B 494 -27.75 -15.85 0.15
C ASP B 494 -26.76 -16.99 0.28
N TYR B 495 -26.27 -17.46 -0.85
CA TYR B 495 -25.38 -18.60 -0.92
C TYR B 495 -23.91 -18.22 -0.69
N GLN B 496 -23.47 -17.14 -1.34
CA GLN B 496 -22.08 -16.76 -1.33
C GLN B 496 -21.64 -16.21 0.02
N ASP B 497 -20.33 -16.12 0.22
CA ASP B 497 -19.77 -15.58 1.44
C ASP B 497 -19.33 -14.13 1.26
N TYR B 498 -19.22 -13.41 2.37
CA TYR B 498 -18.85 -12.01 2.35
C TYR B 498 -17.69 -11.73 3.30
N PRO B 499 -16.49 -11.53 2.74
CA PRO B 499 -15.31 -11.30 3.56
C PRO B 499 -15.34 -10.00 4.35
N ILE B 500 -16.20 -9.06 3.94
CA ILE B 500 -16.26 -7.75 4.57
C ILE B 500 -17.69 -7.35 4.86
N PRO B 501 -17.97 -6.97 6.11
CA PRO B 501 -19.31 -6.59 6.57
C PRO B 501 -19.98 -5.52 5.71
N ALA B 502 -19.22 -4.52 5.27
CA ALA B 502 -19.74 -3.45 4.44
C ALA B 502 -20.24 -3.96 3.10
N ALA B 503 -19.61 -5.02 2.61
CA ALA B 503 -20.02 -5.61 1.34
C ALA B 503 -21.31 -6.37 1.50
N LYS B 504 -21.44 -7.08 2.61
CA LYS B 504 -22.63 -7.83 2.92
C LYS B 504 -23.84 -6.92 3.09
N ARG B 505 -23.62 -5.76 3.71
CA ARG B 505 -24.69 -4.80 3.92
C ARG B 505 -25.36 -4.39 2.61
N GLY B 506 -24.55 -4.06 1.61
CA GLY B 506 -25.05 -3.68 0.31
C GLY B 506 -25.79 -4.81 -0.39
N ALA B 507 -25.19 -5.98 -0.36
CA ALA B 507 -25.76 -7.16 -1.00
C ALA B 507 -27.09 -7.54 -0.38
N MET B 508 -27.14 -7.55 0.94
CA MET B 508 -28.36 -7.92 1.65
C MET B 508 -29.39 -6.79 1.65
N GLY B 509 -28.90 -5.56 1.57
CA GLY B 509 -29.80 -4.43 1.60
C GLY B 509 -30.48 -4.16 0.27
N ARG B 510 -29.71 -4.24 -0.81
CA ARG B 510 -30.21 -3.85 -2.12
C ARG B 510 -30.40 -5.03 -3.07
N ARG B 511 -29.70 -6.12 -2.79
CA ARG B 511 -29.75 -7.34 -3.59
C ARG B 511 -29.61 -7.05 -5.07
N THR B 512 -28.64 -6.21 -5.41
CA THR B 512 -28.51 -5.73 -6.77
C THR B 512 -27.97 -6.80 -7.70
N LEU B 513 -28.60 -6.90 -8.87
CA LEU B 513 -28.19 -7.83 -9.91
C LEU B 513 -27.79 -7.06 -11.15
N GLY B 514 -26.95 -7.67 -11.98
CA GLY B 514 -26.53 -7.08 -13.22
C GLY B 514 -26.60 -8.08 -14.34
N ILE B 515 -27.72 -8.13 -15.04
CA ILE B 515 -27.91 -9.08 -16.13
C ILE B 515 -27.83 -8.37 -17.47
N GLY B 516 -27.01 -8.89 -18.38
CA GLY B 516 -26.79 -8.26 -19.67
C GLY B 516 -27.10 -9.15 -20.85
N VAL B 517 -26.42 -8.92 -21.96
CA VAL B 517 -26.64 -9.72 -23.16
C VAL B 517 -25.34 -10.15 -23.84
N ILE B 518 -25.42 -11.21 -24.62
CA ILE B 518 -24.35 -11.56 -25.53
C ILE B 518 -24.99 -11.87 -26.89
N ASN B 519 -24.15 -11.96 -27.92
CA ASN B 519 -24.57 -12.28 -29.29
C ASN B 519 -25.42 -11.20 -29.94
N PHE B 520 -25.21 -9.96 -29.52
CA PHE B 520 -25.98 -8.85 -30.08
C PHE B 520 -25.70 -8.65 -31.57
N ALA B 521 -24.43 -8.77 -31.98
CA ALA B 521 -24.07 -8.61 -33.39
C ALA B 521 -24.73 -9.66 -34.26
N TYR B 522 -24.70 -10.90 -33.77
CA TYR B 522 -25.35 -12.00 -34.45
C TYR B 522 -26.86 -11.78 -34.55
N TYR B 523 -27.44 -11.28 -33.46
CA TYR B 523 -28.84 -10.93 -33.40
C TYR B 523 -29.23 -9.88 -34.45
N LEU B 524 -28.37 -8.87 -34.64
CA LEU B 524 -28.65 -7.84 -35.63
C LEU B 524 -28.57 -8.38 -37.05
N ALA B 525 -27.54 -9.17 -37.33
CA ALA B 525 -27.37 -9.77 -38.65
C ALA B 525 -28.52 -10.71 -38.98
N LYS B 526 -28.96 -11.47 -37.98
CA LYS B 526 -30.11 -12.35 -38.11
C LYS B 526 -31.33 -11.60 -38.61
N HIS B 527 -31.53 -10.39 -38.12
CA HIS B 527 -32.68 -9.59 -38.48
C HIS B 527 -32.38 -8.61 -39.60
N GLY B 528 -31.21 -8.75 -40.20
CA GLY B 528 -30.82 -7.94 -41.34
C GLY B 528 -30.57 -6.49 -41.03
N LYS B 529 -30.14 -6.21 -39.81
CA LYS B 529 -29.84 -4.85 -39.39
C LYS B 529 -28.33 -4.64 -39.23
N ARG B 530 -27.91 -3.39 -39.06
CA ARG B 530 -26.50 -3.06 -38.90
C ARG B 530 -26.28 -2.02 -37.80
N TYR B 531 -25.04 -1.87 -37.37
CA TYR B 531 -24.69 -0.94 -36.30
C TYR B 531 -24.68 0.52 -36.71
N SER B 532 -24.18 0.79 -37.90
CA SER B 532 -23.71 2.13 -38.21
C SER B 532 -24.71 3.06 -38.88
N ASP B 533 -25.76 2.51 -39.50
CA ASP B 533 -26.66 3.33 -40.31
C ASP B 533 -27.99 3.64 -39.65
N GLY B 534 -28.13 3.31 -38.37
CA GLY B 534 -29.33 3.64 -37.64
C GLY B 534 -30.50 2.72 -37.96
N SER B 535 -30.24 1.68 -38.73
CA SER B 535 -31.28 0.75 -39.15
C SER B 535 -31.71 -0.19 -38.04
N ALA B 536 -30.91 -0.25 -36.98
CA ALA B 536 -31.18 -1.17 -35.90
C ALA B 536 -31.76 -0.47 -34.67
N ASN B 537 -31.99 0.83 -34.78
CA ASN B 537 -32.47 1.62 -33.65
C ASN B 537 -33.77 1.11 -33.05
N ASN B 538 -34.79 0.96 -33.89
CA ASN B 538 -36.07 0.51 -33.37
C ASN B 538 -36.06 -0.93 -32.90
N LEU B 539 -35.30 -1.78 -33.56
CA LEU B 539 -35.17 -3.16 -33.12
C LEU B 539 -34.53 -3.22 -31.75
N THR B 540 -33.52 -2.39 -31.55
CA THR B 540 -32.81 -2.31 -30.28
C THR B 540 -33.75 -1.84 -29.17
N HIS B 541 -34.57 -0.85 -29.48
CA HIS B 541 -35.57 -0.33 -28.56
C HIS B 541 -36.55 -1.43 -28.17
N LYS B 542 -37.07 -2.12 -29.16
CA LYS B 542 -38.00 -3.23 -28.96
C LYS B 542 -37.37 -4.31 -28.11
N THR B 543 -36.11 -4.61 -28.38
CA THR B 543 -35.43 -5.72 -27.75
C THR B 543 -35.11 -5.48 -26.28
N PHE B 544 -34.68 -4.28 -25.95
CA PHE B 544 -34.28 -3.99 -24.58
C PHE B 544 -35.45 -3.54 -23.72
N GLU B 545 -36.56 -3.18 -24.34
CA GLU B 545 -37.80 -2.99 -23.60
C GLU B 545 -38.23 -4.34 -23.03
N ALA B 546 -38.19 -5.36 -23.87
CA ALA B 546 -38.59 -6.69 -23.47
C ALA B 546 -37.70 -7.24 -22.36
N ILE B 547 -36.40 -6.99 -22.46
CA ILE B 547 -35.43 -7.44 -21.48
C ILE B 547 -35.71 -6.82 -20.12
N GLN B 548 -35.80 -5.50 -20.05
CA GLN B 548 -36.02 -4.82 -18.79
C GLN B 548 -37.41 -5.08 -18.21
N TYR B 549 -38.43 -5.13 -19.07
CA TYR B 549 -39.79 -5.37 -18.62
C TYR B 549 -39.90 -6.71 -17.93
N TYR B 550 -39.39 -7.75 -18.57
CA TYR B 550 -39.47 -9.10 -18.06
C TYR B 550 -38.55 -9.30 -16.86
N LEU B 551 -37.44 -8.59 -16.83
CA LEU B 551 -36.58 -8.63 -15.65
C LEU B 551 -37.30 -8.05 -14.44
N LEU B 552 -37.91 -6.88 -14.62
CA LEU B 552 -38.68 -6.23 -13.57
C LEU B 552 -39.88 -7.06 -13.15
N LYS B 553 -40.55 -7.64 -14.13
CA LYS B 553 -41.71 -8.47 -13.87
C LYS B 553 -41.31 -9.68 -13.05
N ALA B 554 -40.15 -10.25 -13.34
CA ALA B 554 -39.65 -11.40 -12.62
C ALA B 554 -39.29 -11.04 -11.19
N SER B 555 -38.61 -9.92 -11.02
CA SER B 555 -38.18 -9.45 -9.71
C SER B 555 -39.37 -9.00 -8.87
N ASN B 556 -40.37 -8.43 -9.53
CA ASN B 556 -41.59 -8.00 -8.87
C ASN B 556 -42.36 -9.20 -8.31
N GLU B 557 -42.41 -10.28 -9.07
CA GLU B 557 -43.12 -11.48 -8.64
C GLU B 557 -42.36 -12.22 -7.54
N LEU B 558 -41.04 -12.13 -7.58
CA LEU B 558 -40.21 -12.70 -6.53
C LEU B 558 -40.39 -11.92 -5.24
N ALA B 559 -40.73 -10.64 -5.35
CA ALA B 559 -41.00 -9.81 -4.19
C ALA B 559 -42.36 -10.17 -3.56
N LYS B 560 -43.35 -10.49 -4.38
CA LYS B 560 -44.62 -10.98 -3.85
C LYS B 560 -44.40 -12.21 -2.99
N GLU B 561 -43.55 -13.10 -3.50
CA GLU B 561 -43.33 -14.41 -2.90
C GLU B 561 -42.40 -14.35 -1.68
N GLN B 562 -41.32 -13.60 -1.77
CA GLN B 562 -40.31 -13.66 -0.72
C GLN B 562 -40.01 -12.34 -0.04
N GLY B 563 -40.67 -11.28 -0.49
CA GLY B 563 -40.48 -9.95 0.07
C GLY B 563 -39.51 -9.09 -0.72
N ALA B 564 -39.80 -7.79 -0.80
CA ALA B 564 -38.91 -6.84 -1.45
C ALA B 564 -37.62 -6.72 -0.67
N CYS B 565 -36.57 -6.22 -1.32
CA CYS B 565 -35.29 -6.03 -0.63
C CYS B 565 -35.44 -4.98 0.46
N PRO B 566 -34.73 -5.18 1.58
CA PRO B 566 -34.82 -4.31 2.75
C PRO B 566 -34.71 -2.81 2.45
N TRP B 567 -33.85 -2.43 1.52
CA TRP B 567 -33.65 -1.02 1.22
C TRP B 567 -34.34 -0.61 -0.06
N PHE B 568 -35.46 -1.24 -0.37
CA PHE B 568 -36.21 -0.91 -1.57
C PHE B 568 -36.71 0.53 -1.54
N ASN B 569 -36.97 1.05 -0.34
CA ASN B 569 -37.47 2.41 -0.19
C ASN B 569 -36.51 3.49 -0.66
N GLU B 570 -35.27 3.12 -0.92
CA GLU B 570 -34.30 4.09 -1.39
C GLU B 570 -34.24 4.17 -2.91
N THR B 571 -35.12 3.42 -3.57
CA THR B 571 -35.15 3.39 -5.02
C THR B 571 -36.16 4.35 -5.60
N THR B 572 -35.97 4.72 -6.86
CA THR B 572 -36.96 5.50 -7.57
C THR B 572 -38.17 4.62 -7.86
N TYR B 573 -37.92 3.32 -8.03
CA TYR B 573 -38.98 2.35 -8.24
C TYR B 573 -40.03 2.38 -7.13
N ALA B 574 -39.58 2.62 -5.91
CA ALA B 574 -40.46 2.66 -4.76
C ALA B 574 -41.42 3.85 -4.82
N LYS B 575 -41.01 4.89 -5.53
CA LYS B 575 -41.83 6.07 -5.66
C LYS B 575 -42.60 6.08 -6.98
N GLY B 576 -42.70 4.91 -7.61
CA GLY B 576 -43.50 4.77 -8.81
C GLY B 576 -42.86 5.33 -10.06
N ILE B 577 -41.54 5.42 -10.05
CA ILE B 577 -40.79 5.91 -11.19
C ILE B 577 -40.17 4.75 -11.95
N LEU B 578 -40.28 4.79 -13.27
CA LEU B 578 -39.76 3.74 -14.14
C LEU B 578 -38.71 4.34 -15.07
N PRO B 579 -37.84 3.50 -15.66
CA PRO B 579 -36.82 3.99 -16.60
C PRO B 579 -37.43 4.74 -17.77
N ILE B 580 -38.63 4.36 -18.18
CA ILE B 580 -39.30 5.00 -19.30
C ILE B 580 -39.75 6.42 -18.98
N ASP B 581 -39.61 6.83 -17.74
CA ASP B 581 -40.00 8.17 -17.33
C ASP B 581 -38.83 9.14 -17.36
N THR B 582 -37.61 8.62 -17.19
CA THR B 582 -36.46 9.45 -16.90
C THR B 582 -35.33 9.39 -17.93
N TYR B 583 -35.59 8.77 -19.07
CA TYR B 583 -34.54 8.63 -20.08
C TYR B 583 -34.23 9.96 -20.75
N LYS B 584 -33.06 10.03 -21.40
CA LYS B 584 -32.64 11.21 -22.13
C LYS B 584 -33.55 11.47 -23.32
N LYS B 585 -34.23 12.61 -23.30
CA LYS B 585 -35.31 12.85 -24.24
C LYS B 585 -34.87 12.90 -25.70
N ASP B 586 -33.58 13.12 -25.93
CA ASP B 586 -33.05 13.20 -27.29
C ASP B 586 -33.24 11.89 -28.04
N LEU B 587 -33.42 10.81 -27.29
CA LEU B 587 -33.61 9.49 -27.87
C LEU B 587 -34.86 9.43 -28.73
N ASP B 588 -35.80 10.33 -28.47
CA ASP B 588 -37.03 10.38 -29.24
C ASP B 588 -36.76 10.72 -30.71
N THR B 589 -35.63 11.37 -30.96
CA THR B 589 -35.27 11.79 -32.32
C THR B 589 -34.66 10.65 -33.13
N ILE B 590 -34.17 9.61 -32.47
CA ILE B 590 -33.50 8.53 -33.18
C ILE B 590 -34.19 7.17 -33.07
N ALA B 591 -35.33 7.13 -32.38
CA ALA B 591 -36.10 5.90 -32.29
C ALA B 591 -37.57 6.23 -32.00
N ASN B 592 -38.47 5.65 -32.77
CA ASN B 592 -39.88 5.92 -32.58
C ASN B 592 -40.68 4.65 -32.34
N GLU B 593 -39.98 3.58 -32.02
CA GLU B 593 -40.61 2.30 -31.70
C GLU B 593 -41.48 2.44 -30.46
N PRO B 594 -42.74 2.03 -30.55
CA PRO B 594 -43.66 2.14 -29.42
C PRO B 594 -43.42 1.08 -28.37
N LEU B 595 -43.94 1.29 -27.17
CA LEU B 595 -43.86 0.30 -26.12
C LEU B 595 -44.88 -0.82 -26.35
N HIS B 596 -44.43 -2.06 -26.22
CA HIS B 596 -45.26 -3.21 -26.53
C HIS B 596 -45.83 -3.90 -25.29
N TYR B 597 -45.40 -3.47 -24.11
CA TYR B 597 -45.82 -4.09 -22.86
C TYR B 597 -46.54 -3.11 -21.93
N ASP B 598 -47.33 -3.65 -21.01
CA ASP B 598 -48.12 -2.84 -20.10
C ASP B 598 -47.28 -2.29 -18.94
N TRP B 599 -46.58 -1.18 -19.17
CA TRP B 599 -45.71 -0.61 -18.15
C TRP B 599 -46.46 0.01 -16.99
N GLU B 600 -47.68 0.48 -17.25
CA GLU B 600 -48.49 1.10 -16.21
C GLU B 600 -49.01 0.07 -15.21
N ALA B 601 -49.32 -1.12 -15.69
CA ALA B 601 -49.72 -2.20 -14.81
C ALA B 601 -48.55 -2.62 -13.94
N LEU B 602 -47.37 -2.68 -14.54
CA LEU B 602 -46.17 -3.02 -13.81
C LEU B 602 -45.86 -1.95 -12.77
N ARG B 603 -46.06 -0.69 -13.13
CA ARG B 603 -45.80 0.42 -12.22
C ARG B 603 -46.58 0.30 -10.91
N GLU B 604 -47.86 -0.02 -11.02
CA GLU B 604 -48.71 -0.13 -9.85
C GLU B 604 -48.38 -1.39 -9.06
N SER B 605 -47.94 -2.41 -9.76
CA SER B 605 -47.56 -3.65 -9.10
C SER B 605 -46.22 -3.50 -8.36
N ILE B 606 -45.36 -2.63 -8.87
CA ILE B 606 -44.10 -2.36 -8.20
C ILE B 606 -44.34 -1.45 -6.98
N LYS B 607 -45.25 -0.50 -7.10
CA LYS B 607 -45.62 0.33 -5.95
C LYS B 607 -46.16 -0.53 -4.82
N THR B 608 -47.00 -1.49 -5.16
CA THR B 608 -47.65 -2.33 -4.19
C THR B 608 -46.72 -3.36 -3.54
N HIS B 609 -46.01 -4.12 -4.37
CA HIS B 609 -45.24 -5.25 -3.86
C HIS B 609 -43.74 -5.04 -3.84
N GLY B 610 -43.27 -4.06 -4.59
CA GLY B 610 -41.86 -3.76 -4.62
C GLY B 610 -41.08 -4.67 -5.54
N LEU B 611 -39.76 -4.57 -5.46
CA LEU B 611 -38.85 -5.42 -6.21
C LEU B 611 -37.96 -6.17 -5.24
N ARG B 612 -37.62 -7.40 -5.59
CA ARG B 612 -36.67 -8.18 -4.82
C ARG B 612 -35.26 -7.60 -4.94
N ASN B 613 -35.01 -6.93 -6.06
CA ASN B 613 -33.69 -6.41 -6.39
C ASN B 613 -33.73 -4.95 -6.83
N SER B 614 -32.79 -4.15 -6.32
CA SER B 614 -32.78 -2.72 -6.65
C SER B 614 -32.37 -2.46 -8.09
N THR B 615 -31.49 -3.30 -8.60
CA THR B 615 -31.12 -3.26 -10.00
C THR B 615 -31.23 -4.65 -10.59
N LEU B 616 -31.40 -4.70 -11.90
CA LEU B 616 -31.53 -5.97 -12.60
C LEU B 616 -30.66 -6.04 -13.84
N SER B 617 -30.52 -4.93 -14.56
CA SER B 617 -29.82 -4.96 -15.83
C SER B 617 -28.51 -4.17 -15.84
N ALA B 618 -27.53 -4.70 -16.56
CA ALA B 618 -26.25 -4.04 -16.79
C ALA B 618 -25.54 -4.74 -17.94
N LEU B 619 -24.95 -4.00 -18.88
CA LEU B 619 -24.35 -4.63 -20.05
C LEU B 619 -22.83 -4.73 -19.94
N MET B 620 -22.37 -5.92 -19.57
CA MET B 620 -20.96 -6.17 -19.33
C MET B 620 -20.26 -6.70 -20.59
N PRO B 621 -18.91 -6.65 -20.61
CA PRO B 621 -18.15 -7.11 -21.79
C PRO B 621 -18.30 -8.58 -22.12
N SER B 622 -18.25 -9.44 -21.11
CA SER B 622 -18.51 -10.86 -21.31
C SER B 622 -17.70 -11.50 -22.44
N GLU B 623 -16.37 -11.49 -22.32
CA GLU B 623 -15.51 -12.08 -23.35
C GLU B 623 -15.30 -13.60 -23.22
N THR B 624 -15.15 -14.09 -21.99
CA THR B 624 -14.91 -15.52 -21.79
C THR B 624 -16.18 -16.36 -21.87
N SER B 625 -17.23 -15.89 -21.21
CA SER B 625 -18.50 -16.61 -21.18
C SER B 625 -19.14 -16.66 -22.56
N SER B 626 -18.87 -15.66 -23.39
CA SER B 626 -19.44 -15.62 -24.72
C SER B 626 -18.98 -16.80 -25.57
N GLN B 627 -17.74 -17.22 -25.34
CA GLN B 627 -17.13 -18.28 -26.13
C GLN B 627 -17.79 -19.63 -25.92
N ILE B 628 -18.36 -19.83 -24.74
CA ILE B 628 -19.05 -21.07 -24.42
C ILE B 628 -20.26 -21.28 -25.31
N SER B 629 -20.96 -20.19 -25.62
CA SER B 629 -22.14 -20.24 -26.48
C SER B 629 -21.78 -20.03 -27.94
N ASN B 630 -20.49 -19.85 -28.20
CA ASN B 630 -19.99 -19.41 -29.49
C ASN B 630 -20.67 -18.12 -29.92
N ALA B 631 -20.84 -17.22 -28.97
CA ALA B 631 -21.54 -15.98 -29.21
C ALA B 631 -20.58 -14.86 -29.56
N THR B 632 -21.07 -13.85 -30.25
CA THR B 632 -20.28 -12.64 -30.42
C THR B 632 -20.24 -11.96 -29.05
N ASN B 633 -19.14 -11.27 -28.76
CA ASN B 633 -18.91 -10.73 -27.42
C ASN B 633 -19.83 -9.56 -27.08
N GLY B 634 -20.72 -9.77 -26.12
CA GLY B 634 -21.61 -8.73 -25.62
C GLY B 634 -22.37 -7.99 -26.70
N ILE B 635 -22.25 -6.68 -26.70
CA ILE B 635 -22.89 -5.85 -27.71
C ILE B 635 -21.90 -5.45 -28.80
N GLU B 636 -20.64 -5.85 -28.66
CA GLU B 636 -19.59 -5.46 -29.61
C GLU B 636 -19.63 -6.20 -30.93
N PRO B 637 -19.36 -5.48 -32.02
CA PRO B 637 -19.24 -6.14 -33.33
C PRO B 637 -17.94 -6.91 -33.41
N PRO B 638 -17.96 -8.06 -34.08
CA PRO B 638 -16.73 -8.84 -34.20
C PRO B 638 -15.74 -8.19 -35.15
N ARG B 639 -14.47 -8.39 -34.87
CA ARG B 639 -13.38 -7.80 -35.65
C ARG B 639 -13.10 -8.62 -36.91
N GLY B 640 -13.49 -9.89 -36.91
CA GLY B 640 -13.31 -10.72 -38.08
C GLY B 640 -14.29 -11.87 -38.05
N TYR B 641 -14.47 -12.53 -39.19
CA TYR B 641 -15.35 -13.67 -39.30
C TYR B 641 -14.78 -14.85 -38.52
N VAL B 642 -13.46 -14.93 -38.49
CA VAL B 642 -12.77 -15.96 -37.73
C VAL B 642 -11.71 -15.33 -36.86
N SER B 643 -11.81 -15.52 -35.56
CA SER B 643 -10.81 -15.01 -34.64
C SER B 643 -9.72 -16.06 -34.43
N ILE B 644 -8.48 -15.60 -34.47
CA ILE B 644 -7.34 -16.47 -34.24
C ILE B 644 -6.65 -16.12 -32.92
N LYS B 645 -6.58 -17.06 -31.99
CA LYS B 645 -5.93 -16.83 -30.71
C LYS B 645 -4.89 -17.90 -30.41
N ALA B 646 -3.66 -17.46 -30.20
CA ALA B 646 -2.58 -18.38 -29.86
C ALA B 646 -2.67 -18.78 -28.40
N SER B 647 -2.32 -20.03 -28.11
CA SER B 647 -2.38 -20.53 -26.74
C SER B 647 -1.38 -21.65 -26.51
N LYS B 648 -1.37 -22.20 -25.30
CA LYS B 648 -0.49 -23.31 -24.96
C LYS B 648 -0.80 -24.55 -25.76
N ASP B 649 -2.08 -24.81 -26.00
CA ASP B 649 -2.51 -26.01 -26.72
C ASP B 649 -2.58 -25.78 -28.22
N GLY B 650 -2.02 -24.67 -28.68
CA GLY B 650 -1.97 -24.38 -30.11
C GLY B 650 -2.77 -23.16 -30.48
N ILE B 651 -3.10 -23.05 -31.76
CA ILE B 651 -3.88 -21.92 -32.24
C ILE B 651 -5.36 -22.25 -32.24
N LEU B 652 -6.16 -21.46 -31.54
CA LEU B 652 -7.58 -21.71 -31.42
C LEU B 652 -8.37 -20.79 -32.31
N ARG B 653 -9.07 -21.39 -33.28
CA ARG B 653 -9.91 -20.64 -34.22
C ARG B 653 -11.39 -20.69 -33.85
N GLN B 654 -12.06 -19.56 -33.94
CA GLN B 654 -13.48 -19.45 -33.60
C GLN B 654 -14.25 -18.66 -34.66
N VAL B 655 -15.31 -19.26 -35.22
CA VAL B 655 -16.10 -18.65 -36.28
C VAL B 655 -17.34 -17.97 -35.74
N VAL B 656 -17.68 -16.80 -36.28
CA VAL B 656 -18.91 -16.12 -35.92
C VAL B 656 -20.09 -17.04 -36.22
N PRO B 657 -21.13 -16.97 -35.38
CA PRO B 657 -22.25 -17.90 -35.52
C PRO B 657 -22.95 -17.79 -36.88
N ASP B 658 -23.17 -18.94 -37.49
CA ASP B 658 -23.84 -19.04 -38.78
C ASP B 658 -23.22 -18.15 -39.85
N TYR B 659 -21.90 -18.19 -39.98
CA TYR B 659 -21.18 -17.47 -41.02
C TYR B 659 -21.64 -17.89 -42.39
N GLU B 660 -21.98 -19.17 -42.49
CA GLU B 660 -22.39 -19.79 -43.73
C GLU B 660 -23.49 -18.99 -44.40
N HIS B 661 -24.44 -18.51 -43.62
CA HIS B 661 -25.60 -17.82 -44.19
C HIS B 661 -25.60 -16.32 -43.99
N LEU B 662 -24.69 -15.81 -43.16
CA LEU B 662 -24.77 -14.40 -42.76
C LEU B 662 -23.52 -13.58 -42.99
N HIS B 663 -22.60 -14.07 -43.81
CA HIS B 663 -21.33 -13.37 -44.02
C HIS B 663 -21.52 -11.94 -44.52
N ASP B 664 -22.48 -11.74 -45.42
CA ASP B 664 -22.74 -10.41 -45.95
C ASP B 664 -23.57 -9.57 -44.98
N ALA B 665 -24.30 -10.25 -44.10
CA ALA B 665 -25.17 -9.57 -43.16
C ALA B 665 -24.39 -8.97 -41.99
N TYR B 666 -23.24 -9.56 -41.69
CA TYR B 666 -22.44 -9.06 -40.59
C TYR B 666 -21.81 -7.72 -40.94
N GLU B 667 -21.57 -6.92 -39.92
CA GLU B 667 -20.82 -5.68 -40.09
C GLU B 667 -19.64 -5.69 -39.13
N LEU B 668 -18.46 -6.03 -39.63
CA LEU B 668 -17.26 -6.11 -38.82
C LEU B 668 -16.89 -4.75 -38.28
N LEU B 669 -16.08 -4.75 -37.23
CA LEU B 669 -15.75 -3.52 -36.51
C LEU B 669 -15.11 -2.43 -37.38
N TRP B 670 -14.17 -2.80 -38.22
CA TRP B 670 -13.43 -1.82 -39.01
C TRP B 670 -14.07 -1.55 -40.36
N GLU B 671 -15.23 -2.17 -40.59
CA GLU B 671 -16.04 -1.87 -41.76
C GLU B 671 -16.95 -0.70 -41.42
N MET B 672 -16.88 -0.26 -40.18
CA MET B 672 -17.73 0.81 -39.68
C MET B 672 -17.15 2.18 -40.00
N PRO B 673 -18.00 3.12 -40.43
CA PRO B 673 -17.63 4.49 -40.79
C PRO B 673 -17.12 5.31 -39.61
N GLY B 674 -17.75 5.14 -38.46
CA GLY B 674 -17.40 5.87 -37.26
C GLY B 674 -18.11 5.30 -36.04
N ASN B 675 -18.35 6.14 -35.05
CA ASN B 675 -18.91 5.68 -33.79
C ASN B 675 -20.39 6.05 -33.62
N ASP B 676 -20.90 6.89 -34.51
CA ASP B 676 -22.24 7.46 -34.37
C ASP B 676 -23.35 6.43 -34.24
N GLY B 677 -23.38 5.48 -35.16
CA GLY B 677 -24.41 4.45 -35.18
C GLY B 677 -24.43 3.62 -33.91
N TYR B 678 -23.25 3.21 -33.46
CA TYR B 678 -23.11 2.41 -32.26
C TYR B 678 -23.53 3.17 -31.00
N LEU B 679 -23.03 4.39 -30.85
CA LEU B 679 -23.35 5.21 -29.70
C LEU B 679 -24.85 5.48 -29.61
N GLN B 680 -25.51 5.58 -30.75
CA GLN B 680 -26.95 5.74 -30.78
C GLN B 680 -27.60 4.48 -30.24
N LEU B 681 -27.11 3.33 -30.65
CA LEU B 681 -27.64 2.07 -30.17
C LEU B 681 -27.45 1.90 -28.66
N VAL B 682 -26.28 2.28 -28.15
CA VAL B 682 -25.99 2.21 -26.72
C VAL B 682 -26.94 3.12 -25.93
N GLY B 683 -27.16 4.32 -26.45
CA GLY B 683 -28.09 5.27 -25.84
C GLY B 683 -29.50 4.74 -25.73
N ILE B 684 -29.96 4.09 -26.80
CA ILE B 684 -31.28 3.48 -26.84
C ILE B 684 -31.38 2.33 -25.85
N MET B 685 -30.32 1.55 -25.76
CA MET B 685 -30.22 0.51 -24.74
C MET B 685 -30.35 1.09 -23.34
N GLN B 686 -29.63 2.19 -23.10
CA GLN B 686 -29.53 2.80 -21.79
C GLN B 686 -30.86 3.34 -21.28
N LYS B 687 -31.81 3.55 -22.19
CA LYS B 687 -33.16 3.96 -21.82
C LYS B 687 -33.78 2.97 -20.85
N PHE B 688 -33.45 1.68 -21.04
CA PHE B 688 -34.07 0.64 -20.25
C PHE B 688 -33.13 0.01 -19.22
N ILE B 689 -31.83 0.15 -19.42
CA ILE B 689 -30.84 -0.46 -18.54
C ILE B 689 -30.77 0.24 -17.18
N ASP B 690 -30.86 -0.54 -16.10
CA ASP B 690 -30.79 -0.03 -14.73
C ASP B 690 -29.47 0.67 -14.42
N GLN B 691 -28.38 -0.02 -14.70
CA GLN B 691 -27.07 0.50 -14.42
C GLN B 691 -26.47 1.11 -15.68
N SER B 692 -25.30 0.65 -16.08
CA SER B 692 -24.67 1.22 -17.25
C SER B 692 -24.24 0.18 -18.28
N ILE B 693 -23.43 0.62 -19.23
CA ILE B 693 -23.01 -0.20 -20.36
C ILE B 693 -21.53 0.02 -20.63
N SER B 694 -20.79 -1.06 -20.86
CA SER B 694 -19.38 -0.99 -21.21
C SER B 694 -19.20 -0.60 -22.67
N ALA B 695 -19.47 0.66 -22.98
CA ALA B 695 -19.40 1.12 -24.35
C ALA B 695 -17.98 1.44 -24.78
N ASN B 696 -17.57 0.88 -25.91
CA ASN B 696 -16.25 1.19 -26.48
C ASN B 696 -16.35 2.24 -27.57
N THR B 697 -15.31 3.04 -27.76
CA THR B 697 -15.16 3.87 -28.95
C THR B 697 -14.05 3.27 -29.79
N ASN B 698 -14.18 3.36 -31.10
CA ASN B 698 -13.20 2.77 -32.00
C ASN B 698 -12.76 3.75 -33.07
N TYR B 699 -11.49 3.74 -33.41
CA TYR B 699 -10.96 4.63 -34.43
C TYR B 699 -9.94 3.92 -35.29
N ASP B 700 -10.06 4.11 -36.60
CA ASP B 700 -9.08 3.61 -37.56
C ASP B 700 -8.35 4.81 -38.16
N PRO B 701 -7.07 4.96 -37.81
CA PRO B 701 -6.24 6.08 -38.29
C PRO B 701 -6.15 6.13 -39.82
N SER B 702 -6.32 4.98 -40.47
CA SER B 702 -6.30 4.90 -41.92
C SER B 702 -7.45 5.67 -42.56
N ARG B 703 -8.54 5.81 -41.83
CA ARG B 703 -9.72 6.49 -42.35
C ARG B 703 -9.58 8.00 -42.23
N PHE B 704 -8.46 8.46 -41.68
CA PHE B 704 -8.28 9.87 -41.49
C PHE B 704 -7.07 10.38 -42.25
N PRO B 705 -7.17 11.61 -42.77
CA PRO B 705 -6.04 12.26 -43.43
C PRO B 705 -4.87 12.43 -42.47
N SER B 706 -3.65 12.31 -42.99
CA SER B 706 -2.42 12.38 -42.20
C SER B 706 -2.27 11.20 -41.24
N GLY B 707 -3.19 10.23 -41.34
CA GLY B 707 -3.13 9.03 -40.54
C GLY B 707 -3.26 9.27 -39.04
N LYS B 708 -3.97 10.34 -38.67
CA LYS B 708 -4.13 10.72 -37.28
C LYS B 708 -5.57 11.09 -36.96
N VAL B 709 -6.11 10.55 -35.87
CA VAL B 709 -7.46 10.89 -35.46
C VAL B 709 -7.45 12.26 -34.79
N PRO B 710 -8.14 13.23 -35.41
CA PRO B 710 -8.15 14.61 -34.92
C PRO B 710 -8.90 14.73 -33.59
N MET B 711 -8.51 15.71 -32.79
CA MET B 711 -9.14 15.92 -31.50
C MET B 711 -10.60 16.34 -31.66
N GLN B 712 -10.91 17.04 -32.74
CA GLN B 712 -12.28 17.50 -32.96
C GLN B 712 -13.23 16.32 -33.07
N GLN B 713 -12.74 15.22 -33.65
CA GLN B 713 -13.53 14.02 -33.83
C GLN B 713 -13.73 13.30 -32.51
N LEU B 714 -12.69 13.26 -31.70
CA LEU B 714 -12.77 12.65 -30.38
C LEU B 714 -13.80 13.36 -29.51
N LEU B 715 -13.76 14.69 -29.54
CA LEU B 715 -14.71 15.50 -28.79
C LEU B 715 -16.10 15.39 -29.37
N LYS B 716 -16.17 15.28 -30.69
CA LYS B 716 -17.45 15.14 -31.37
C LYS B 716 -18.18 13.91 -30.87
N ASP B 717 -17.49 12.77 -30.85
CA ASP B 717 -18.09 11.53 -30.41
C ASP B 717 -18.41 11.55 -28.92
N LEU B 718 -17.53 12.18 -28.15
CA LEU B 718 -17.75 12.33 -26.71
C LEU B 718 -19.07 13.04 -26.43
N LEU B 719 -19.30 14.14 -27.12
CA LEU B 719 -20.52 14.91 -26.97
C LEU B 719 -21.74 14.18 -27.54
N THR B 720 -21.53 13.41 -28.60
CA THR B 720 -22.61 12.60 -29.15
C THR B 720 -23.10 11.58 -28.12
N ALA B 721 -22.15 10.95 -27.44
CA ALA B 721 -22.50 10.00 -26.39
C ALA B 721 -23.27 10.68 -25.28
N TYR B 722 -22.81 11.85 -24.85
CA TYR B 722 -23.50 12.56 -23.79
C TYR B 722 -24.90 12.97 -24.20
N LYS B 723 -25.04 13.38 -25.46
CA LYS B 723 -26.31 13.84 -26.00
C LYS B 723 -27.41 12.80 -25.86
N PHE B 724 -27.04 11.54 -26.09
CA PHE B 724 -28.02 10.47 -26.08
C PHE B 724 -28.05 9.72 -24.76
N GLY B 725 -27.51 10.33 -23.72
CA GLY B 725 -27.68 9.81 -22.38
C GLY B 725 -26.76 8.67 -21.99
N VAL B 726 -25.73 8.44 -22.78
CA VAL B 726 -24.75 7.40 -22.48
C VAL B 726 -24.06 7.72 -21.15
N LYS B 727 -24.08 6.77 -20.22
CA LYS B 727 -23.57 7.01 -18.87
C LYS B 727 -22.05 6.86 -18.76
N THR B 728 -21.49 5.86 -19.42
CA THR B 728 -20.06 5.65 -19.32
C THR B 728 -19.42 5.35 -20.65
N LEU B 729 -18.13 5.63 -20.75
CA LEU B 729 -17.33 5.23 -21.90
C LEU B 729 -16.16 4.39 -21.42
N TYR B 730 -16.08 3.18 -21.95
CA TYR B 730 -15.05 2.24 -21.58
C TYR B 730 -13.84 2.40 -22.50
N TYR B 731 -13.34 1.30 -23.05
CA TYR B 731 -12.19 1.29 -23.94
C TYR B 731 -12.29 2.25 -25.12
N GLN B 732 -11.15 2.82 -25.51
CA GLN B 732 -11.02 3.30 -26.87
C GLN B 732 -10.08 2.36 -27.62
N ASN B 733 -10.61 1.67 -28.62
CA ASN B 733 -9.80 0.80 -29.46
C ASN B 733 -9.29 1.55 -30.68
N THR B 734 -7.97 1.56 -30.85
CA THR B 734 -7.37 2.17 -32.02
C THR B 734 -6.72 1.10 -32.88
N ARG B 735 -7.20 0.98 -34.12
CA ARG B 735 -6.71 -0.06 -35.03
C ARG B 735 -5.23 0.06 -35.34
N ASP B 736 -4.55 -1.08 -35.41
CA ASP B 736 -3.12 -1.13 -35.67
C ASP B 736 -2.81 -0.98 -37.15
PG ATP C . 14.34 49.57 17.71
O1G ATP C . 15.54 49.38 18.52
O2G ATP C . 13.82 50.99 17.78
O3G ATP C . 13.23 48.59 18.01
PB ATP C . 16.02 49.33 15.37
O1B ATP C . 15.81 49.98 14.06
O2B ATP C . 17.07 50.07 16.17
O3B ATP C . 14.65 49.30 16.18
PA ATP C . 17.37 46.87 16.08
O1A ATP C . 16.82 45.50 16.09
O2A ATP C . 17.43 47.45 17.48
O3A ATP C . 16.45 47.81 15.19
O5' ATP C . 18.84 46.95 15.48
C5' ATP C . 19.28 46.03 14.46
C4' ATP C . 20.67 46.42 14.03
O4' ATP C . 20.64 47.72 13.42
C3' ATP C . 21.69 46.50 15.17
O3' ATP C . 22.92 45.92 14.76
C2' ATP C . 21.83 48.01 15.40
O2' ATP C . 23.11 48.36 15.92
C1' ATP C . 21.66 48.52 13.97
N9 ATP C . 21.27 49.92 13.88
C8 ATP C . 20.18 50.51 14.47
N7 ATP C . 20.09 51.80 14.26
C5 ATP C . 21.18 52.08 13.47
C6 ATP C . 21.67 53.29 12.90
N6 ATP C . 21.06 54.46 13.04
N1 ATP C . 22.81 53.22 12.18
C2 ATP C . 23.41 52.04 12.02
N3 ATP C . 23.04 50.85 12.49
C4 ATP C . 21.92 50.93 13.22
MG MG D . 17.57 49.45 18.11
PG ATP E . 18.76 52.48 19.01
O1G ATP E . 18.75 53.61 18.05
O2G ATP E . 17.70 51.43 18.70
O3G ATP E . 18.60 52.91 20.45
PB ATP E . 20.57 50.26 18.54
O1B ATP E . 19.57 49.72 17.62
O2B ATP E . 21.96 50.23 17.92
O3B ATP E . 20.19 51.76 18.93
PA ATP E . 19.41 48.55 20.59
O1A ATP E . 18.09 48.92 20.03
O2A ATP E . 19.44 48.91 22.06
O3A ATP E . 20.57 49.39 19.89
O5' ATP E . 19.76 47.00 20.40
C5' ATP E . 20.34 46.52 19.16
C4' ATP E . 20.54 45.02 19.17
O4' ATP E . 21.37 44.64 20.29
C3' ATP E . 19.28 44.18 19.28
O3' ATP E . 19.43 42.96 18.56
C2' ATP E . 19.17 43.92 20.79
O2' ATP E . 18.50 42.69 21.04
C1' ATP E . 20.65 43.83 21.19
N9 ATP E . 20.93 44.29 22.55
C8 ATP E . 20.38 45.39 23.16
N7 ATP E . 20.84 45.60 24.38
C5 ATP E . 21.76 44.56 24.57
C6 ATP E . 22.59 44.23 25.65
N6 ATP E . 22.64 44.91 26.79
N1 ATP E . 23.39 43.15 25.50
C2 ATP E . 23.34 42.46 24.36
N3 ATP E . 22.58 42.68 23.28
C4 ATP E . 21.81 43.76 23.45
PG ATP F . -3.07 -20.63 5.61
O1G ATP F . -2.40 -19.70 6.51
O2G ATP F . -2.24 -21.00 4.41
O3G ATP F . -3.55 -21.85 6.33
PB ATP F . -5.16 -18.67 5.46
O1B ATP F . -5.06 -18.55 6.93
O2B ATP F . -6.61 -18.79 5.05
O3B ATP F . -4.37 -19.97 4.98
PA ATP F . -3.55 -16.27 5.36
O1A ATP F . -3.67 -16.29 6.83
O2A ATP F . -4.06 -14.94 4.87
O3A ATP F . -4.46 -17.43 4.74
O5' ATP F . -2.04 -16.44 4.93
C5' ATP F . -1.69 -16.93 3.62
C4' ATP F . -0.36 -16.35 3.19
O4' ATP F . -0.36 -16.23 1.76
C3' ATP F . -0.06 -14.94 3.68
O3' ATP F . 1.31 -14.65 3.50
C2' ATP F . -0.85 -14.09 2.70
O2' ATP F . -0.17 -12.87 2.50
C1' ATP F . -0.74 -14.91 1.41
N9 ATP F . -1.98 -14.99 0.64
C8 ATP F . -3.24 -15.28 1.10
N7 ATP F . -4.15 -15.32 0.17
C5 ATP F . -3.46 -15.04 -1.00
C6 ATP F . -3.86 -14.95 -2.34
N6 ATP F . -5.10 -15.18 -2.76
N1 ATP F . -2.92 -14.66 -3.26
C2 ATP F . -1.65 -14.47 -2.85
N3 ATP F . -1.16 -14.52 -1.61
C4 ATP F . -2.12 -14.81 -0.72
MG MG G . -3.13 -18.12 7.62
C1 GOL H . 32.10 19.48 13.58
O1 GOL H . 32.52 18.66 12.51
C2 GOL H . 31.22 18.70 14.56
O2 GOL H . 31.30 17.32 14.28
C3 GOL H . 31.67 18.92 16.00
O3 GOL H . 31.43 20.24 16.45
O1 MES I . 37.90 30.52 24.05
C2 MES I . 37.16 29.33 23.78
C3 MES I . 35.74 29.66 23.34
N4 MES I . 35.17 30.62 24.28
C5 MES I . 35.93 31.81 24.63
C6 MES I . 37.31 31.32 25.06
C7 MES I . 33.71 30.75 24.27
C8 MES I . 33.26 30.76 25.72
S MES I . 31.61 30.53 25.78
O1S MES I . 31.28 29.12 25.48
O2S MES I . 30.97 31.41 24.78
O3S MES I . 31.10 30.88 27.13
PG ATP J . -9.89 -48.31 -23.85
O1G ATP J . -11.01 -48.17 -24.78
O2G ATP J . -9.42 -49.75 -23.74
O3G ATP J . -10.18 -47.76 -22.48
PB ATP J . -8.02 -47.17 -25.77
O1B ATP J . -6.59 -47.56 -25.80
O2B ATP J . -8.86 -47.92 -26.81
O3B ATP J . -8.63 -47.47 -24.33
PA ATP J . -9.43 -44.78 -26.48
O1A ATP J . -9.63 -43.70 -25.50
O2A ATP J . -10.63 -45.73 -26.50
O3A ATP J . -8.16 -45.63 -26.05
O5' ATP J . -9.21 -44.30 -27.98
C5' ATP J . -8.39 -43.16 -28.32
C4' ATP J . -8.24 -43.09 -29.82
O4' ATP J . -7.41 -44.18 -30.28
C3' ATP J . -9.55 -43.20 -30.61
O3' ATP J . -9.55 -42.27 -31.68
C2' ATP J . -9.53 -44.64 -31.12
O2' ATP J . -10.27 -44.81 -32.32
C1' ATP J . -8.04 -44.82 -31.36
N9 ATP J . -7.59 -46.20 -31.43
C8 ATP J . -7.82 -47.20 -30.53
N7 ATP J . -7.31 -48.36 -30.86
C5 ATP J . -6.70 -48.11 -32.07
C6 ATP J . -5.99 -48.94 -32.97
N6 ATP J . -5.77 -50.24 -32.77
N1 ATP J . -5.51 -48.38 -34.10
C2 ATP J . -5.73 -47.08 -34.32
N3 ATP J . -6.39 -46.20 -33.55
C4 ATP J . -6.85 -46.79 -32.44
MG MG K . -10.96 -47.81 -26.80
PG ATP L . -11.32 -50.59 -28.69
O1G ATP L . -10.31 -51.53 -29.23
O2G ATP L . -10.79 -49.77 -27.52
O3G ATP L . -12.61 -51.29 -28.26
PB ATP L . -11.79 -47.95 -29.81
O1B ATP L . -10.81 -47.42 -28.83
O2B ATP L . -11.49 -47.42 -31.20
O3B ATP L . -11.74 -49.54 -29.81
PA ATP L . -13.87 -46.88 -28.08
O1A ATP L . -12.93 -47.10 -26.96
O2A ATP L . -15.17 -47.62 -27.81
O3A ATP L . -13.26 -47.47 -29.43
O5' ATP L . -14.19 -45.33 -28.35
C5' ATP L . -13.22 -44.44 -28.93
C4' ATP L . -13.48 -43.01 -28.54
O4' ATP L . -14.82 -42.63 -28.93
C3' ATP L . -13.38 -42.69 -27.05
O3' ATP L . -12.92 -41.37 -26.84
C2' ATP L . -14.83 -42.88 -26.57
O2' ATP L . -15.10 -42.07 -25.43
C1' ATP L . -15.63 -42.40 -27.79
N9 ATP L . -16.89 -43.11 -27.98
C8 ATP L . -17.17 -44.41 -27.63
N7 ATP L . -18.38 -44.79 -27.95
C5 ATP L . -18.94 -43.68 -28.55
C6 ATP L . -20.21 -43.43 -29.12
N6 ATP L . -21.19 -44.34 -29.15
N1 ATP L . -20.45 -42.20 -29.63
C2 ATP L . -19.47 -41.29 -29.58
N3 ATP L . -18.24 -41.40 -29.08
C4 ATP L . -18.04 -42.63 -28.58
PG ATP M . -9.03 17.03 9.27
O1G ATP M . -9.84 16.11 8.42
O2G ATP M . -8.28 18.07 8.45
O3G ATP M . -9.86 17.70 10.35
PB ATP M . -7.99 14.78 10.70
O1B ATP M . -9.41 14.35 10.72
O2B ATP M . -7.38 14.77 12.08
O3B ATP M . -7.91 16.23 10.07
PA ATP M . -7.63 12.91 8.55
O1A ATP M . -9.10 13.04 8.40
O2A ATP M . -7.24 11.48 8.82
O3A ATP M . -7.15 13.79 9.78
O5' ATP M . -6.80 13.45 7.31
C5' ATP M . -7.34 14.36 6.35
C4' ATP M . -6.60 14.20 5.04
O4' ATP M . -5.21 14.51 5.23
C3' ATP M . -6.63 12.81 4.43
O3' ATP M . -6.61 12.89 3.01
C2' ATP M . -5.35 12.18 4.96
O2' ATP M . -4.87 11.18 4.05
C1' ATP M . -4.40 13.38 4.99
N9 ATP M . -3.39 13.32 6.03
C8 ATP M . -3.60 13.15 7.37
N7 ATP M . -2.51 13.23 8.10
C5 ATP M . -1.51 13.46 7.17
C6 ATP M . -0.13 13.69 7.30
N6 ATP M . 0.51 13.73 8.47
N1 ATP M . 0.58 13.91 6.17
C2 ATP M . -0.06 13.90 5.00
N3 ATP M . -1.36 13.71 4.75
C4 ATP M . -2.03 13.51 5.89
MG MG N . -10.67 14.28 9.02
C1 GOL O . -55.17 -2.43 -14.97
O1 GOL O . -56.58 -2.38 -15.01
C2 GOL O . -54.64 -1.71 -16.20
O2 GOL O . -54.32 -2.67 -17.18
C3 GOL O . -53.39 -0.92 -15.87
O3 GOL O . -52.81 -0.48 -17.08
O1 MES P . -24.63 -27.11 -40.03
C2 MES P . -24.58 -25.97 -39.16
C3 MES P . -23.84 -26.30 -37.87
N4 MES P . -24.39 -27.53 -37.31
C5 MES P . -24.54 -28.70 -38.18
C6 MES P . -25.29 -28.22 -39.42
C7 MES P . -24.10 -27.81 -35.92
C8 MES P . -25.46 -27.83 -35.21
S MES P . -25.22 -28.26 -33.62
O1S MES P . -23.78 -28.37 -33.34
O2S MES P . -25.88 -29.56 -33.36
O3S MES P . -25.83 -27.23 -32.74
#